data_9R3I
#
_entry.id   9R3I
#
_cell.length_a   190.121
_cell.length_b   113.026
_cell.length_c   140.304
_cell.angle_alpha   90
_cell.angle_beta   132.05
_cell.angle_gamma   90
#
_symmetry.space_group_name_H-M   'C 1 2 1'
#
loop_
_entity.id
_entity.type
_entity.pdbx_description
1 polymer 'Isoform L-type of Pyruvate kinase PKLR'
2 non-polymer 1,6-di-O-phosphono-beta-D-fructofuranose
3 non-polymer 4-[4-[[7-(dimethylamino)-2,1,3-benzoxadiazol-4-yl]sulfonyl]piperazin-1-yl]sulfonyl-5-pyridin-3-yl-benzene-1,2-diol
4 water water
#
_entity_poly.entity_id   1
_entity_poly.type   'polypeptide(L)'
_entity_poly.pdbx_seq_one_letter_code
;GSMEGPAGYLRRADVAQLTQELGTAFFQQQQLPAAMADTFLEHLCLLDIDSEPVAARSTSIIATIGPASRSVERLKEMIK
AGMNIARLNFSHGSHEYHAESIANVREAVESFAGSPLSYRPVAIALDTKGPGSGPGLSEQDVRDLRFGVEHGVDIVFASF
VRKASDVAAVRAALGPEGHGIKIISKIENHEGVKRFDEILEVSDGIMVARGDLGIEIPAEKVFLAQKMMIGRCNLAGKPV
VCATQMLESMITKPRPTRAETSDVANAVLDGADCIMLSGETAKGNFPVEAVKMQHAIAREAEAAVYHRQLFEELRRAAPL
SRDPTEVTAIGAVEAAFKCCAAAIIVLTTTGRSAQLLSRYRPRAAVIAVTRSAQAARQVHLCRGVFPLLYREPPEAIWAD
DVDRRVQFGIESGKLRGFLRVGDLVIVVTGWRPGSGYTNIMRVLSIS
;
_entity_poly.pdbx_strand_id   A,B,C,D
#
loop_
_chem_comp.id
_chem_comp.type
_chem_comp.name
_chem_comp.formula
A1JB2 non-polymer 4-[4-[[7-(dimethylamino)-2,1,3-benzoxadiazol-4-yl]sulfonyl]piperazin-1-yl]sulfonyl-5-pyridin-3-yl-benzene-1,2-diol 'C23 H24 N6 O7 S2'
FBP D-saccharide, beta linking 1,6-di-O-phosphono-beta-D-fructofuranose 'C6 H14 O12 P2'
#
# COMPACT_ATOMS: atom_id res chain seq x y z
N GLN A 28 20.28 -5.95 -15.89
CA GLN A 28 19.77 -7.28 -16.16
C GLN A 28 18.76 -7.32 -17.35
N GLN A 29 18.29 -8.52 -17.72
CA GLN A 29 17.37 -8.83 -18.81
C GLN A 29 15.91 -9.03 -18.30
N GLN A 30 14.95 -9.21 -19.24
CA GLN A 30 13.50 -9.41 -19.06
C GLN A 30 12.86 -8.46 -18.05
N GLN A 31 13.19 -7.15 -18.17
CA GLN A 31 12.69 -6.05 -17.35
C GLN A 31 12.78 -6.31 -15.85
N LEU A 32 13.82 -7.04 -15.41
CA LEU A 32 14.00 -7.31 -13.99
C LEU A 32 14.27 -6.04 -13.18
N PRO A 33 15.08 -5.06 -13.64
CA PRO A 33 15.23 -3.81 -12.87
C PRO A 33 13.92 -3.05 -12.73
N ALA A 34 13.06 -3.08 -13.77
CA ALA A 34 11.74 -2.44 -13.75
C ALA A 34 10.76 -3.17 -12.81
N ALA A 35 10.91 -4.50 -12.67
CA ALA A 35 10.07 -5.34 -11.80
C ALA A 35 10.41 -5.18 -10.32
N MET A 36 11.68 -4.82 -10.02
CA MET A 36 12.20 -4.62 -8.66
C MET A 36 11.69 -3.35 -7.99
N ALA A 37 11.19 -2.38 -8.79
CA ALA A 37 10.70 -1.08 -8.32
C ALA A 37 9.61 -1.15 -7.25
N ASP A 38 9.67 -0.22 -6.31
CA ASP A 38 8.75 -0.16 -5.19
C ASP A 38 7.39 0.41 -5.57
N THR A 39 7.34 1.28 -6.60
CA THR A 39 6.09 1.85 -7.08
C THR A 39 5.88 1.57 -8.57
N PHE A 40 4.63 1.59 -9.01
CA PHE A 40 4.30 1.37 -10.42
C PHE A 40 4.85 2.50 -11.30
N LEU A 41 4.94 3.73 -10.77
CA LEU A 41 5.50 4.85 -11.51
C LEU A 41 7.00 4.59 -11.71
N GLU A 42 7.69 4.14 -10.64
CA GLU A 42 9.12 3.75 -10.66
C GLU A 42 9.32 2.66 -11.71
N HIS A 43 8.39 1.68 -11.75
CA HIS A 43 8.37 0.55 -12.67
C HIS A 43 8.31 1.06 -14.09
N LEU A 44 7.39 1.99 -14.36
CA LEU A 44 7.23 2.60 -15.69
C LEU A 44 8.47 3.35 -16.12
N CYS A 45 9.10 4.05 -15.18
CA CYS A 45 10.33 4.78 -15.45
C CYS A 45 11.53 3.87 -15.69
N LEU A 46 11.52 2.65 -15.13
CA LEU A 46 12.60 1.69 -15.27
C LEU A 46 12.49 0.76 -16.48
N LEU A 47 11.44 0.89 -17.29
CA LEU A 47 11.28 0.04 -18.49
C LEU A 47 12.39 0.34 -19.49
N ASP A 48 13.07 -0.73 -19.96
CA ASP A 48 14.22 -0.63 -20.85
C ASP A 48 14.00 -1.34 -22.19
N ILE A 49 14.16 -0.62 -23.29
CA ILE A 49 14.04 -1.20 -24.63
C ILE A 49 15.18 -2.19 -24.93
N ASP A 50 16.35 -2.00 -24.30
CA ASP A 50 17.50 -2.87 -24.46
C ASP A 50 17.46 -4.12 -23.55
N SER A 51 16.52 -4.19 -22.59
CA SER A 51 16.37 -5.34 -21.72
C SER A 51 15.57 -6.38 -22.49
N GLU A 52 16.27 -7.32 -23.12
CA GLU A 52 15.62 -8.35 -23.92
C GLU A 52 14.87 -9.35 -23.09
N PRO A 53 13.67 -9.75 -23.55
CA PRO A 53 12.90 -10.75 -22.79
C PRO A 53 13.48 -12.15 -22.96
N VAL A 54 13.58 -12.92 -21.86
CA VAL A 54 14.15 -14.26 -21.93
C VAL A 54 13.13 -15.36 -21.68
N ALA A 55 12.07 -15.05 -20.90
CA ALA A 55 11.03 -16.02 -20.57
C ALA A 55 10.23 -16.48 -21.78
N ALA A 56 9.62 -17.68 -21.70
CA ALA A 56 8.82 -18.19 -22.80
C ALA A 56 7.49 -17.42 -22.88
N ARG A 57 6.94 -17.29 -24.10
CA ARG A 57 5.71 -16.54 -24.33
C ARG A 57 4.49 -17.22 -23.74
N SER A 58 3.91 -16.59 -22.71
CA SER A 58 2.76 -17.05 -21.93
C SER A 58 1.38 -16.95 -22.62
N THR A 59 0.97 -15.73 -23.01
CA THR A 59 -0.33 -15.44 -23.64
C THR A 59 -0.50 -16.26 -24.91
N SER A 60 -1.41 -17.25 -24.89
CA SER A 60 -1.63 -18.08 -26.04
C SER A 60 -2.22 -17.36 -27.23
N ILE A 61 -1.84 -17.77 -28.43
CA ILE A 61 -2.29 -17.18 -29.68
C ILE A 61 -3.34 -18.06 -30.35
N ILE A 62 -4.52 -17.48 -30.67
CA ILE A 62 -5.59 -18.20 -31.38
C ILE A 62 -5.61 -17.73 -32.82
N ALA A 63 -5.37 -18.62 -33.78
CA ALA A 63 -5.35 -18.23 -35.19
C ALA A 63 -6.59 -18.75 -35.90
N THR A 64 -7.33 -17.86 -36.56
CA THR A 64 -8.52 -18.26 -37.32
C THR A 64 -8.07 -18.90 -38.61
N ILE A 65 -8.47 -20.15 -38.83
CA ILE A 65 -8.09 -20.92 -40.01
C ILE A 65 -9.03 -20.67 -41.15
N GLY A 66 -8.48 -20.16 -42.24
CA GLY A 66 -9.20 -19.88 -43.48
C GLY A 66 -8.38 -20.28 -44.69
N PRO A 67 -8.76 -19.82 -45.89
CA PRO A 67 -7.99 -20.19 -47.10
C PRO A 67 -6.48 -19.93 -47.05
N ALA A 68 -6.07 -18.81 -46.43
CA ALA A 68 -4.65 -18.45 -46.31
C ALA A 68 -3.87 -19.34 -45.34
N SER A 69 -4.57 -20.01 -44.43
CA SER A 69 -3.94 -20.83 -43.41
C SER A 69 -4.42 -22.28 -43.38
N ARG A 70 -4.97 -22.83 -44.46
CA ARG A 70 -5.46 -24.21 -44.45
C ARG A 70 -4.44 -25.28 -44.95
N SER A 71 -3.36 -24.87 -45.67
CA SER A 71 -2.41 -25.87 -46.19
C SER A 71 -1.62 -26.50 -45.08
N VAL A 72 -1.30 -27.78 -45.23
CA VAL A 72 -0.58 -28.51 -44.19
C VAL A 72 0.85 -27.95 -44.02
N GLU A 73 1.53 -27.56 -45.11
CA GLU A 73 2.85 -26.92 -44.96
C GLU A 73 2.73 -25.61 -44.18
N ARG A 74 1.76 -24.76 -44.56
CA ARG A 74 1.66 -23.47 -43.91
C ARG A 74 1.24 -23.60 -42.46
N LEU A 75 0.36 -24.56 -42.15
CA LEU A 75 -0.10 -24.82 -40.78
C LEU A 75 1.06 -25.21 -39.91
N LYS A 76 1.97 -26.07 -40.43
CA LYS A 76 3.17 -26.48 -39.73
C LYS A 76 4.04 -25.26 -39.41
N GLU A 77 4.15 -24.32 -40.36
CA GLU A 77 4.92 -23.10 -40.14
C GLU A 77 4.34 -22.28 -39.01
N MET A 78 2.99 -22.16 -38.95
CA MET A 78 2.28 -21.40 -37.91
C MET A 78 2.43 -22.02 -36.55
N ILE A 79 2.54 -23.34 -36.46
CA ILE A 79 2.77 -24.04 -35.22
C ILE A 79 4.18 -23.72 -34.74
N LYS A 80 5.16 -23.81 -35.63
CA LYS A 80 6.53 -23.45 -35.33
C LYS A 80 6.63 -21.96 -34.94
N ALA A 81 5.73 -21.11 -35.47
CA ALA A 81 5.65 -19.67 -35.17
C ALA A 81 4.97 -19.35 -33.82
N GLY A 82 4.34 -20.35 -33.21
CA GLY A 82 3.69 -20.19 -31.93
C GLY A 82 2.18 -20.13 -31.89
N MET A 83 1.49 -20.79 -32.82
CA MET A 83 0.02 -20.81 -32.79
C MET A 83 -0.35 -21.86 -31.75
N ASN A 84 -1.22 -21.49 -30.80
CA ASN A 84 -1.60 -22.44 -29.76
C ASN A 84 -2.97 -23.02 -29.98
N ILE A 85 -3.89 -22.21 -30.48
CA ILE A 85 -5.24 -22.66 -30.73
C ILE A 85 -5.64 -22.34 -32.17
N ALA A 86 -6.42 -23.22 -32.80
CA ALA A 86 -6.87 -23.00 -34.16
C ALA A 86 -8.37 -22.76 -34.13
N ARG A 87 -8.80 -21.57 -34.56
CA ARG A 87 -10.21 -21.19 -34.59
C ARG A 87 -10.88 -21.53 -35.92
N LEU A 88 -12.07 -22.16 -35.86
CA LEU A 88 -12.86 -22.53 -37.04
C LEU A 88 -14.12 -21.65 -37.00
N ASN A 89 -14.18 -20.56 -37.80
CA ASN A 89 -15.35 -19.68 -37.77
C ASN A 89 -16.51 -20.32 -38.51
N PHE A 90 -17.55 -20.74 -37.77
CA PHE A 90 -18.71 -21.37 -38.38
C PHE A 90 -19.71 -20.39 -39.00
N SER A 91 -19.38 -19.09 -39.03
CA SER A 91 -20.19 -18.08 -39.72
C SER A 91 -19.99 -18.21 -41.25
N HIS A 92 -18.80 -18.66 -41.68
CA HIS A 92 -18.42 -18.94 -43.07
C HIS A 92 -17.95 -20.38 -43.12
N GLY A 93 -18.41 -21.11 -44.13
CA GLY A 93 -17.97 -22.48 -44.33
C GLY A 93 -19.01 -23.54 -44.07
N SER A 94 -18.93 -24.60 -44.89
CA SER A 94 -19.78 -25.78 -44.80
C SER A 94 -19.18 -26.80 -43.82
N HIS A 95 -19.98 -27.80 -43.40
CA HIS A 95 -19.48 -28.86 -42.53
C HIS A 95 -18.37 -29.65 -43.19
N GLU A 96 -18.39 -29.78 -44.52
CA GLU A 96 -17.34 -30.47 -45.26
C GLU A 96 -16.03 -29.65 -45.25
N TYR A 97 -16.16 -28.31 -45.36
CA TYR A 97 -15.03 -27.39 -45.35
C TYR A 97 -14.33 -27.39 -43.99
N HIS A 98 -15.11 -27.38 -42.90
CA HIS A 98 -14.60 -27.39 -41.54
C HIS A 98 -14.09 -28.72 -41.09
N ALA A 99 -14.64 -29.83 -41.63
CA ALA A 99 -14.10 -31.14 -41.32
C ALA A 99 -12.71 -31.24 -41.96
N GLU A 100 -12.53 -30.68 -43.16
CA GLU A 100 -11.24 -30.69 -43.80
C GLU A 100 -10.26 -29.78 -43.07
N SER A 101 -10.72 -28.61 -42.56
CA SER A 101 -9.92 -27.63 -41.79
C SER A 101 -9.23 -28.36 -40.62
N ILE A 102 -10.00 -29.22 -39.93
CA ILE A 102 -9.61 -29.99 -38.76
C ILE A 102 -8.59 -31.04 -39.08
N ALA A 103 -8.75 -31.70 -40.19
CA ALA A 103 -7.85 -32.74 -40.64
C ALA A 103 -6.48 -32.19 -40.95
N ASN A 104 -6.44 -31.02 -41.62
CA ASN A 104 -5.18 -30.40 -42.03
C ASN A 104 -4.45 -29.95 -40.80
N VAL A 105 -5.19 -29.32 -39.86
CA VAL A 105 -4.73 -28.86 -38.57
C VAL A 105 -4.11 -30.04 -37.81
N ARG A 106 -4.89 -31.12 -37.56
CA ARG A 106 -4.40 -32.34 -36.93
C ARG A 106 -3.14 -32.92 -37.58
N GLU A 107 -3.13 -33.11 -38.91
CA GLU A 107 -1.99 -33.62 -39.68
C GLU A 107 -0.71 -32.79 -39.48
N ALA A 108 -0.83 -31.44 -39.47
CA ALA A 108 0.32 -30.53 -39.27
C ALA A 108 0.89 -30.65 -37.84
N VAL A 109 0.00 -30.87 -36.87
CA VAL A 109 0.35 -30.98 -35.46
C VAL A 109 1.04 -32.29 -35.22
N GLU A 110 0.48 -33.38 -35.75
CA GLU A 110 1.02 -34.73 -35.57
C GLU A 110 2.32 -35.00 -36.30
N SER A 111 2.73 -34.16 -37.27
CA SER A 111 4.01 -34.39 -37.94
C SER A 111 5.19 -34.27 -36.91
N PHE A 112 5.00 -33.47 -35.86
CA PHE A 112 5.99 -33.27 -34.81
C PHE A 112 5.95 -34.32 -33.70
N ALA A 113 5.05 -35.30 -33.79
CA ALA A 113 4.88 -36.35 -32.78
C ALA A 113 6.11 -37.25 -32.60
N GLY A 114 6.89 -37.42 -33.66
CA GLY A 114 8.08 -38.27 -33.64
C GLY A 114 9.12 -37.86 -32.61
N SER A 115 9.10 -36.58 -32.20
CA SER A 115 10.02 -36.07 -31.20
C SER A 115 9.17 -35.55 -30.06
N PRO A 116 8.84 -36.40 -29.09
CA PRO A 116 7.93 -35.99 -28.03
C PRO A 116 8.45 -34.89 -27.13
N LEU A 117 9.76 -34.79 -26.95
CA LEU A 117 10.34 -33.74 -26.13
C LEU A 117 10.23 -32.32 -26.75
N SER A 118 9.79 -32.24 -28.01
CA SER A 118 9.61 -30.98 -28.71
C SER A 118 8.19 -30.83 -29.31
N TYR A 119 7.36 -31.89 -29.25
CA TYR A 119 5.97 -31.86 -29.73
C TYR A 119 5.14 -30.81 -29.02
N ARG A 120 4.55 -29.88 -29.81
CA ARG A 120 3.70 -28.81 -29.33
C ARG A 120 2.24 -29.11 -29.67
N PRO A 121 1.41 -29.37 -28.64
CA PRO A 121 -0.02 -29.65 -28.92
C PRO A 121 -0.79 -28.39 -29.35
N VAL A 122 -1.83 -28.54 -30.18
CA VAL A 122 -2.63 -27.38 -30.61
C VAL A 122 -4.09 -27.66 -30.34
N ALA A 123 -4.82 -26.74 -29.69
CA ALA A 123 -6.25 -26.95 -29.43
C ALA A 123 -7.09 -26.58 -30.64
N ILE A 124 -8.27 -27.20 -30.79
CA ILE A 124 -9.16 -26.87 -31.90
C ILE A 124 -10.45 -26.27 -31.36
N ALA A 125 -10.70 -25.01 -31.69
CA ALA A 125 -11.87 -24.31 -31.21
C ALA A 125 -12.92 -24.08 -32.31
N LEU A 126 -14.19 -24.13 -31.94
CA LEU A 126 -15.27 -23.93 -32.90
C LEU A 126 -15.95 -22.64 -32.55
N ASP A 127 -15.91 -21.63 -33.43
CA ASP A 127 -16.61 -20.38 -33.16
C ASP A 127 -17.98 -20.46 -33.80
N THR A 128 -19.05 -20.49 -32.99
CA THR A 128 -20.41 -20.63 -33.51
C THR A 128 -20.87 -19.41 -34.33
N LYS A 129 -21.91 -19.60 -35.16
CA LYS A 129 -22.46 -18.54 -35.99
C LYS A 129 -23.29 -17.52 -35.19
N GLY A 130 -23.95 -17.97 -34.13
CA GLY A 130 -24.75 -17.09 -33.30
C GLY A 130 -26.25 -17.34 -33.37
N PRO A 131 -27.01 -16.93 -32.33
CA PRO A 131 -28.48 -17.16 -32.33
C PRO A 131 -29.27 -16.41 -33.40
N GLY A 132 -28.60 -15.56 -34.19
CA GLY A 132 -29.17 -14.80 -35.29
C GLY A 132 -30.35 -13.91 -34.92
N SER A 133 -31.58 -14.38 -35.26
CA SER A 133 -32.88 -13.73 -35.05
C SER A 133 -33.16 -13.24 -33.63
N GLY A 134 -32.43 -13.74 -32.64
CA GLY A 134 -32.63 -13.29 -31.26
C GLY A 134 -32.94 -14.33 -30.20
N PRO A 135 -33.94 -15.23 -30.42
CA PRO A 135 -34.33 -16.20 -29.37
C PRO A 135 -33.20 -17.15 -28.86
N GLY A 136 -33.55 -18.37 -28.40
CA GLY A 136 -32.63 -19.35 -27.83
C GLY A 136 -31.38 -19.62 -28.63
N LEU A 137 -31.22 -20.88 -29.05
CA LEU A 137 -30.06 -21.27 -29.82
C LEU A 137 -30.49 -21.56 -31.24
N SER A 138 -29.79 -21.00 -32.24
CA SER A 138 -30.18 -21.20 -33.63
C SER A 138 -30.12 -22.68 -34.05
N GLU A 139 -31.03 -23.12 -34.95
CA GLU A 139 -31.07 -24.51 -35.39
C GLU A 139 -29.77 -24.94 -36.08
N GLN A 140 -29.17 -24.01 -36.85
CA GLN A 140 -27.87 -24.26 -37.49
C GLN A 140 -26.81 -24.52 -36.42
N ASP A 141 -26.84 -23.75 -35.33
CA ASP A 141 -25.87 -23.91 -34.26
C ASP A 141 -25.96 -25.22 -33.53
N VAL A 142 -27.14 -25.83 -33.49
CA VAL A 142 -27.30 -27.15 -32.88
C VAL A 142 -26.53 -28.18 -33.72
N ARG A 143 -26.65 -28.06 -35.04
CA ARG A 143 -25.99 -28.88 -36.02
C ARG A 143 -24.49 -28.62 -36.06
N ASP A 144 -24.04 -27.38 -35.80
CA ASP A 144 -22.62 -27.02 -35.74
C ASP A 144 -21.99 -27.60 -34.47
N LEU A 145 -22.72 -27.51 -33.33
CA LEU A 145 -22.25 -28.00 -32.04
C LEU A 145 -22.18 -29.53 -31.97
N ARG A 146 -23.15 -30.24 -32.59
CA ARG A 146 -23.07 -31.70 -32.64
C ARG A 146 -21.95 -32.14 -33.60
N PHE A 147 -21.61 -31.34 -34.61
CA PHE A 147 -20.50 -31.59 -35.51
C PHE A 147 -19.20 -31.49 -34.73
N GLY A 148 -19.04 -30.44 -33.92
CA GLY A 148 -17.84 -30.24 -33.13
C GLY A 148 -17.58 -31.37 -32.16
N VAL A 149 -18.65 -31.87 -31.52
CA VAL A 149 -18.57 -32.99 -30.60
C VAL A 149 -18.08 -34.22 -31.34
N GLU A 150 -18.67 -34.50 -32.51
CA GLU A 150 -18.30 -35.62 -33.37
C GLU A 150 -16.88 -35.54 -33.90
N HIS A 151 -16.39 -34.32 -34.12
CA HIS A 151 -15.05 -34.12 -34.63
C HIS A 151 -13.98 -33.86 -33.57
N GLY A 152 -14.34 -33.99 -32.30
CA GLY A 152 -13.41 -33.87 -31.18
C GLY A 152 -12.84 -32.50 -30.87
N VAL A 153 -13.65 -31.44 -31.03
CA VAL A 153 -13.18 -30.10 -30.73
C VAL A 153 -12.96 -29.94 -29.22
N ASP A 154 -12.02 -29.07 -28.83
CA ASP A 154 -11.69 -28.89 -27.42
C ASP A 154 -12.40 -27.70 -26.83
N ILE A 155 -12.54 -26.62 -27.61
CA ILE A 155 -13.15 -25.38 -27.14
C ILE A 155 -14.28 -24.94 -28.07
N VAL A 156 -15.29 -24.25 -27.51
CA VAL A 156 -16.41 -23.69 -28.25
C VAL A 156 -16.50 -22.23 -27.93
N PHE A 157 -16.44 -21.37 -28.93
CA PHE A 157 -16.63 -19.95 -28.73
C PHE A 157 -18.09 -19.70 -29.01
N ALA A 158 -18.90 -19.56 -27.95
CA ALA A 158 -20.32 -19.35 -28.08
C ALA A 158 -20.62 -17.91 -28.49
N SER A 159 -21.00 -17.68 -29.75
CA SER A 159 -21.30 -16.35 -30.24
C SER A 159 -22.57 -15.80 -29.63
N PHE A 160 -22.55 -14.50 -29.34
CA PHE A 160 -23.67 -13.72 -28.80
C PHE A 160 -24.35 -14.33 -27.55
N VAL A 161 -23.60 -14.47 -26.46
CA VAL A 161 -24.16 -14.95 -25.21
C VAL A 161 -24.71 -13.71 -24.51
N ARG A 162 -25.98 -13.75 -24.07
CA ARG A 162 -26.57 -12.59 -23.39
C ARG A 162 -27.01 -12.90 -21.95
N LYS A 163 -27.12 -14.18 -21.57
CA LYS A 163 -27.52 -14.60 -20.24
C LYS A 163 -27.00 -16.02 -19.94
N ALA A 164 -27.09 -16.46 -18.67
CA ALA A 164 -26.62 -17.79 -18.24
C ALA A 164 -27.43 -18.95 -18.86
N SER A 165 -28.67 -18.68 -19.30
CA SER A 165 -29.50 -19.68 -19.95
C SER A 165 -28.94 -20.04 -21.32
N ASP A 166 -28.31 -19.07 -22.02
CA ASP A 166 -27.68 -19.25 -23.33
C ASP A 166 -26.53 -20.24 -23.23
N VAL A 167 -25.76 -20.21 -22.13
CA VAL A 167 -24.63 -21.10 -21.89
C VAL A 167 -25.14 -22.52 -21.67
N ALA A 168 -26.17 -22.66 -20.84
CA ALA A 168 -26.81 -23.95 -20.54
C ALA A 168 -27.34 -24.60 -21.81
N ALA A 169 -27.86 -23.81 -22.74
CA ALA A 169 -28.38 -24.29 -24.02
C ALA A 169 -27.25 -24.86 -24.90
N VAL A 170 -26.09 -24.22 -24.87
CA VAL A 170 -24.90 -24.66 -25.60
C VAL A 170 -24.35 -25.93 -24.98
N ARG A 171 -24.33 -26.01 -23.65
CA ARG A 171 -23.87 -27.18 -22.93
C ARG A 171 -24.78 -28.38 -23.21
N ALA A 172 -26.09 -28.14 -23.33
CA ALA A 172 -27.09 -29.16 -23.65
C ALA A 172 -26.93 -29.60 -25.11
N ALA A 173 -26.65 -28.65 -26.01
CA ALA A 173 -26.43 -28.96 -27.44
C ALA A 173 -25.18 -29.82 -27.71
N LEU A 174 -24.33 -29.99 -26.73
CA LEU A 174 -23.14 -30.84 -26.82
C LEU A 174 -23.43 -32.29 -26.38
N GLY A 175 -24.43 -32.44 -25.50
CA GLY A 175 -24.90 -33.72 -25.00
C GLY A 175 -24.01 -34.37 -23.96
N PRO A 176 -24.18 -35.68 -23.82
CA PRO A 176 -23.35 -36.43 -22.85
C PRO A 176 -21.90 -36.67 -23.30
N GLU A 177 -21.66 -36.60 -24.61
CA GLU A 177 -20.33 -36.81 -25.18
C GLU A 177 -19.50 -35.53 -24.99
N GLY A 178 -20.07 -34.37 -25.28
CA GLY A 178 -19.41 -33.08 -25.12
C GLY A 178 -19.45 -32.54 -23.70
N HIS A 179 -18.81 -33.26 -22.78
CA HIS A 179 -18.75 -32.88 -21.36
C HIS A 179 -17.43 -32.20 -21.03
N GLY A 180 -16.35 -32.67 -21.67
CA GLY A 180 -15.01 -32.15 -21.45
C GLY A 180 -14.70 -30.88 -22.22
N ILE A 181 -15.46 -30.60 -23.29
CA ILE A 181 -15.31 -29.41 -24.10
C ILE A 181 -15.52 -28.11 -23.31
N LYS A 182 -14.53 -27.21 -23.38
CA LYS A 182 -14.57 -25.93 -22.71
C LYS A 182 -15.47 -24.93 -23.45
N ILE A 183 -16.32 -24.21 -22.72
CA ILE A 183 -17.21 -23.23 -23.33
C ILE A 183 -16.78 -21.80 -23.00
N ILE A 184 -16.26 -21.09 -23.99
CA ILE A 184 -15.86 -19.70 -23.82
C ILE A 184 -16.97 -18.83 -24.37
N SER A 185 -17.62 -18.03 -23.51
CA SER A 185 -18.73 -17.20 -23.95
C SER A 185 -18.30 -15.88 -24.58
N LYS A 186 -18.68 -15.66 -25.84
CA LYS A 186 -18.36 -14.42 -26.51
C LYS A 186 -19.34 -13.36 -26.08
N ILE A 187 -18.85 -12.32 -25.36
CA ILE A 187 -19.70 -11.21 -24.97
C ILE A 187 -19.67 -10.23 -26.14
N GLU A 188 -20.77 -10.21 -26.93
CA GLU A 188 -20.83 -9.40 -28.14
C GLU A 188 -21.86 -8.25 -28.10
N ASN A 189 -22.61 -8.05 -26.99
CA ASN A 189 -23.62 -6.98 -26.93
C ASN A 189 -23.77 -6.37 -25.53
N HIS A 190 -24.60 -5.29 -25.39
CA HIS A 190 -24.85 -4.63 -24.10
C HIS A 190 -25.47 -5.56 -23.03
N GLU A 191 -26.47 -6.37 -23.39
CA GLU A 191 -27.10 -7.31 -22.45
C GLU A 191 -26.07 -8.29 -21.88
N GLY A 192 -25.16 -8.76 -22.72
CA GLY A 192 -24.11 -9.67 -22.32
C GLY A 192 -23.15 -9.03 -21.34
N VAL A 193 -22.87 -7.72 -21.52
CA VAL A 193 -22.00 -6.95 -20.64
C VAL A 193 -22.67 -6.75 -19.29
N LYS A 194 -23.95 -6.38 -19.29
CA LYS A 194 -24.69 -6.19 -18.05
C LYS A 194 -24.84 -7.47 -17.27
N ARG A 195 -25.19 -8.57 -17.93
CA ARG A 195 -25.38 -9.86 -17.26
C ARG A 195 -24.09 -10.70 -17.18
N PHE A 196 -22.92 -10.05 -17.20
CA PHE A 196 -21.61 -10.70 -17.22
C PHE A 196 -21.36 -11.69 -16.08
N ASP A 197 -21.65 -11.30 -14.83
CA ASP A 197 -21.34 -12.16 -13.69
C ASP A 197 -22.04 -13.52 -13.71
N GLU A 198 -23.31 -13.55 -14.16
CA GLU A 198 -24.06 -14.81 -14.26
C GLU A 198 -23.54 -15.67 -15.41
N ILE A 199 -23.06 -15.03 -16.50
CA ILE A 199 -22.52 -15.71 -17.66
C ILE A 199 -21.16 -16.31 -17.30
N LEU A 200 -20.30 -15.56 -16.59
CA LEU A 200 -18.98 -16.05 -16.20
C LEU A 200 -19.07 -17.22 -15.23
N GLU A 201 -20.08 -17.21 -14.34
CA GLU A 201 -20.28 -18.26 -13.36
C GLU A 201 -20.55 -19.61 -14.01
N VAL A 202 -21.31 -19.59 -15.11
CA VAL A 202 -21.66 -20.81 -15.83
C VAL A 202 -20.71 -21.12 -17.00
N SER A 203 -19.90 -20.14 -17.45
CA SER A 203 -18.96 -20.35 -18.56
C SER A 203 -17.62 -20.88 -18.06
N ASP A 204 -16.81 -21.42 -18.97
CA ASP A 204 -15.44 -21.83 -18.67
C ASP A 204 -14.43 -20.66 -18.81
N GLY A 205 -14.83 -19.63 -19.53
CA GLY A 205 -14.07 -18.41 -19.77
C GLY A 205 -14.83 -17.43 -20.63
N ILE A 206 -14.24 -16.25 -20.88
CA ILE A 206 -14.90 -15.21 -21.67
C ILE A 206 -14.07 -14.76 -22.86
N MET A 207 -14.75 -14.43 -23.95
CA MET A 207 -14.09 -13.84 -25.09
C MET A 207 -14.63 -12.42 -25.22
N VAL A 208 -13.72 -11.44 -25.30
CA VAL A 208 -14.07 -10.05 -25.49
C VAL A 208 -14.12 -9.90 -27.01
N ALA A 209 -15.25 -10.24 -27.62
CA ALA A 209 -15.46 -10.18 -29.06
C ALA A 209 -15.78 -8.76 -29.41
N ARG A 210 -14.73 -7.95 -29.55
CA ARG A 210 -14.80 -6.51 -29.79
C ARG A 210 -15.44 -6.11 -31.10
N GLY A 211 -15.47 -7.00 -32.07
CA GLY A 211 -16.05 -6.72 -33.38
C GLY A 211 -17.51 -6.36 -33.30
N ASP A 212 -18.33 -7.33 -32.92
CA ASP A 212 -19.77 -7.14 -32.76
C ASP A 212 -20.05 -6.15 -31.61
N LEU A 213 -19.25 -6.22 -30.53
CA LEU A 213 -19.38 -5.37 -29.35
C LEU A 213 -19.21 -3.88 -29.69
N GLY A 214 -18.28 -3.55 -30.57
CA GLY A 214 -18.04 -2.19 -31.02
C GLY A 214 -19.20 -1.57 -31.79
N ILE A 215 -20.19 -2.38 -32.19
CA ILE A 215 -21.37 -1.97 -32.93
C ILE A 215 -22.57 -1.82 -31.99
N GLU A 216 -22.75 -2.77 -31.07
CA GLU A 216 -23.89 -2.75 -30.13
C GLU A 216 -23.77 -1.63 -29.09
N ILE A 217 -22.54 -1.36 -28.65
CA ILE A 217 -22.25 -0.28 -27.70
C ILE A 217 -21.28 0.72 -28.36
N PRO A 218 -21.29 2.02 -27.95
CA PRO A 218 -20.36 2.99 -28.56
C PRO A 218 -18.91 2.53 -28.62
N ALA A 219 -18.25 2.77 -29.76
CA ALA A 219 -16.85 2.37 -29.99
C ALA A 219 -15.88 2.94 -28.93
N GLU A 220 -16.20 4.11 -28.37
CA GLU A 220 -15.38 4.73 -27.35
C GLU A 220 -15.56 4.06 -25.96
N LYS A 221 -16.55 3.18 -25.80
CA LYS A 221 -16.77 2.49 -24.53
C LYS A 221 -16.26 1.03 -24.54
N VAL A 222 -15.73 0.54 -25.70
CA VAL A 222 -15.30 -0.84 -25.84
C VAL A 222 -14.13 -1.17 -24.93
N PHE A 223 -13.16 -0.26 -24.82
CA PHE A 223 -12.02 -0.48 -23.95
C PHE A 223 -12.45 -0.67 -22.49
N LEU A 224 -13.51 0.03 -22.06
CA LEU A 224 -14.03 -0.07 -20.69
C LEU A 224 -14.53 -1.47 -20.45
N ALA A 225 -15.29 -2.02 -21.41
CA ALA A 225 -15.83 -3.37 -21.31
C ALA A 225 -14.71 -4.40 -21.35
N GLN A 226 -13.70 -4.18 -22.22
CA GLN A 226 -12.57 -5.09 -22.31
C GLN A 226 -11.83 -5.16 -20.98
N LYS A 227 -11.38 -4.02 -20.49
CA LYS A 227 -10.64 -3.91 -19.24
C LYS A 227 -11.43 -4.43 -18.04
N MET A 228 -12.78 -4.25 -18.02
CA MET A 228 -13.60 -4.74 -16.92
C MET A 228 -13.68 -6.26 -16.96
N MET A 229 -13.96 -6.82 -18.15
CA MET A 229 -14.10 -8.26 -18.29
C MET A 229 -12.83 -8.99 -17.97
N ILE A 230 -11.68 -8.49 -18.47
CA ILE A 230 -10.37 -9.07 -18.19
C ILE A 230 -10.12 -9.08 -16.67
N GLY A 231 -10.46 -7.98 -16.01
CA GLY A 231 -10.30 -7.82 -14.58
C GLY A 231 -11.13 -8.79 -13.79
N ARG A 232 -12.41 -8.95 -14.17
CA ARG A 232 -13.30 -9.88 -13.48
C ARG A 232 -12.91 -11.34 -13.71
N CYS A 233 -12.37 -11.64 -14.91
CA CYS A 233 -11.89 -12.96 -15.27
C CYS A 233 -10.65 -13.28 -14.52
N ASN A 234 -9.73 -12.31 -14.37
CA ASN A 234 -8.50 -12.48 -13.61
C ASN A 234 -8.85 -12.75 -12.14
N LEU A 235 -9.84 -12.02 -11.63
CA LEU A 235 -10.32 -12.16 -10.27
C LEU A 235 -10.91 -13.58 -10.08
N ALA A 236 -11.71 -14.05 -11.04
CA ALA A 236 -12.34 -15.38 -10.98
C ALA A 236 -11.42 -16.56 -11.28
N GLY A 237 -10.24 -16.28 -11.83
CA GLY A 237 -9.28 -17.31 -12.22
C GLY A 237 -9.60 -17.97 -13.55
N LYS A 238 -10.66 -17.51 -14.25
CA LYS A 238 -11.09 -18.09 -15.53
C LYS A 238 -10.41 -17.42 -16.72
N PRO A 239 -10.10 -18.19 -17.80
CA PRO A 239 -9.41 -17.59 -18.95
C PRO A 239 -10.20 -16.48 -19.65
N VAL A 240 -9.48 -15.54 -20.23
CA VAL A 240 -10.10 -14.43 -20.96
C VAL A 240 -9.34 -14.19 -22.26
N VAL A 241 -10.10 -14.10 -23.38
CA VAL A 241 -9.54 -13.94 -24.71
C VAL A 241 -9.82 -12.55 -25.26
N CYS A 242 -8.79 -11.84 -25.74
CA CYS A 242 -9.00 -10.58 -26.42
C CYS A 242 -9.11 -10.90 -27.93
N ALA A 243 -10.17 -10.42 -28.58
CA ALA A 243 -10.42 -10.74 -29.97
C ALA A 243 -10.72 -9.51 -30.82
N THR A 244 -10.63 -9.67 -32.16
CA THR A 244 -11.00 -8.73 -33.24
C THR A 244 -10.07 -7.54 -33.48
N GLN A 245 -9.56 -7.45 -34.74
CA GLN A 245 -8.75 -6.37 -35.30
C GLN A 245 -7.50 -6.03 -34.50
N MET A 246 -6.83 -7.05 -33.94
CA MET A 246 -5.62 -6.81 -33.15
C MET A 246 -4.44 -6.39 -34.05
N LEU A 247 -4.26 -7.04 -35.22
CA LEU A 247 -3.23 -6.71 -36.22
C LEU A 247 -3.94 -6.69 -37.59
N GLU A 248 -5.05 -5.97 -37.66
CA GLU A 248 -5.88 -5.88 -38.84
C GLU A 248 -5.15 -5.45 -40.13
N SER A 249 -4.29 -4.42 -40.06
CA SER A 249 -3.54 -3.94 -41.24
C SER A 249 -2.63 -5.01 -41.86
N MET A 250 -2.21 -6.00 -41.06
CA MET A 250 -1.36 -7.08 -41.52
C MET A 250 -2.03 -8.06 -42.49
N ILE A 251 -3.34 -7.91 -42.73
CA ILE A 251 -4.05 -8.70 -43.72
C ILE A 251 -3.48 -8.40 -45.15
N THR A 252 -3.15 -7.13 -45.40
CA THR A 252 -2.59 -6.64 -46.65
C THR A 252 -1.11 -6.26 -46.56
N LYS A 253 -0.69 -5.59 -45.45
CA LYS A 253 0.68 -5.09 -45.22
C LYS A 253 1.58 -6.02 -44.40
N PRO A 254 2.91 -6.01 -44.66
CA PRO A 254 3.82 -6.89 -43.92
C PRO A 254 4.12 -6.45 -42.46
N ARG A 255 3.86 -5.19 -42.15
CA ARG A 255 4.11 -4.66 -40.82
C ARG A 255 2.85 -3.97 -40.28
N PRO A 256 2.58 -4.11 -38.97
CA PRO A 256 1.36 -3.51 -38.41
C PRO A 256 1.49 -2.00 -38.09
N THR A 257 0.38 -1.40 -37.66
CA THR A 257 0.38 0.00 -37.29
C THR A 257 0.90 0.17 -35.86
N ARG A 258 1.23 1.41 -35.45
CA ARG A 258 1.72 1.67 -34.10
C ARG A 258 0.62 1.41 -33.06
N ALA A 259 -0.67 1.58 -33.45
CA ALA A 259 -1.83 1.33 -32.60
C ALA A 259 -2.09 -0.18 -32.45
N GLU A 260 -1.73 -0.96 -33.47
CA GLU A 260 -1.94 -2.40 -33.45
C GLU A 260 -0.96 -3.06 -32.50
N THR A 261 0.32 -2.70 -32.57
CA THR A 261 1.32 -3.21 -31.63
C THR A 261 0.95 -2.80 -30.20
N SER A 262 0.51 -1.55 -30.04
CA SER A 262 0.06 -0.99 -28.78
C SER A 262 -1.08 -1.83 -28.20
N ASP A 263 -2.18 -2.03 -28.96
CA ASP A 263 -3.35 -2.80 -28.53
C ASP A 263 -2.98 -4.20 -28.06
N VAL A 264 -2.14 -4.92 -28.84
CA VAL A 264 -1.71 -6.28 -28.52
C VAL A 264 -0.98 -6.27 -27.19
N ALA A 265 -0.01 -5.36 -27.03
CA ALA A 265 0.78 -5.23 -25.81
C ALA A 265 -0.09 -4.88 -24.59
N ASN A 266 -1.07 -4.01 -24.80
CA ASN A 266 -1.98 -3.58 -23.75
C ASN A 266 -2.94 -4.66 -23.36
N ALA A 267 -3.36 -5.55 -24.29
CA ALA A 267 -4.23 -6.67 -23.95
C ALA A 267 -3.48 -7.61 -22.97
N VAL A 268 -2.18 -7.84 -23.22
CA VAL A 268 -1.33 -8.65 -22.36
C VAL A 268 -1.19 -7.94 -21.02
N LEU A 269 -0.86 -6.64 -21.04
CA LEU A 269 -0.70 -5.88 -19.82
C LEU A 269 -1.99 -5.84 -19.00
N ASP A 270 -3.16 -5.83 -19.67
CA ASP A 270 -4.47 -5.85 -19.03
C ASP A 270 -4.68 -7.15 -18.27
N GLY A 271 -4.10 -8.24 -18.74
CA GLY A 271 -4.20 -9.54 -18.08
C GLY A 271 -4.95 -10.57 -18.87
N ALA A 272 -5.01 -10.42 -20.21
CA ALA A 272 -5.72 -11.39 -21.04
C ALA A 272 -4.90 -12.67 -21.15
N ASP A 273 -5.57 -13.81 -21.04
CA ASP A 273 -4.90 -15.10 -21.12
C ASP A 273 -4.56 -15.42 -22.57
N CYS A 274 -5.44 -15.01 -23.54
CA CYS A 274 -5.28 -15.28 -24.96
C CYS A 274 -5.41 -14.07 -25.85
N ILE A 275 -4.69 -14.06 -26.96
CA ILE A 275 -4.79 -13.03 -28.00
C ILE A 275 -5.21 -13.71 -29.29
N MET A 276 -6.03 -13.05 -30.11
CA MET A 276 -6.57 -13.69 -31.29
C MET A 276 -6.44 -12.97 -32.60
N LEU A 277 -6.27 -13.75 -33.68
CA LEU A 277 -6.16 -13.27 -35.06
C LEU A 277 -7.32 -13.82 -35.88
N SER A 278 -8.05 -12.97 -36.58
CA SER A 278 -9.17 -13.40 -37.43
C SER A 278 -8.73 -13.40 -38.91
N GLY A 279 -9.09 -12.39 -39.70
CA GLY A 279 -8.68 -12.32 -41.10
C GLY A 279 -7.18 -12.24 -41.31
N GLU A 280 -6.44 -11.91 -40.24
CA GLU A 280 -4.99 -11.78 -40.22
C GLU A 280 -4.36 -13.11 -40.64
N THR A 281 -4.89 -14.23 -40.10
CA THR A 281 -4.45 -15.60 -40.42
C THR A 281 -5.44 -16.37 -41.33
N ALA A 282 -6.70 -15.95 -41.40
CA ALA A 282 -7.68 -16.63 -42.23
C ALA A 282 -7.63 -16.27 -43.71
N LYS A 283 -7.57 -14.98 -44.05
CA LYS A 283 -7.60 -14.57 -45.45
C LYS A 283 -6.51 -13.58 -45.87
N GLY A 284 -5.55 -13.32 -44.97
CA GLY A 284 -4.49 -12.36 -45.25
C GLY A 284 -3.30 -12.91 -46.03
N ASN A 285 -2.46 -11.99 -46.53
CA ASN A 285 -1.25 -12.36 -47.25
C ASN A 285 -0.09 -12.70 -46.28
N PHE A 286 -0.21 -12.32 -45.00
CA PHE A 286 0.83 -12.58 -44.03
C PHE A 286 0.29 -13.34 -42.82
N PRO A 287 -0.05 -14.64 -42.97
CA PRO A 287 -0.61 -15.37 -41.82
C PRO A 287 0.44 -15.73 -40.79
N VAL A 288 1.56 -16.31 -41.23
CA VAL A 288 2.66 -16.70 -40.35
C VAL A 288 3.30 -15.46 -39.71
N GLU A 289 3.44 -14.40 -40.50
CA GLU A 289 4.02 -13.14 -40.06
C GLU A 289 3.19 -12.47 -38.97
N ALA A 290 1.87 -12.62 -39.00
CA ALA A 290 0.99 -12.08 -37.97
C ALA A 290 1.13 -12.86 -36.67
N VAL A 291 1.34 -14.18 -36.77
CA VAL A 291 1.52 -15.07 -35.64
C VAL A 291 2.86 -14.74 -34.97
N LYS A 292 3.91 -14.59 -35.79
CA LYS A 292 5.25 -14.25 -35.31
C LYS A 292 5.23 -12.87 -34.66
N MET A 293 4.51 -11.91 -35.25
CA MET A 293 4.40 -10.57 -34.69
C MET A 293 3.65 -10.57 -33.37
N GLN A 294 2.52 -11.28 -33.28
CA GLN A 294 1.78 -11.38 -32.03
C GLN A 294 2.61 -12.01 -30.93
N HIS A 295 3.43 -13.00 -31.30
CA HIS A 295 4.35 -13.67 -30.38
C HIS A 295 5.40 -12.68 -29.86
N ALA A 296 6.01 -11.90 -30.76
CA ALA A 296 7.05 -10.94 -30.43
C ALA A 296 6.57 -9.89 -29.45
N ILE A 297 5.39 -9.30 -29.70
CA ILE A 297 4.80 -8.28 -28.83
C ILE A 297 4.43 -8.86 -27.46
N ALA A 298 3.76 -10.03 -27.46
CA ALA A 298 3.33 -10.70 -26.23
C ALA A 298 4.52 -11.02 -25.32
N ARG A 299 5.63 -11.48 -25.89
CA ARG A 299 6.81 -11.80 -25.12
C ARG A 299 7.37 -10.57 -24.43
N GLU A 300 7.42 -9.40 -25.13
CA GLU A 300 7.90 -8.13 -24.57
C GLU A 300 6.98 -7.58 -23.51
N ALA A 301 5.66 -7.71 -23.72
CA ALA A 301 4.66 -7.22 -22.79
C ALA A 301 4.61 -7.98 -21.49
N GLU A 302 4.93 -9.28 -21.53
CA GLU A 302 4.95 -10.12 -20.34
C GLU A 302 6.09 -9.75 -19.39
N ALA A 303 7.24 -9.34 -19.95
CA ALA A 303 8.36 -8.90 -19.12
C ALA A 303 8.01 -7.52 -18.50
N ALA A 304 7.21 -6.70 -19.20
CA ALA A 304 6.80 -5.40 -18.67
C ALA A 304 5.65 -5.46 -17.66
N VAL A 305 5.25 -6.66 -17.22
CA VAL A 305 4.17 -6.79 -16.28
C VAL A 305 4.70 -6.50 -14.88
N TYR A 306 4.01 -5.64 -14.12
CA TYR A 306 4.40 -5.29 -12.76
C TYR A 306 3.89 -6.36 -11.78
N HIS A 307 4.57 -7.52 -11.78
CA HIS A 307 4.22 -8.66 -10.95
C HIS A 307 4.20 -8.33 -9.46
N ARG A 308 5.00 -7.32 -9.03
CA ARG A 308 5.07 -6.98 -7.61
C ARG A 308 3.69 -6.64 -7.02
N GLN A 309 2.97 -5.75 -7.69
CA GLN A 309 1.63 -5.37 -7.25
C GLN A 309 0.59 -6.35 -7.75
N LEU A 310 0.79 -6.91 -8.96
CA LEU A 310 -0.14 -7.86 -9.55
C LEU A 310 -0.34 -9.07 -8.65
N PHE A 311 0.76 -9.69 -8.17
CA PHE A 311 0.70 -10.86 -7.32
C PHE A 311 0.11 -10.50 -5.97
N GLU A 312 0.52 -9.37 -5.40
CA GLU A 312 0.01 -8.93 -4.11
C GLU A 312 -1.51 -8.69 -4.16
N GLU A 313 -1.97 -8.04 -5.22
CA GLU A 313 -3.39 -7.78 -5.39
C GLU A 313 -4.17 -9.05 -5.67
N LEU A 314 -3.62 -9.94 -6.49
CA LEU A 314 -4.27 -11.21 -6.83
C LEU A 314 -4.39 -12.12 -5.63
N ARG A 315 -3.38 -12.10 -4.77
CA ARG A 315 -3.33 -12.90 -3.56
C ARG A 315 -4.31 -12.33 -2.53
N ARG A 316 -4.30 -10.98 -2.37
CA ARG A 316 -5.18 -10.29 -1.44
C ARG A 316 -6.64 -10.48 -1.82
N ALA A 317 -6.94 -10.44 -3.14
CA ALA A 317 -8.31 -10.59 -3.65
C ALA A 317 -8.84 -12.01 -3.61
N ALA A 318 -7.94 -13.02 -3.72
CA ALA A 318 -8.34 -14.42 -3.71
C ALA A 318 -8.85 -14.81 -2.35
N PRO A 319 -10.04 -15.44 -2.29
CA PRO A 319 -10.59 -15.84 -0.98
C PRO A 319 -9.81 -16.98 -0.35
N LEU A 320 -9.90 -17.13 0.98
CA LEU A 320 -9.21 -18.25 1.64
C LEU A 320 -9.73 -19.59 1.14
N SER A 321 -8.86 -20.60 1.11
CA SER A 321 -9.25 -21.89 0.56
C SER A 321 -8.89 -23.03 1.48
N ARG A 322 -9.75 -24.04 1.56
CA ARG A 322 -9.42 -25.24 2.32
C ARG A 322 -9.13 -26.47 1.39
N ASP A 323 -8.94 -26.19 0.08
CA ASP A 323 -8.62 -27.15 -0.97
C ASP A 323 -7.12 -27.16 -1.12
N PRO A 324 -6.47 -28.31 -0.91
CA PRO A 324 -5.01 -28.39 -0.99
C PRO A 324 -4.42 -28.06 -2.36
N THR A 325 -5.20 -28.25 -3.42
CA THR A 325 -4.75 -27.92 -4.77
C THR A 325 -4.53 -26.39 -4.85
N GLU A 326 -5.46 -25.59 -4.28
CA GLU A 326 -5.41 -24.13 -4.28
C GLU A 326 -4.35 -23.60 -3.32
N VAL A 327 -4.24 -24.24 -2.16
CA VAL A 327 -3.27 -23.88 -1.14
C VAL A 327 -1.86 -24.16 -1.65
N THR A 328 -1.67 -25.27 -2.37
CA THR A 328 -0.38 -25.62 -2.93
C THR A 328 0.00 -24.65 -4.03
N ALA A 329 -0.99 -24.23 -4.85
CA ALA A 329 -0.77 -23.26 -5.92
C ALA A 329 -0.16 -21.94 -5.40
N ILE A 330 -0.78 -21.31 -4.38
CA ILE A 330 -0.28 -20.05 -3.83
C ILE A 330 1.11 -20.21 -3.16
N GLY A 331 1.35 -21.37 -2.56
CA GLY A 331 2.63 -21.66 -1.94
C GLY A 331 3.72 -21.85 -2.97
N ALA A 332 3.39 -22.48 -4.09
CA ALA A 332 4.34 -22.74 -5.17
C ALA A 332 4.69 -21.46 -5.89
N VAL A 333 3.69 -20.60 -6.14
CA VAL A 333 3.86 -19.30 -6.80
C VAL A 333 4.70 -18.39 -5.93
N GLU A 334 4.43 -18.38 -4.62
CA GLU A 334 5.23 -17.61 -3.67
C GLU A 334 6.69 -18.09 -3.69
N ALA A 335 6.91 -19.42 -3.53
CA ALA A 335 8.23 -20.06 -3.54
C ALA A 335 8.99 -19.78 -4.83
N ALA A 336 8.30 -19.77 -5.97
CA ALA A 336 8.92 -19.49 -7.26
C ALA A 336 9.38 -18.03 -7.34
N PHE A 337 8.61 -17.13 -6.75
CA PHE A 337 8.95 -15.73 -6.76
C PHE A 337 10.21 -15.50 -5.94
N LYS A 338 10.31 -16.13 -4.77
CA LYS A 338 11.41 -16.04 -3.84
C LYS A 338 12.78 -16.38 -4.43
N CYS A 339 12.86 -17.39 -5.26
CA CYS A 339 14.12 -17.83 -5.85
C CYS A 339 14.27 -17.50 -7.33
N CYS A 340 13.23 -16.90 -7.96
CA CYS A 340 13.18 -16.64 -9.40
C CYS A 340 13.35 -17.94 -10.15
N ALA A 341 12.47 -18.89 -9.80
CA ALA A 341 12.40 -20.23 -10.37
C ALA A 341 12.16 -20.13 -11.83
N ALA A 342 12.93 -20.86 -12.64
CA ALA A 342 12.82 -20.77 -14.10
C ALA A 342 11.48 -21.31 -14.64
N ALA A 343 10.88 -22.29 -13.88
CA ALA A 343 9.61 -22.94 -14.22
C ALA A 343 8.96 -23.63 -13.02
N ILE A 344 7.65 -23.79 -13.07
CA ILE A 344 6.91 -24.53 -12.08
C ILE A 344 6.37 -25.75 -12.80
N ILE A 345 6.96 -26.93 -12.58
CA ILE A 345 6.51 -28.16 -13.22
C ILE A 345 5.39 -28.76 -12.40
N VAL A 346 4.22 -28.87 -12.99
CA VAL A 346 3.06 -29.42 -12.32
C VAL A 346 2.55 -30.64 -13.07
N LEU A 347 2.22 -31.68 -12.32
CA LEU A 347 1.63 -32.87 -12.91
C LEU A 347 0.14 -32.66 -12.83
N THR A 348 -0.52 -32.71 -14.01
CA THR A 348 -1.95 -32.49 -14.06
C THR A 348 -2.66 -33.61 -14.83
N THR A 349 -3.97 -33.72 -14.67
CA THR A 349 -4.77 -34.74 -15.34
C THR A 349 -5.92 -34.08 -16.09
N THR A 350 -6.57 -33.09 -15.48
CA THR A 350 -7.65 -32.34 -16.11
C THR A 350 -7.24 -30.89 -16.45
N GLY A 351 -6.04 -30.46 -16.03
CA GLY A 351 -5.51 -29.13 -16.26
C GLY A 351 -5.69 -28.21 -15.07
N ARG A 352 -6.56 -28.57 -14.14
CA ARG A 352 -6.94 -27.77 -13.01
C ARG A 352 -5.79 -27.26 -12.18
N SER A 353 -4.83 -28.13 -11.85
CA SER A 353 -3.70 -27.71 -11.03
C SER A 353 -2.89 -26.58 -11.72
N ALA A 354 -2.78 -26.66 -13.03
CA ALA A 354 -2.08 -25.68 -13.86
C ALA A 354 -2.86 -24.36 -13.92
N GLN A 355 -4.19 -24.46 -13.98
CA GLN A 355 -5.04 -23.30 -14.01
C GLN A 355 -4.93 -22.56 -12.73
N LEU A 356 -4.95 -23.29 -11.59
CA LEU A 356 -4.82 -22.67 -10.27
C LEU A 356 -3.47 -22.01 -10.03
N LEU A 357 -2.42 -22.49 -10.67
CA LEU A 357 -1.10 -21.87 -10.55
C LEU A 357 -1.11 -20.59 -11.39
N SER A 358 -1.71 -20.65 -12.60
CA SER A 358 -1.84 -19.55 -13.57
C SER A 358 -2.57 -18.34 -13.01
N ARG A 359 -3.66 -18.57 -12.23
CA ARG A 359 -4.45 -17.48 -11.66
C ARG A 359 -3.64 -16.54 -10.79
N TYR A 360 -2.57 -17.04 -10.14
CA TYR A 360 -1.70 -16.20 -9.31
C TYR A 360 -0.64 -15.43 -10.11
N ARG A 361 -0.64 -15.58 -11.45
CA ARG A 361 0.22 -14.93 -12.43
C ARG A 361 1.71 -14.93 -12.06
N PRO A 362 2.34 -16.12 -12.01
CA PRO A 362 3.79 -16.14 -11.70
C PRO A 362 4.65 -15.72 -12.87
N ARG A 363 5.88 -15.29 -12.57
CA ARG A 363 6.84 -14.96 -13.62
C ARG A 363 7.37 -16.31 -14.23
N ALA A 364 7.45 -17.39 -13.40
CA ALA A 364 7.88 -18.72 -13.79
C ALA A 364 6.88 -19.38 -14.74
N ALA A 365 7.39 -20.21 -15.65
CA ALA A 365 6.58 -20.87 -16.63
C ALA A 365 5.91 -22.08 -16.02
N VAL A 366 4.58 -22.17 -16.09
CA VAL A 366 3.88 -23.33 -15.55
C VAL A 366 3.91 -24.45 -16.56
N ILE A 367 4.87 -25.36 -16.41
CA ILE A 367 5.02 -26.52 -17.29
C ILE A 367 4.11 -27.64 -16.81
N ALA A 368 3.03 -27.88 -17.55
CA ALA A 368 2.05 -28.88 -17.18
C ALA A 368 2.36 -30.17 -17.87
N VAL A 369 2.53 -31.25 -17.12
CA VAL A 369 2.80 -32.56 -17.72
C VAL A 369 1.57 -33.43 -17.49
N THR A 370 0.86 -33.73 -18.58
CA THR A 370 -0.34 -34.57 -18.51
C THR A 370 -0.33 -35.65 -19.55
N ARG A 371 -1.02 -36.76 -19.23
CA ARG A 371 -1.20 -37.85 -20.19
C ARG A 371 -2.46 -37.65 -21.08
N SER A 372 -3.33 -36.69 -20.71
CA SER A 372 -4.56 -36.36 -21.42
C SER A 372 -4.21 -35.44 -22.57
N ALA A 373 -4.48 -35.84 -23.81
CA ALA A 373 -4.21 -34.96 -24.95
C ALA A 373 -5.22 -33.81 -25.02
N GLN A 374 -6.48 -34.05 -24.58
CA GLN A 374 -7.52 -33.03 -24.55
C GLN A 374 -7.12 -31.97 -23.56
N ALA A 375 -6.77 -32.35 -22.31
CA ALA A 375 -6.36 -31.39 -21.28
C ALA A 375 -5.14 -30.62 -21.70
N ALA A 376 -4.18 -31.28 -22.37
CA ALA A 376 -2.97 -30.65 -22.87
C ALA A 376 -3.32 -29.56 -23.90
N ARG A 377 -4.29 -29.84 -24.78
CA ARG A 377 -4.72 -28.86 -25.78
C ARG A 377 -5.46 -27.70 -25.09
N GLN A 378 -6.42 -28.02 -24.21
CA GLN A 378 -7.25 -27.06 -23.49
C GLN A 378 -6.50 -26.14 -22.54
N VAL A 379 -5.45 -26.64 -21.92
CA VAL A 379 -4.67 -25.87 -20.95
C VAL A 379 -3.96 -24.63 -21.59
N HIS A 380 -4.04 -24.49 -22.92
CA HIS A 380 -3.54 -23.31 -23.62
C HIS A 380 -4.41 -22.09 -23.30
N LEU A 381 -5.68 -22.29 -22.93
CA LEU A 381 -6.55 -21.20 -22.55
C LEU A 381 -6.02 -20.48 -21.31
N CYS A 382 -5.20 -21.15 -20.49
CA CYS A 382 -4.60 -20.49 -19.33
C CYS A 382 -3.28 -19.86 -19.71
N ARG A 383 -3.04 -18.67 -19.21
CA ARG A 383 -1.80 -17.96 -19.47
C ARG A 383 -0.62 -18.54 -18.70
N GLY A 384 0.49 -18.72 -19.40
CA GLY A 384 1.72 -19.24 -18.82
C GLY A 384 1.75 -20.73 -18.63
N VAL A 385 0.76 -21.47 -19.21
CA VAL A 385 0.76 -22.92 -19.08
C VAL A 385 1.28 -23.56 -20.36
N PHE A 386 2.39 -24.31 -20.21
CA PHE A 386 3.12 -24.98 -21.28
C PHE A 386 2.93 -26.47 -21.19
N PRO A 387 1.97 -27.01 -21.97
CA PRO A 387 1.64 -28.44 -21.87
C PRO A 387 2.55 -29.40 -22.60
N LEU A 388 2.84 -30.54 -21.98
CA LEU A 388 3.66 -31.60 -22.58
C LEU A 388 2.86 -32.87 -22.41
N LEU A 389 2.85 -33.72 -23.41
CA LEU A 389 2.07 -34.96 -23.37
C LEU A 389 2.96 -36.13 -23.08
N TYR A 390 2.77 -36.75 -21.90
CA TYR A 390 3.54 -37.94 -21.57
C TYR A 390 2.87 -39.11 -22.33
N ARG A 391 3.60 -39.65 -23.30
CA ARG A 391 3.08 -40.68 -24.17
C ARG A 391 3.39 -42.13 -23.65
N GLU A 392 4.33 -42.26 -22.71
CA GLU A 392 4.74 -43.57 -22.22
C GLU A 392 3.77 -44.18 -21.21
N PRO A 393 3.70 -45.52 -21.13
CA PRO A 393 2.72 -46.16 -20.23
C PRO A 393 3.06 -46.04 -18.74
N PRO A 394 2.03 -46.06 -17.88
CA PRO A 394 2.27 -45.91 -16.45
C PRO A 394 3.17 -47.00 -15.86
N GLU A 395 4.17 -46.59 -15.07
CA GLU A 395 5.10 -47.51 -14.44
C GLU A 395 4.42 -48.28 -13.29
N ALA A 396 4.98 -49.44 -12.93
CA ALA A 396 4.48 -50.31 -11.86
C ALA A 396 4.40 -49.57 -10.51
N ILE A 397 5.42 -48.78 -10.20
CA ILE A 397 5.45 -48.00 -8.96
C ILE A 397 5.01 -46.58 -9.29
N TRP A 398 3.98 -46.06 -8.60
CA TRP A 398 3.45 -44.73 -8.89
C TRP A 398 4.49 -43.67 -8.65
N ALA A 399 5.21 -43.77 -7.55
CA ALA A 399 6.28 -42.86 -7.19
C ALA A 399 7.33 -42.74 -8.29
N ASP A 400 7.60 -43.86 -8.97
CA ASP A 400 8.56 -43.94 -10.07
C ASP A 400 7.99 -43.24 -11.30
N ASP A 401 6.72 -43.52 -11.63
CA ASP A 401 5.99 -42.96 -12.78
C ASP A 401 5.88 -41.43 -12.67
N VAL A 402 5.73 -40.92 -11.44
CA VAL A 402 5.64 -39.51 -11.12
C VAL A 402 6.99 -38.88 -11.43
N ASP A 403 8.08 -39.43 -10.89
CA ASP A 403 9.45 -38.95 -11.11
C ASP A 403 9.90 -39.01 -12.57
N ARG A 404 9.32 -39.95 -13.33
CA ARG A 404 9.58 -40.12 -14.75
C ARG A 404 8.96 -38.99 -15.52
N ARG A 405 7.78 -38.52 -15.09
CA ARG A 405 7.08 -37.41 -15.73
C ARG A 405 7.75 -36.09 -15.42
N VAL A 406 8.26 -35.94 -14.20
CA VAL A 406 9.01 -34.77 -13.77
C VAL A 406 10.29 -34.67 -14.60
N GLN A 407 10.95 -35.81 -14.87
CA GLN A 407 12.12 -35.82 -15.73
C GLN A 407 11.73 -35.51 -17.15
N PHE A 408 10.56 -35.96 -17.62
CA PHE A 408 10.09 -35.64 -18.95
C PHE A 408 9.91 -34.12 -19.10
N GLY A 409 9.40 -33.45 -18.06
CA GLY A 409 9.24 -32.00 -18.08
C GLY A 409 10.55 -31.26 -17.97
N ILE A 410 11.56 -31.88 -17.35
CA ILE A 410 12.86 -31.28 -17.24
C ILE A 410 13.55 -31.44 -18.58
N GLU A 411 13.54 -32.63 -19.16
CA GLU A 411 14.14 -32.87 -20.47
C GLU A 411 13.49 -31.99 -21.56
N SER A 412 12.13 -31.89 -21.56
CA SER A 412 11.36 -31.09 -22.51
C SER A 412 11.70 -29.61 -22.38
N GLY A 413 11.84 -29.13 -21.16
CA GLY A 413 12.18 -27.75 -20.87
C GLY A 413 13.64 -27.42 -21.10
N LYS A 414 14.51 -28.45 -21.15
CA LYS A 414 15.93 -28.26 -21.38
C LYS A 414 16.16 -28.07 -22.86
N LEU A 415 15.59 -28.95 -23.71
CA LEU A 415 15.77 -28.81 -25.16
C LEU A 415 15.02 -27.61 -25.74
N ARG A 416 13.98 -27.12 -25.04
CA ARG A 416 13.25 -25.95 -25.51
C ARG A 416 13.76 -24.63 -24.97
N GLY A 417 14.84 -24.64 -24.20
CA GLY A 417 15.47 -23.43 -23.69
C GLY A 417 14.94 -22.89 -22.37
N PHE A 418 13.84 -23.47 -21.86
CA PHE A 418 13.22 -23.04 -20.60
C PHE A 418 14.17 -23.21 -19.43
N LEU A 419 15.00 -24.26 -19.46
CA LEU A 419 15.88 -24.65 -18.38
C LEU A 419 17.32 -24.84 -18.78
N ARG A 420 18.18 -24.44 -17.86
CA ARG A 420 19.62 -24.61 -17.90
C ARG A 420 20.03 -25.29 -16.59
N VAL A 421 21.17 -25.98 -16.59
CA VAL A 421 21.69 -26.66 -15.41
C VAL A 421 21.97 -25.64 -14.30
N GLY A 422 21.57 -25.97 -13.08
CA GLY A 422 21.75 -25.07 -11.95
C GLY A 422 20.53 -24.20 -11.66
N ASP A 423 19.52 -24.25 -12.54
CA ASP A 423 18.28 -23.52 -12.35
C ASP A 423 17.46 -24.14 -11.22
N LEU A 424 16.58 -23.36 -10.60
CA LEU A 424 15.69 -23.90 -9.59
C LEU A 424 14.32 -24.00 -10.17
N VAL A 425 13.60 -25.08 -9.87
CA VAL A 425 12.23 -25.25 -10.31
C VAL A 425 11.34 -25.65 -9.14
N ILE A 426 10.07 -25.27 -9.20
CA ILE A 426 9.12 -25.66 -8.17
C ILE A 426 8.34 -26.83 -8.77
N VAL A 427 8.29 -27.96 -8.07
CA VAL A 427 7.58 -29.12 -8.59
C VAL A 427 6.30 -29.38 -7.80
N VAL A 428 5.17 -29.38 -8.51
CA VAL A 428 3.85 -29.56 -7.94
C VAL A 428 3.24 -30.91 -8.27
N THR A 429 3.03 -31.75 -7.25
CA THR A 429 2.51 -33.12 -7.39
C THR A 429 1.39 -33.40 -6.34
N GLY A 430 0.83 -34.61 -6.38
CA GLY A 430 -0.19 -35.08 -5.46
C GLY A 430 0.27 -36.29 -4.66
N TRP A 431 -0.55 -36.71 -3.70
CA TRP A 431 -0.23 -37.82 -2.79
C TRP A 431 -0.73 -39.19 -3.25
N ARG A 432 -1.69 -39.19 -4.16
CA ARG A 432 -2.25 -40.42 -4.69
C ARG A 432 -2.66 -40.21 -6.15
N PRO A 433 -2.70 -41.28 -6.96
CA PRO A 433 -3.11 -41.10 -8.36
C PRO A 433 -4.54 -40.54 -8.47
N GLY A 434 -4.82 -39.87 -9.58
CA GLY A 434 -6.14 -39.31 -9.81
C GLY A 434 -6.20 -37.81 -9.72
N SER A 435 -7.23 -37.23 -10.34
CA SER A 435 -7.42 -35.81 -10.39
C SER A 435 -7.92 -35.16 -9.09
N GLY A 436 -7.36 -33.98 -8.77
CA GLY A 436 -7.70 -33.19 -7.61
C GLY A 436 -6.98 -33.54 -6.32
N TYR A 437 -5.93 -34.37 -6.39
CA TYR A 437 -5.19 -34.75 -5.17
C TYR A 437 -3.89 -33.99 -4.95
N THR A 438 -3.69 -32.89 -5.68
CA THR A 438 -2.48 -32.10 -5.62
C THR A 438 -2.32 -31.52 -4.25
N ASN A 439 -1.13 -31.62 -3.67
CA ASN A 439 -0.88 -31.11 -2.32
C ASN A 439 0.59 -30.87 -2.00
N ILE A 440 1.50 -31.23 -2.91
CA ILE A 440 2.92 -31.15 -2.65
C ILE A 440 3.62 -30.12 -3.51
N MET A 441 4.49 -29.31 -2.89
CA MET A 441 5.35 -28.40 -3.63
C MET A 441 6.78 -28.68 -3.16
N ARG A 442 7.69 -28.92 -4.11
CA ARG A 442 9.04 -29.31 -3.78
C ARG A 442 10.07 -28.55 -4.64
N VAL A 443 11.07 -27.95 -3.97
CA VAL A 443 12.15 -27.16 -4.58
C VAL A 443 13.27 -28.05 -5.13
N LEU A 444 13.38 -28.12 -6.47
CA LEU A 444 14.33 -28.98 -7.21
C LEU A 444 15.41 -28.18 -7.92
N SER A 445 16.66 -28.67 -7.93
CA SER A 445 17.74 -27.99 -8.63
CA SER A 445 17.73 -27.98 -8.65
C SER A 445 18.04 -28.75 -9.91
N ILE A 446 18.07 -28.05 -11.04
CA ILE A 446 18.27 -28.66 -12.33
C ILE A 446 19.62 -29.30 -12.51
N SER A 447 19.55 -30.59 -12.95
CA SER A 447 20.65 -31.49 -13.27
C SER A 447 21.67 -31.55 -12.13
N GLN B 28 -15.81 -13.33 15.07
CA GLN B 28 -15.10 -14.58 15.35
C GLN B 28 -14.14 -14.47 16.60
N GLN B 29 -13.31 -15.50 16.85
CA GLN B 29 -12.32 -15.58 17.94
C GLN B 29 -10.89 -15.23 17.45
N GLN B 30 -9.92 -15.10 18.39
CA GLN B 30 -8.50 -14.76 18.22
C GLN B 30 -8.26 -13.58 17.28
N GLN B 31 -9.03 -12.50 17.46
CA GLN B 31 -8.98 -11.24 16.71
C GLN B 31 -8.97 -11.42 15.21
N LEU B 32 -9.68 -12.45 14.72
CA LEU B 32 -9.75 -12.69 13.28
C LEU B 32 -10.47 -11.56 12.53
N PRO B 33 -11.57 -10.96 13.05
CA PRO B 33 -12.17 -9.80 12.35
C PRO B 33 -11.23 -8.60 12.27
N ALA B 34 -10.39 -8.39 13.31
CA ALA B 34 -9.40 -7.32 13.35
C ALA B 34 -8.23 -7.59 12.38
N ALA B 35 -7.89 -8.87 12.17
CA ALA B 35 -6.82 -9.30 11.26
C ALA B 35 -7.20 -9.19 9.77
N MET B 36 -8.51 -9.31 9.49
CA MET B 36 -9.05 -9.23 8.14
C MET B 36 -9.02 -7.82 7.55
N ALA B 37 -8.91 -6.79 8.39
CA ALA B 37 -8.94 -5.37 7.99
C ALA B 37 -7.88 -4.99 6.96
N ASP B 38 -8.26 -4.10 6.03
CA ASP B 38 -7.38 -3.66 4.96
C ASP B 38 -6.36 -2.62 5.41
N THR B 39 -6.67 -1.87 6.47
CA THR B 39 -5.74 -0.89 7.02
C THR B 39 -5.44 -1.16 8.50
N PHE B 40 -4.28 -0.69 8.97
CA PHE B 40 -3.89 -0.84 10.37
C PHE B 40 -4.82 -0.05 11.31
N LEU B 41 -5.34 1.08 10.85
CA LEU B 41 -6.29 1.86 11.64
C LEU B 41 -7.58 1.06 11.80
N GLU B 42 -8.07 0.44 10.74
CA GLU B 42 -9.25 -0.41 10.75
C GLU B 42 -8.99 -1.64 11.62
N HIS B 43 -7.76 -2.13 11.66
CA HIS B 43 -7.36 -3.26 12.49
C HIS B 43 -7.49 -2.85 13.96
N LEU B 44 -6.98 -1.63 14.30
CA LEU B 44 -7.04 -1.08 15.65
C LEU B 44 -8.48 -0.89 16.10
N CYS B 45 -9.32 -0.41 15.20
CA CYS B 45 -10.72 -0.19 15.50
C CYS B 45 -11.50 -1.50 15.65
N LEU B 46 -11.05 -2.58 15.02
CA LEU B 46 -11.71 -3.88 15.07
C LEU B 46 -11.28 -4.79 16.23
N LEU B 47 -10.35 -4.33 17.08
CA LEU B 47 -9.91 -5.14 18.21
C LEU B 47 -11.08 -5.36 19.20
N ASP B 48 -11.31 -6.62 19.60
CA ASP B 48 -12.42 -6.99 20.48
C ASP B 48 -11.95 -7.64 21.78
N ILE B 49 -12.40 -7.10 22.92
CA ILE B 49 -12.05 -7.67 24.23
C ILE B 49 -12.72 -9.05 24.45
N ASP B 50 -13.87 -9.27 23.82
CA ASP B 50 -14.61 -10.53 23.90
C ASP B 50 -14.10 -11.61 22.93
N SER B 51 -13.21 -11.25 22.00
CA SER B 51 -12.63 -12.19 21.05
C SER B 51 -11.50 -12.90 21.78
N GLU B 52 -11.81 -14.06 22.34
CA GLU B 52 -10.83 -14.82 23.11
C GLU B 52 -9.77 -15.42 22.23
N PRO B 53 -8.50 -15.37 22.68
CA PRO B 53 -7.44 -16.01 21.88
C PRO B 53 -7.49 -17.55 21.97
N VAL B 54 -7.30 -18.23 20.83
CA VAL B 54 -7.36 -19.68 20.82
C VAL B 54 -6.02 -20.32 20.52
N ALA B 55 -5.15 -19.63 19.77
CA ALA B 55 -3.84 -20.16 19.40
C ALA B 55 -2.90 -20.30 20.60
N ALA B 56 -1.91 -21.20 20.47
CA ALA B 56 -0.94 -21.41 21.55
C ALA B 56 -0.01 -20.21 21.66
N ARG B 57 0.48 -19.96 22.88
CA ARG B 57 1.36 -18.84 23.17
C ARG B 57 2.75 -19.00 22.55
N SER B 58 3.05 -18.15 21.57
CA SER B 58 4.28 -18.11 20.79
C SER B 58 5.53 -17.56 21.51
N THR B 59 5.46 -16.29 21.98
CA THR B 59 6.57 -15.59 22.64
C THR B 59 7.04 -16.36 23.85
N SER B 60 8.25 -16.94 23.78
CA SER B 60 8.77 -17.73 24.88
C SER B 60 9.05 -16.90 26.12
N ILE B 61 8.86 -17.51 27.29
CA ILE B 61 9.07 -16.87 28.57
C ILE B 61 10.38 -17.36 29.21
N ILE B 62 11.25 -16.41 29.58
CA ILE B 62 12.50 -16.74 30.26
C ILE B 62 12.36 -16.38 31.72
N ALA B 63 12.48 -17.37 32.62
CA ALA B 63 12.35 -17.11 34.05
C ALA B 63 13.68 -17.21 34.75
N THR B 64 14.07 -16.14 35.48
CA THR B 64 15.32 -16.15 36.22
C THR B 64 15.14 -16.98 37.47
N ILE B 65 15.95 -18.02 37.61
CA ILE B 65 15.87 -18.92 38.74
C ILE B 65 16.71 -18.42 39.91
N GLY B 66 16.04 -18.21 41.04
CA GLY B 66 16.67 -17.76 42.28
C GLY B 66 16.08 -18.48 43.47
N PRO B 67 16.28 -17.97 44.70
CA PRO B 67 15.73 -18.64 45.88
C PRO B 67 14.21 -18.93 45.83
N ALA B 68 13.41 -18.01 45.27
CA ALA B 68 11.95 -18.16 45.15
C ALA B 68 11.51 -19.24 44.15
N SER B 69 12.40 -19.65 43.22
CA SER B 69 12.10 -20.66 42.20
C SER B 69 13.08 -21.85 42.18
N ARG B 70 13.93 -21.98 43.22
CA ARG B 70 14.92 -23.07 43.27
C ARG B 70 14.29 -24.43 43.48
N SER B 71 13.16 -24.46 44.22
CA SER B 71 12.37 -25.63 44.60
C SER B 71 11.95 -26.46 43.40
N VAL B 72 12.32 -27.76 43.36
CA VAL B 72 11.92 -28.68 42.28
C VAL B 72 10.39 -28.71 42.17
N GLU B 73 9.70 -28.70 43.31
CA GLU B 73 8.26 -28.69 43.45
C GLU B 73 7.66 -27.47 42.71
N ARG B 74 8.24 -26.28 42.95
CA ARG B 74 7.79 -25.02 42.36
C ARG B 74 8.19 -24.92 40.91
N LEU B 75 9.34 -25.47 40.53
CA LEU B 75 9.84 -25.48 39.15
C LEU B 75 8.86 -26.23 38.27
N LYS B 76 8.31 -27.37 38.76
CA LYS B 76 7.31 -28.16 38.06
C LYS B 76 6.05 -27.35 37.79
N GLU B 77 5.68 -26.49 38.73
CA GLU B 77 4.52 -25.63 38.57
C GLU B 77 4.77 -24.60 37.49
N MET B 78 5.97 -24.01 37.45
CA MET B 78 6.37 -23.00 36.46
C MET B 78 6.45 -23.58 35.05
N ILE B 79 6.83 -24.85 34.94
CA ILE B 79 6.88 -25.56 33.67
C ILE B 79 5.45 -25.72 33.14
N LYS B 80 4.52 -26.13 34.03
CA LYS B 80 3.09 -26.26 33.72
C LYS B 80 2.47 -24.88 33.41
N ALA B 81 3.01 -23.80 34.00
CA ALA B 81 2.58 -22.41 33.79
C ALA B 81 3.10 -21.79 32.48
N GLY B 82 4.05 -22.45 31.81
CA GLY B 82 4.60 -22.00 30.54
C GLY B 82 5.98 -21.37 30.53
N MET B 83 6.87 -21.80 31.44
CA MET B 83 8.25 -21.29 31.42
C MET B 83 8.97 -22.07 30.32
N ASN B 84 9.64 -21.36 29.42
CA ASN B 84 10.32 -22.04 28.32
C ASN B 84 11.81 -22.12 28.52
N ILE B 85 12.38 -21.06 29.09
CA ILE B 85 13.81 -21.00 29.33
C ILE B 85 14.07 -20.64 30.78
N ALA B 86 15.10 -21.24 31.38
CA ALA B 86 15.47 -20.98 32.76
C ALA B 86 16.77 -20.21 32.78
N ARG B 87 16.74 -18.97 33.29
CA ARG B 87 17.93 -18.11 33.35
C ARG B 87 18.69 -18.28 34.67
N LEU B 88 20.02 -18.42 34.59
CA LEU B 88 20.90 -18.54 35.75
C LEU B 88 21.76 -17.27 35.80
N ASN B 89 21.44 -16.31 36.68
CA ASN B 89 22.22 -15.06 36.75
C ASN B 89 23.52 -15.30 37.49
N PHE B 90 24.64 -15.30 36.75
CA PHE B 90 25.94 -15.54 37.37
C PHE B 90 26.54 -14.31 38.08
N SER B 91 25.81 -13.18 38.12
CA SER B 91 26.23 -12.01 38.89
C SER B 91 26.13 -12.32 40.41
N HIS B 92 25.18 -13.19 40.80
CA HIS B 92 24.99 -13.67 42.17
C HIS B 92 25.04 -15.19 42.10
N GLY B 93 25.66 -15.81 43.08
CA GLY B 93 25.69 -17.26 43.16
C GLY B 93 27.01 -17.92 42.82
N SER B 94 27.28 -19.01 43.53
CA SER B 94 28.50 -19.80 43.37
C SER B 94 28.31 -20.88 42.30
N HIS B 95 29.42 -21.46 41.82
CA HIS B 95 29.31 -22.55 40.85
C HIS B 95 28.57 -23.74 41.43
N GLU B 96 28.68 -23.97 42.75
CA GLU B 96 27.96 -25.07 43.42
C GLU B 96 26.46 -24.80 43.45
N TYR B 97 26.08 -23.53 43.69
CA TYR B 97 24.68 -23.09 43.75
C TYR B 97 24.00 -23.28 42.41
N HIS B 98 24.72 -22.94 41.34
CA HIS B 98 24.15 -23.03 40.01
C HIS B 98 24.13 -24.46 39.47
N ALA B 99 25.16 -25.28 39.75
CA ALA B 99 25.10 -26.69 39.32
C ALA B 99 23.94 -27.41 40.02
N GLU B 100 23.59 -26.98 41.27
CA GLU B 100 22.44 -27.54 41.98
C GLU B 100 21.15 -27.06 41.35
N SER B 101 21.04 -25.75 40.99
CA SER B 101 19.85 -25.21 40.33
C SER B 101 19.58 -25.96 39.01
N ILE B 102 20.62 -26.18 38.19
CA ILE B 102 20.48 -26.91 36.93
C ILE B 102 19.99 -28.33 37.18
N ALA B 103 20.56 -29.00 38.20
CA ALA B 103 20.17 -30.36 38.54
C ALA B 103 18.71 -30.45 38.92
N ASN B 104 18.21 -29.45 39.64
CA ASN B 104 16.82 -29.41 40.05
C ASN B 104 15.88 -29.04 38.91
N VAL B 105 16.33 -28.14 38.01
CA VAL B 105 15.58 -27.77 36.81
C VAL B 105 15.39 -29.02 35.93
N ARG B 106 16.48 -29.74 35.60
CA ARG B 106 16.42 -30.94 34.78
C ARG B 106 15.60 -32.05 35.41
N GLU B 107 15.57 -32.13 36.74
CA GLU B 107 14.80 -33.11 37.46
C GLU B 107 13.30 -32.84 37.25
N ALA B 108 12.89 -31.57 37.44
CA ALA B 108 11.51 -31.11 37.28
C ALA B 108 11.02 -31.21 35.82
N VAL B 109 11.94 -31.10 34.84
CA VAL B 109 11.65 -31.16 33.41
C VAL B 109 11.46 -32.61 32.99
N GLU B 110 12.38 -33.50 33.41
CA GLU B 110 12.28 -34.90 33.05
C GLU B 110 11.20 -35.68 33.83
N SER B 111 10.49 -35.02 34.76
CA SER B 111 9.38 -35.66 35.46
C SER B 111 8.17 -35.87 34.49
N PHE B 112 8.04 -34.98 33.49
CA PHE B 112 6.99 -35.04 32.49
C PHE B 112 7.35 -35.90 31.26
N ALA B 113 8.53 -36.55 31.26
CA ALA B 113 8.99 -37.39 30.14
C ALA B 113 8.27 -38.75 30.01
N GLY B 114 7.34 -39.04 30.90
CA GLY B 114 6.58 -40.28 30.84
C GLY B 114 5.61 -40.28 29.68
N SER B 115 5.00 -39.11 29.41
CA SER B 115 4.07 -38.90 28.30
C SER B 115 4.87 -38.22 27.22
N PRO B 116 5.27 -38.94 26.16
CA PRO B 116 6.11 -38.31 25.12
C PRO B 116 5.39 -37.34 24.19
N LEU B 117 4.06 -37.49 24.07
CA LEU B 117 3.29 -36.57 23.24
C LEU B 117 3.08 -35.20 23.96
N SER B 118 3.20 -35.15 25.33
CA SER B 118 2.99 -33.93 26.12
C SER B 118 4.23 -33.44 26.90
N TYR B 119 5.42 -33.94 26.54
CA TYR B 119 6.66 -33.54 27.21
C TYR B 119 7.12 -32.17 26.67
N ARG B 120 7.25 -31.21 27.58
CA ARG B 120 7.66 -29.87 27.20
C ARG B 120 9.13 -29.63 27.58
N PRO B 121 10.02 -29.53 26.60
CA PRO B 121 11.44 -29.27 26.91
C PRO B 121 11.70 -27.84 27.41
N VAL B 122 12.72 -27.67 28.27
CA VAL B 122 13.06 -26.35 28.80
C VAL B 122 14.53 -26.09 28.57
N ALA B 123 14.88 -24.91 28.01
CA ALA B 123 16.27 -24.56 27.77
C ALA B 123 16.93 -23.98 29.00
N ILE B 124 18.25 -24.14 29.13
CA ILE B 124 18.97 -23.60 30.27
C ILE B 124 19.93 -22.54 29.81
N ALA B 125 19.73 -21.29 30.24
CA ALA B 125 20.58 -20.19 29.82
C ALA B 125 21.49 -19.70 30.95
N LEU B 126 22.69 -19.23 30.61
CA LEU B 126 23.63 -18.72 31.59
C LEU B 126 23.81 -17.25 31.35
N ASP B 127 23.42 -16.39 32.29
CA ASP B 127 23.61 -14.95 32.12
C ASP B 127 24.94 -14.56 32.78
N THR B 128 25.93 -14.15 31.98
CA THR B 128 27.26 -13.81 32.51
C THR B 128 27.25 -12.57 33.41
N LYS B 129 28.31 -12.43 34.24
CA LYS B 129 28.44 -11.32 35.17
C LYS B 129 28.83 -10.01 34.45
N GLY B 130 29.61 -10.10 33.39
CA GLY B 130 30.01 -8.92 32.63
C GLY B 130 31.50 -8.63 32.71
N PRO B 131 32.04 -7.92 31.70
CA PRO B 131 33.49 -7.68 31.67
C PRO B 131 34.06 -6.81 32.78
N GLY B 132 33.20 -6.25 33.65
CA GLY B 132 33.62 -5.41 34.77
C GLY B 132 34.46 -4.22 34.36
N SER B 133 35.82 -4.37 34.43
CA SER B 133 36.81 -3.36 34.01
C SER B 133 36.84 -3.16 32.45
N GLY B 134 37.63 -3.94 31.69
CA GLY B 134 37.63 -3.79 30.23
C GLY B 134 38.75 -4.28 29.32
N PRO B 135 39.92 -4.82 29.77
CA PRO B 135 40.94 -5.28 28.79
C PRO B 135 40.44 -6.31 27.75
N GLY B 136 39.48 -7.10 28.20
CA GLY B 136 38.76 -8.12 27.48
C GLY B 136 37.72 -8.73 28.41
N LEU B 137 37.38 -10.00 28.15
CA LEU B 137 36.41 -10.79 28.91
C LEU B 137 36.93 -11.01 30.32
N SER B 138 36.07 -10.82 31.35
CA SER B 138 36.51 -10.95 32.72
C SER B 138 36.99 -12.36 33.07
N GLU B 139 37.90 -12.46 34.02
CA GLU B 139 38.52 -13.70 34.49
C GLU B 139 37.49 -14.64 35.02
N GLN B 140 36.52 -14.12 35.77
CA GLN B 140 35.43 -14.89 36.33
C GLN B 140 34.56 -15.44 35.21
N ASP B 141 34.28 -14.62 34.17
CA ASP B 141 33.45 -15.01 33.02
C ASP B 141 34.03 -16.19 32.28
N VAL B 142 35.35 -16.30 32.20
CA VAL B 142 35.98 -17.43 31.53
C VAL B 142 35.63 -18.74 32.27
N ARG B 143 35.68 -18.68 33.61
CA ARG B 143 35.36 -19.83 34.46
C ARG B 143 33.88 -20.15 34.36
N ASP B 144 33.03 -19.11 34.40
CA ASP B 144 31.57 -19.20 34.29
C ASP B 144 31.16 -19.88 32.97
N LEU B 145 31.82 -19.48 31.85
CA LEU B 145 31.58 -20.01 30.50
C LEU B 145 32.07 -21.42 30.37
N ARG B 146 33.21 -21.76 31.00
CA ARG B 146 33.72 -23.12 30.99
C ARG B 146 32.78 -24.04 31.77
N PHE B 147 32.20 -23.52 32.87
CA PHE B 147 31.22 -24.21 33.70
C PHE B 147 29.97 -24.53 32.89
N GLY B 148 29.46 -23.54 32.16
CA GLY B 148 28.27 -23.71 31.34
C GLY B 148 28.43 -24.80 30.30
N VAL B 149 29.61 -24.84 29.65
CA VAL B 149 29.96 -25.85 28.65
C VAL B 149 29.93 -27.22 29.31
N GLU B 150 30.57 -27.36 30.47
CA GLU B 150 30.63 -28.59 31.23
C GLU B 150 29.28 -29.05 31.71
N HIS B 151 28.39 -28.12 32.00
CA HIS B 151 27.06 -28.44 32.50
C HIS B 151 25.99 -28.50 31.44
N GLY B 152 26.36 -28.42 30.17
CA GLY B 152 25.44 -28.55 29.05
C GLY B 152 24.39 -27.45 28.88
N VAL B 153 24.77 -26.18 29.14
CA VAL B 153 23.84 -25.07 28.94
C VAL B 153 23.57 -24.88 27.45
N ASP B 154 22.39 -24.38 27.11
CA ASP B 154 21.99 -24.23 25.72
C ASP B 154 22.22 -22.82 25.23
N ILE B 155 21.97 -21.83 26.08
CA ILE B 155 22.10 -20.42 25.71
C ILE B 155 23.02 -19.66 26.68
N VAL B 156 23.72 -18.63 26.19
CA VAL B 156 24.56 -17.77 27.00
C VAL B 156 24.13 -16.34 26.77
N PHE B 157 23.77 -15.63 27.84
CA PHE B 157 23.42 -14.23 27.73
C PHE B 157 24.69 -13.48 28.05
N ALA B 158 25.36 -12.97 27.02
CA ALA B 158 26.61 -12.27 27.20
C ALA B 158 26.37 -10.85 27.70
N SER B 159 26.68 -10.60 28.98
CA SER B 159 26.47 -9.28 29.59
C SER B 159 27.44 -8.27 29.04
N PHE B 160 26.94 -7.04 28.84
CA PHE B 160 27.68 -5.88 28.36
C PHE B 160 28.53 -6.11 27.10
N VAL B 161 27.87 -6.42 25.98
CA VAL B 161 28.56 -6.58 24.71
C VAL B 161 28.61 -5.18 24.09
N ARG B 162 29.80 -4.73 23.69
CA ARG B 162 29.93 -3.39 23.10
C ARG B 162 30.44 -3.40 21.65
N LYS B 163 31.03 -4.52 21.20
CA LYS B 163 31.53 -4.67 19.84
C LYS B 163 31.58 -6.15 19.43
N ALA B 164 31.80 -6.43 18.14
CA ALA B 164 31.84 -7.81 17.61
C ALA B 164 33.01 -8.63 18.17
N SER B 165 34.07 -7.96 18.65
CA SER B 165 35.21 -8.64 19.25
C SER B 165 34.84 -9.29 20.58
N ASP B 166 33.91 -8.66 21.32
CA ASP B 166 33.39 -9.14 22.60
C ASP B 166 32.68 -10.48 22.42
N VAL B 167 31.93 -10.63 21.31
CA VAL B 167 31.19 -11.85 21.01
C VAL B 167 32.17 -12.97 20.67
N ALA B 168 33.18 -12.67 19.84
CA ALA B 168 34.20 -13.63 19.45
C ALA B 168 34.94 -14.16 20.66
N ALA B 169 35.16 -13.32 21.67
CA ALA B 169 35.83 -13.69 22.91
C ALA B 169 34.99 -14.68 23.71
N VAL B 170 33.67 -14.50 23.71
CA VAL B 170 32.74 -15.39 24.38
C VAL B 170 32.67 -16.73 23.66
N ARG B 171 32.66 -16.71 22.32
CA ARG B 171 32.66 -17.96 21.56
C ARG B 171 33.96 -18.73 21.78
N ALA B 172 35.08 -18.02 21.85
CA ALA B 172 36.37 -18.64 22.13
C ALA B 172 36.37 -19.26 23.50
N ALA B 173 35.76 -18.57 24.49
CA ALA B 173 35.64 -19.02 25.88
C ALA B 173 34.87 -20.33 26.00
N LEU B 174 33.88 -20.54 25.13
CA LEU B 174 33.11 -21.78 25.09
C LEU B 174 33.90 -23.00 24.54
N GLY B 175 35.24 -22.88 24.47
CA GLY B 175 36.17 -23.90 23.99
C GLY B 175 35.70 -24.63 22.77
N PRO B 176 36.24 -25.85 22.52
CA PRO B 176 35.79 -26.63 21.33
C PRO B 176 34.47 -27.42 21.52
N GLU B 177 34.13 -27.72 22.76
CA GLU B 177 32.94 -28.45 23.11
C GLU B 177 31.72 -27.54 23.00
N GLY B 178 31.84 -26.33 23.50
CA GLY B 178 30.72 -25.39 23.49
C GLY B 178 30.31 -24.70 22.20
N HIS B 179 30.88 -25.11 21.07
CA HIS B 179 30.55 -24.50 19.77
C HIS B 179 29.05 -24.52 19.35
N GLY B 180 28.22 -25.30 20.03
CA GLY B 180 26.81 -25.39 19.70
C GLY B 180 25.89 -24.61 20.62
N ILE B 181 26.45 -23.84 21.54
CA ILE B 181 25.67 -23.04 22.46
C ILE B 181 25.29 -21.73 21.79
N LYS B 182 24.02 -21.35 21.86
CA LYS B 182 23.58 -20.09 21.27
C LYS B 182 24.05 -18.89 22.10
N ILE B 183 24.60 -17.89 21.44
CA ILE B 183 25.08 -16.69 22.13
C ILE B 183 24.15 -15.50 21.90
N ILE B 184 23.42 -15.10 22.93
CA ILE B 184 22.55 -13.93 22.85
C ILE B 184 23.28 -12.75 23.48
N SER B 185 23.59 -11.72 22.70
CA SER B 185 24.32 -10.56 23.20
C SER B 185 23.44 -9.54 23.89
N LYS B 186 23.74 -9.28 25.18
CA LYS B 186 22.98 -8.29 25.93
C LYS B 186 23.50 -6.92 25.59
N ILE B 187 22.67 -6.09 24.94
CA ILE B 187 23.04 -4.71 24.63
C ILE B 187 22.68 -3.89 25.86
N GLU B 188 23.69 -3.52 26.66
CA GLU B 188 23.47 -2.83 27.94
C GLU B 188 24.01 -1.39 28.01
N ASN B 189 24.64 -0.87 26.94
CA ASN B 189 25.19 0.51 26.98
C ASN B 189 25.09 1.25 25.63
N HIS B 190 25.48 2.55 25.58
CA HIS B 190 25.45 3.34 24.34
C HIS B 190 26.35 2.77 23.22
N GLU B 191 27.57 2.33 23.54
CA GLU B 191 28.50 1.77 22.56
C GLU B 191 27.89 0.54 21.90
N GLY B 192 27.22 -0.30 22.69
CA GLY B 192 26.56 -1.50 22.21
C GLY B 192 25.43 -1.18 21.25
N VAL B 193 24.70 -0.09 21.51
CA VAL B 193 23.60 0.36 20.67
C VAL B 193 24.14 0.90 19.34
N LYS B 194 25.21 1.70 19.41
CA LYS B 194 25.81 2.25 18.20
C LYS B 194 26.40 1.18 17.33
N ARG B 195 27.12 0.23 17.92
CA ARG B 195 27.77 -0.86 17.16
C ARG B 195 26.88 -2.09 17.00
N PHE B 196 25.56 -1.92 17.05
CA PHE B 196 24.58 -2.99 16.98
C PHE B 196 24.71 -3.92 15.78
N ASP B 197 24.81 -3.38 14.57
CA ASP B 197 24.83 -4.19 13.35
C ASP B 197 25.98 -5.21 13.29
N GLU B 198 27.17 -4.82 13.76
CA GLU B 198 28.33 -5.71 13.79
C GLU B 198 28.17 -6.78 14.87
N ILE B 199 27.51 -6.44 15.98
CA ILE B 199 27.26 -7.35 17.09
C ILE B 199 26.20 -8.38 16.67
N LEU B 200 25.13 -7.95 16.00
CA LEU B 200 24.08 -8.85 15.55
C LEU B 200 24.59 -9.84 14.51
N GLU B 201 25.52 -9.40 13.66
CA GLU B 201 26.10 -10.25 12.60
C GLU B 201 26.86 -11.44 13.18
N VAL B 202 27.55 -11.22 14.29
CA VAL B 202 28.31 -12.29 14.93
C VAL B 202 27.56 -12.99 16.07
N SER B 203 26.45 -12.42 16.56
CA SER B 203 25.65 -13.04 17.62
C SER B 203 24.60 -13.99 17.04
N ASP B 204 24.04 -14.86 17.89
CA ASP B 204 22.93 -15.72 17.52
C ASP B 204 21.56 -15.01 17.75
N GLY B 205 21.56 -13.95 18.56
CA GLY B 205 20.40 -13.13 18.87
C GLY B 205 20.75 -11.99 19.80
N ILE B 206 19.79 -11.10 20.10
CA ILE B 206 20.03 -9.95 20.96
C ILE B 206 19.10 -9.90 22.15
N MET B 207 19.61 -9.43 23.29
CA MET B 207 18.78 -9.19 24.44
C MET B 207 18.77 -7.69 24.70
N VAL B 208 17.58 -7.11 24.83
CA VAL B 208 17.41 -5.71 25.11
C VAL B 208 17.38 -5.66 26.64
N ALA B 209 18.59 -5.62 27.25
CA ALA B 209 18.75 -5.60 28.71
C ALA B 209 18.55 -4.16 29.16
N ARG B 210 17.27 -3.78 29.31
CA ARG B 210 16.81 -2.43 29.64
C ARG B 210 17.24 -1.92 30.99
N GLY B 211 17.60 -2.81 31.91
CA GLY B 211 18.05 -2.42 33.25
C GLY B 211 19.28 -1.56 33.24
N ASP B 212 20.40 -2.13 32.82
CA ASP B 212 21.67 -1.45 32.70
C ASP B 212 21.59 -0.34 31.62
N LEU B 213 20.86 -0.62 30.53
CA LEU B 213 20.66 0.30 29.41
C LEU B 213 19.97 1.61 29.82
N GLY B 214 18.99 1.51 30.71
CA GLY B 214 18.27 2.66 31.24
C GLY B 214 19.11 3.62 32.07
N ILE B 215 20.32 3.19 32.45
CA ILE B 215 21.27 3.96 33.24
C ILE B 215 22.33 4.60 32.32
N GLU B 216 22.86 3.84 31.35
CA GLU B 216 23.89 4.33 30.44
C GLU B 216 23.37 5.40 29.47
N ILE B 217 22.11 5.24 29.02
CA ILE B 217 21.45 6.21 28.14
C ILE B 217 20.19 6.74 28.82
N PRO B 218 19.71 7.96 28.47
CA PRO B 218 18.50 8.50 29.12
C PRO B 218 17.32 7.54 29.15
N ALA B 219 16.63 7.44 30.29
CA ALA B 219 15.48 6.54 30.46
C ALA B 219 14.36 6.78 29.44
N GLU B 220 14.23 8.03 28.98
CA GLU B 220 13.22 8.38 27.98
C GLU B 220 13.59 7.91 26.56
N LYS B 221 14.84 7.45 26.34
CA LYS B 221 15.28 6.97 25.03
C LYS B 221 15.35 5.44 24.96
N VAL B 222 15.06 4.71 26.06
CA VAL B 222 15.16 3.26 26.10
C VAL B 222 14.18 2.58 25.15
N PHE B 223 12.93 3.06 25.10
CA PHE B 223 11.94 2.49 24.18
C PHE B 223 12.40 2.59 22.72
N LEU B 224 13.12 3.67 22.37
CA LEU B 224 13.63 3.87 21.00
C LEU B 224 14.61 2.78 20.67
N ALA B 225 15.53 2.47 21.59
CA ALA B 225 16.53 1.44 21.42
C ALA B 225 15.87 0.07 21.36
N GLN B 226 14.86 -0.18 22.21
CA GLN B 226 14.14 -1.45 22.21
C GLN B 226 13.47 -1.69 20.86
N LYS B 227 12.63 -0.74 20.42
CA LYS B 227 11.91 -0.81 19.17
C LYS B 227 12.83 -0.92 17.96
N MET B 228 13.99 -0.26 17.99
CA MET B 228 14.94 -0.33 16.88
C MET B 228 15.56 -1.73 16.80
N MET B 229 16.04 -2.23 17.94
CA MET B 229 16.70 -3.53 18.00
C MET B 229 15.79 -4.64 17.61
N ILE B 230 14.55 -4.63 18.12
CA ILE B 230 13.54 -5.63 17.76
C ILE B 230 13.29 -5.63 16.24
N GLY B 231 13.19 -4.44 15.66
CA GLY B 231 13.00 -4.24 14.23
C GLY B 231 14.14 -4.79 13.40
N ARG B 232 15.38 -4.48 13.81
CA ARG B 232 16.55 -4.97 13.09
C ARG B 232 16.72 -6.48 13.20
N CYS B 233 16.33 -7.05 14.35
CA CYS B 233 16.39 -8.48 14.59
C CYS B 233 15.37 -9.21 13.79
N ASN B 234 14.15 -8.66 13.67
CA ASN B 234 13.09 -9.27 12.87
C ASN B 234 13.51 -9.35 11.41
N LEU B 235 14.12 -8.29 10.90
CA LEU B 235 14.67 -8.13 9.56
C LEU B 235 15.84 -9.08 9.25
N ALA B 236 16.57 -9.44 10.29
CA ALA B 236 17.68 -10.36 10.22
C ALA B 236 17.24 -11.81 10.42
N GLY B 237 16.03 -12.04 10.93
CA GLY B 237 15.56 -13.39 11.20
C GLY B 237 16.12 -14.00 12.48
N LYS B 238 16.88 -13.19 13.28
CA LYS B 238 17.50 -13.63 14.53
C LYS B 238 16.62 -13.32 15.75
N PRO B 239 16.65 -14.20 16.78
CA PRO B 239 15.80 -13.96 17.96
C PRO B 239 16.12 -12.67 18.71
N VAL B 240 15.11 -12.10 19.36
CA VAL B 240 15.28 -10.90 20.17
C VAL B 240 14.50 -11.04 21.48
N VAL B 241 15.16 -10.74 22.61
CA VAL B 241 14.57 -10.89 23.95
C VAL B 241 14.34 -9.55 24.62
N CYS B 242 13.13 -9.31 25.13
CA CYS B 242 12.88 -8.10 25.89
C CYS B 242 13.08 -8.45 27.36
N ALA B 243 13.92 -7.66 28.06
CA ALA B 243 14.26 -7.96 29.43
C ALA B 243 14.11 -6.76 30.37
N THR B 244 14.07 -7.02 31.70
CA THR B 244 14.07 -6.09 32.85
C THR B 244 12.78 -5.31 33.13
N GLN B 245 12.28 -5.46 34.39
CA GLN B 245 11.14 -4.75 34.97
C GLN B 245 9.85 -4.87 34.17
N MET B 246 9.60 -6.03 33.55
CA MET B 246 8.37 -6.21 32.78
C MET B 246 7.13 -6.28 33.67
N LEU B 247 7.21 -7.04 34.77
CA LEU B 247 6.15 -7.17 35.78
C LEU B 247 6.79 -6.95 37.16
N GLU B 248 7.56 -5.86 37.27
CA GLU B 248 8.32 -5.50 38.47
C GLU B 248 7.50 -5.47 39.78
N SER B 249 6.30 -4.86 39.76
CA SER B 249 5.44 -4.77 40.94
C SER B 249 5.01 -6.15 41.48
N MET B 250 4.98 -7.16 40.61
CA MET B 250 4.61 -8.52 41.00
C MET B 250 5.62 -9.24 41.91
N ILE B 251 6.78 -8.60 42.18
CA ILE B 251 7.76 -9.13 43.11
C ILE B 251 7.15 -9.16 44.52
N THR B 252 6.38 -8.10 44.87
CA THR B 252 5.71 -7.95 46.15
C THR B 252 4.19 -8.16 46.08
N LYS B 253 3.53 -7.63 45.02
CA LYS B 253 2.08 -7.66 44.83
C LYS B 253 1.58 -8.82 43.94
N PRO B 254 0.35 -9.31 44.19
CA PRO B 254 -0.17 -10.43 43.38
C PRO B 254 -0.64 -10.04 41.96
N ARG B 255 -0.89 -8.75 41.73
CA ARG B 255 -1.35 -8.27 40.44
C ARG B 255 -0.46 -7.13 39.95
N PRO B 256 -0.18 -7.08 38.63
CA PRO B 256 0.71 -6.03 38.10
C PRO B 256 0.03 -4.69 37.86
N THR B 257 0.81 -3.69 37.48
CA THR B 257 0.28 -2.37 37.18
C THR B 257 -0.28 -2.35 35.75
N ARG B 258 -1.07 -1.31 35.42
CA ARG B 258 -1.62 -1.13 34.07
C ARG B 258 -0.50 -0.89 33.03
N ALA B 259 0.62 -0.27 33.45
CA ALA B 259 1.79 -0.02 32.63
C ALA B 259 2.61 -1.30 32.39
N GLU B 260 2.59 -2.23 33.35
CA GLU B 260 3.32 -3.47 33.24
C GLU B 260 2.66 -4.38 32.25
N THR B 261 1.33 -4.54 32.33
CA THR B 261 0.60 -5.34 31.34
C THR B 261 0.79 -4.74 29.94
N SER B 262 0.71 -3.39 29.85
CA SER B 262 0.93 -2.64 28.63
C SER B 262 2.31 -2.95 28.04
N ASP B 263 3.41 -2.77 28.80
CA ASP B 263 4.77 -3.04 28.35
C ASP B 263 4.95 -4.46 27.81
N VAL B 264 4.43 -5.47 28.53
CA VAL B 264 4.53 -6.87 28.12
C VAL B 264 3.84 -7.06 26.77
N ALA B 265 2.62 -6.56 26.65
CA ALA B 265 1.84 -6.65 25.43
C ALA B 265 2.51 -5.93 24.27
N ASN B 266 3.12 -4.78 24.55
CA ASN B 266 3.80 -3.99 23.55
C ASN B 266 5.08 -4.62 23.09
N ALA B 267 5.79 -5.35 23.96
CA ALA B 267 7.00 -6.05 23.55
C ALA B 267 6.64 -7.12 22.51
N VAL B 268 5.53 -7.85 22.73
CA VAL B 268 5.02 -8.84 21.80
C VAL B 268 4.60 -8.15 20.51
N LEU B 269 3.83 -7.07 20.60
CA LEU B 269 3.39 -6.30 19.44
C LEU B 269 4.56 -5.75 18.64
N ASP B 270 5.65 -5.37 19.32
CA ASP B 270 6.88 -4.88 18.69
C ASP B 270 7.54 -5.97 17.83
N GLY B 271 7.41 -7.22 18.26
CA GLY B 271 7.98 -8.34 17.52
C GLY B 271 9.05 -9.07 18.25
N ALA B 272 9.06 -9.00 19.58
CA ALA B 272 10.08 -9.70 20.37
C ALA B 272 9.80 -11.18 20.38
N ASP B 273 10.84 -12.00 20.20
CA ASP B 273 10.69 -13.43 20.21
C ASP B 273 10.50 -13.96 21.64
N CYS B 274 11.18 -13.32 22.63
CA CYS B 274 11.13 -13.72 24.02
C CYS B 274 10.80 -12.59 24.98
N ILE B 275 10.13 -12.92 26.09
CA ILE B 275 9.84 -12.00 27.19
C ILE B 275 10.53 -12.57 28.45
N MET B 276 11.05 -11.70 29.33
CA MET B 276 11.81 -12.19 30.47
C MET B 276 11.42 -11.64 31.84
N LEU B 277 11.58 -12.51 32.86
CA LEU B 277 11.32 -12.17 34.25
C LEU B 277 12.62 -12.34 35.04
N SER B 278 13.03 -11.31 35.78
CA SER B 278 14.26 -11.38 36.58
C SER B 278 13.92 -11.61 38.07
N GLY B 279 13.93 -10.54 38.88
CA GLY B 279 13.58 -10.62 40.29
C GLY B 279 12.15 -11.10 40.53
N GLU B 280 11.28 -10.89 39.53
CA GLU B 280 9.89 -11.30 39.53
C GLU B 280 9.76 -12.81 39.83
N THR B 281 10.66 -13.61 39.30
CA THR B 281 10.65 -15.06 39.52
C THR B 281 11.79 -15.55 40.40
N ALA B 282 12.90 -14.80 40.42
CA ALA B 282 14.07 -15.17 41.21
C ALA B 282 13.94 -14.91 42.73
N LYS B 283 13.41 -13.75 43.12
CA LYS B 283 13.31 -13.41 44.55
C LYS B 283 11.91 -12.89 44.99
N GLY B 284 10.92 -12.95 44.08
CA GLY B 284 9.58 -12.46 44.36
C GLY B 284 8.68 -13.45 45.06
N ASN B 285 7.59 -12.96 45.65
CA ASN B 285 6.61 -13.79 46.35
C ASN B 285 5.64 -14.50 45.39
N PHE B 286 5.57 -14.04 44.13
CA PHE B 286 4.66 -14.62 43.16
C PHE B 286 5.43 -15.04 41.89
N PRO B 287 6.21 -16.15 41.97
CA PRO B 287 6.97 -16.55 40.79
C PRO B 287 6.10 -17.20 39.72
N VAL B 288 5.27 -18.19 40.12
CA VAL B 288 4.38 -18.89 39.20
C VAL B 288 3.32 -17.94 38.64
N GLU B 289 2.82 -17.05 39.49
CA GLU B 289 1.80 -16.06 39.13
C GLU B 289 2.32 -15.06 38.10
N ALA B 290 3.61 -14.73 38.13
CA ALA B 290 4.23 -13.84 37.15
C ALA B 290 4.37 -14.54 35.79
N VAL B 291 4.68 -15.85 35.82
CA VAL B 291 4.81 -16.67 34.62
C VAL B 291 3.44 -16.80 33.96
N LYS B 292 2.41 -17.11 34.76
CA LYS B 292 1.04 -17.24 34.29
C LYS B 292 0.55 -15.93 33.72
N MET B 293 0.89 -14.80 34.37
CA MET B 293 0.47 -13.48 33.90
C MET B 293 1.16 -13.13 32.60
N GLN B 294 2.47 -13.38 32.50
CA GLN B 294 3.20 -13.11 31.24
C GLN B 294 2.63 -13.94 30.10
N HIS B 295 2.22 -15.18 30.38
CA HIS B 295 1.61 -16.07 29.41
C HIS B 295 0.27 -15.51 28.93
N ALA B 296 -0.56 -15.05 29.87
CA ALA B 296 -1.88 -14.52 29.58
C ALA B 296 -1.83 -13.31 28.67
N ILE B 297 -0.93 -12.35 28.97
CA ILE B 297 -0.76 -11.13 28.19
C ILE B 297 -0.23 -11.45 26.79
N ALA B 298 0.82 -12.30 26.73
CA ALA B 298 1.45 -12.68 25.46
C ALA B 298 0.47 -13.34 24.52
N ARG B 299 -0.39 -14.21 25.05
CA ARG B 299 -1.39 -14.90 24.24
C ARG B 299 -2.36 -13.91 23.60
N GLU B 300 -2.82 -12.90 24.36
CA GLU B 300 -3.73 -11.85 23.88
C GLU B 300 -3.07 -10.94 22.87
N ALA B 301 -1.80 -10.61 23.10
CA ALA B 301 -1.05 -9.72 22.21
C ALA B 301 -0.72 -10.34 20.87
N GLU B 302 -0.55 -11.65 20.83
CA GLU B 302 -0.28 -12.35 19.60
C GLU B 302 -1.46 -12.36 18.64
N ALA B 303 -2.68 -12.46 19.20
CA ALA B 303 -3.90 -12.40 18.39
C ALA B 303 -4.09 -10.97 17.84
N ALA B 304 -3.63 -9.94 18.59
CA ALA B 304 -3.72 -8.55 18.16
C ALA B 304 -2.63 -8.12 17.16
N VAL B 305 -1.81 -9.07 16.68
CA VAL B 305 -0.76 -8.74 15.73
C VAL B 305 -1.37 -8.59 14.34
N TYR B 306 -1.04 -7.51 13.64
CA TYR B 306 -1.53 -7.24 12.30
C TYR B 306 -0.65 -7.97 11.28
N HIS B 307 -0.84 -9.29 11.19
CA HIS B 307 -0.10 -10.18 10.30
C HIS B 307 -0.19 -9.78 8.83
N ARG B 308 -1.29 -9.15 8.40
CA ARG B 308 -1.47 -8.75 7.01
C ARG B 308 -0.34 -7.84 6.50
N GLN B 309 -0.01 -6.80 7.27
CA GLN B 309 1.09 -5.91 6.89
C GLN B 309 2.43 -6.45 7.36
N LEU B 310 2.45 -7.13 8.51
CA LEU B 310 3.66 -7.72 9.05
C LEU B 310 4.30 -8.71 8.07
N PHE B 311 3.50 -9.65 7.53
CA PHE B 311 3.97 -10.65 6.58
C PHE B 311 4.37 -10.01 5.26
N GLU B 312 3.57 -9.05 4.77
CA GLU B 312 3.88 -8.38 3.53
C GLU B 312 5.20 -7.62 3.62
N GLU B 313 5.42 -6.93 4.74
CA GLU B 313 6.64 -6.17 4.94
C GLU B 313 7.84 -7.07 5.15
N LEU B 314 7.66 -8.16 5.92
CA LEU B 314 8.73 -9.12 6.19
C LEU B 314 9.16 -9.84 4.93
N ARG B 315 8.19 -10.15 4.05
CA ARG B 315 8.43 -10.82 2.78
C ARG B 315 9.12 -9.86 1.82
N ARG B 316 8.64 -8.61 1.74
CA ARG B 316 9.21 -7.59 0.87
C ARG B 316 10.64 -7.28 1.26
N ALA B 317 10.92 -7.22 2.57
CA ALA B 317 12.25 -6.91 3.09
C ALA B 317 13.25 -8.06 2.95
N ALA B 318 12.77 -9.31 3.03
CA ALA B 318 13.65 -10.47 2.93
C ALA B 318 14.23 -10.57 1.51
N PRO B 319 15.57 -10.78 1.42
CA PRO B 319 16.20 -10.89 0.10
C PRO B 319 15.85 -12.17 -0.63
N LEU B 320 15.98 -12.20 -1.97
CA LEU B 320 15.73 -13.44 -2.71
C LEU B 320 16.74 -14.50 -2.31
N SER B 321 16.34 -15.78 -2.37
CA SER B 321 17.26 -16.84 -1.96
C SER B 321 17.23 -18.04 -2.86
N ARG B 322 18.42 -18.60 -3.13
CA ARG B 322 18.56 -19.81 -3.93
CA ARG B 322 18.51 -19.82 -3.93
C ARG B 322 18.69 -21.06 -3.02
N ASP B 323 18.45 -20.90 -1.68
CA ASP B 323 18.50 -21.95 -0.66
C ASP B 323 17.09 -22.53 -0.54
N PRO B 324 16.92 -23.84 -0.83
CA PRO B 324 15.58 -24.44 -0.78
C PRO B 324 14.92 -24.44 0.59
N THR B 325 15.72 -24.41 1.66
CA THR B 325 15.20 -24.36 3.02
C THR B 325 14.44 -23.02 3.22
N GLU B 326 15.08 -21.95 2.76
CA GLU B 326 14.58 -20.60 2.81
C GLU B 326 13.35 -20.44 1.94
N VAL B 327 13.40 -20.95 0.68
CA VAL B 327 12.34 -20.88 -0.32
C VAL B 327 11.12 -21.67 0.13
N THR B 328 11.36 -22.83 0.76
CA THR B 328 10.28 -23.67 1.28
C THR B 328 9.59 -22.97 2.46
N ALA B 329 10.35 -22.26 3.30
CA ALA B 329 9.81 -21.53 4.43
C ALA B 329 8.77 -20.49 3.99
N ILE B 330 9.10 -19.60 3.02
CA ILE B 330 8.16 -18.57 2.55
C ILE B 330 6.94 -19.20 1.84
N GLY B 331 7.13 -20.32 1.17
CA GLY B 331 6.05 -21.00 0.49
C GLY B 331 5.10 -21.64 1.49
N ALA B 332 5.65 -22.18 2.60
CA ALA B 332 4.87 -22.84 3.65
C ALA B 332 4.09 -21.81 4.44
N VAL B 333 4.70 -20.68 4.75
CA VAL B 333 4.06 -19.59 5.49
C VAL B 333 2.96 -18.96 4.65
N GLU B 334 3.19 -18.83 3.33
CA GLU B 334 2.18 -18.31 2.41
C GLU B 334 0.99 -19.26 2.29
N ALA B 335 1.28 -20.57 2.18
CA ALA B 335 0.26 -21.62 2.10
C ALA B 335 -0.55 -21.72 3.40
N ALA B 336 0.11 -21.52 4.57
CA ALA B 336 -0.56 -21.59 5.86
C ALA B 336 -1.52 -20.44 6.06
N PHE B 337 -1.16 -19.25 5.59
CA PHE B 337 -2.02 -18.09 5.72
C PHE B 337 -3.27 -18.28 4.88
N LYS B 338 -3.10 -18.79 3.64
CA LYS B 338 -4.18 -19.03 2.66
C LYS B 338 -5.31 -19.90 3.21
N CYS B 339 -4.99 -20.94 3.95
CA CYS B 339 -6.01 -21.85 4.48
C CYS B 339 -6.27 -21.72 5.98
N CYS B 340 -5.50 -20.82 6.67
CA CYS B 340 -5.53 -20.66 8.12
C CYS B 340 -5.20 -21.96 8.78
N ALA B 341 -4.06 -22.54 8.35
CA ALA B 341 -3.52 -23.81 8.81
C ALA B 341 -3.33 -23.75 10.31
N ALA B 342 -3.76 -24.82 10.98
CA ALA B 342 -3.71 -25.02 12.43
C ALA B 342 -2.27 -24.94 12.95
N ALA B 343 -1.34 -25.48 12.17
CA ALA B 343 0.06 -25.57 12.51
C ALA B 343 0.91 -25.91 11.29
N ILE B 344 2.20 -25.56 11.36
CA ILE B 344 3.15 -25.93 10.34
C ILE B 344 4.09 -26.93 10.99
N ILE B 345 3.96 -28.22 10.68
CA ILE B 345 4.83 -29.24 11.24
C ILE B 345 6.09 -29.33 10.41
N VAL B 346 7.24 -29.03 11.03
CA VAL B 346 8.53 -29.09 10.34
C VAL B 346 9.46 -30.05 11.03
N LEU B 347 10.17 -30.88 10.28
CA LEU B 347 11.15 -31.80 10.87
C LEU B 347 12.44 -31.10 10.82
N THR B 348 13.08 -30.95 11.97
CA THR B 348 14.35 -30.23 12.04
C THR B 348 15.41 -31.00 12.84
N THR B 349 16.67 -30.58 12.72
CA THR B 349 17.77 -31.26 13.38
C THR B 349 18.59 -30.25 14.16
N THR B 350 18.89 -29.13 13.51
CA THR B 350 19.59 -28.01 14.11
C THR B 350 18.61 -26.89 14.52
N GLY B 351 17.35 -26.96 14.11
CA GLY B 351 16.34 -25.94 14.39
C GLY B 351 16.27 -24.85 13.35
N ARG B 352 17.14 -24.92 12.32
CA ARG B 352 17.23 -23.92 11.26
C ARG B 352 15.97 -23.82 10.44
N SER B 353 15.40 -24.96 10.02
CA SER B 353 14.17 -24.98 9.23
C SER B 353 13.02 -24.29 9.99
N ALA B 354 12.93 -24.55 11.30
CA ALA B 354 11.91 -23.95 12.12
C ALA B 354 12.18 -22.46 12.25
N GLN B 355 13.44 -22.04 12.43
CA GLN B 355 13.81 -20.62 12.58
C GLN B 355 13.42 -19.86 11.34
N LEU B 356 13.72 -20.42 10.16
CA LEU B 356 13.37 -19.80 8.88
C LEU B 356 11.88 -19.66 8.66
N LEU B 357 11.08 -20.56 9.25
CA LEU B 357 9.62 -20.45 9.16
C LEU B 357 9.16 -19.31 10.09
N SER B 358 9.76 -19.24 11.30
CA SER B 358 9.47 -18.25 12.35
C SER B 358 9.70 -16.81 11.89
N ARG B 359 10.78 -16.57 11.11
CA ARG B 359 11.13 -15.23 10.63
C ARG B 359 10.03 -14.58 9.82
N TYR B 360 9.22 -15.40 9.11
CA TYR B 360 8.11 -14.88 8.32
C TYR B 360 6.83 -14.61 9.13
N ARG B 361 6.90 -14.85 10.44
CA ARG B 361 5.85 -14.60 11.42
C ARG B 361 4.47 -15.11 11.02
N PRO B 362 4.31 -16.44 10.91
CA PRO B 362 2.99 -16.97 10.59
C PRO B 362 2.02 -16.96 11.77
N ARG B 363 0.72 -17.00 11.48
CA ARG B 363 -0.29 -17.13 12.52
C ARG B 363 -0.31 -18.61 13.02
N ALA B 364 0.04 -19.57 12.12
CA ALA B 364 0.12 -21.00 12.42
C ALA B 364 1.29 -21.29 13.35
N ALA B 365 1.12 -22.31 14.18
CA ALA B 365 2.13 -22.71 15.15
C ALA B 365 3.18 -23.56 14.48
N VAL B 366 4.45 -23.15 14.57
CA VAL B 366 5.51 -23.93 13.96
C VAL B 366 5.90 -25.06 14.89
N ILE B 367 5.33 -26.26 14.66
CA ILE B 367 5.63 -27.44 15.45
C ILE B 367 6.89 -28.11 14.92
N ALA B 368 8.00 -27.98 15.65
CA ALA B 368 9.28 -28.54 15.26
C ALA B 368 9.45 -29.91 15.85
N VAL B 369 9.73 -30.90 15.04
CA VAL B 369 9.88 -32.29 15.48
C VAL B 369 11.33 -32.67 15.30
N THR B 370 12.05 -32.82 16.42
CA THR B 370 13.48 -33.13 16.33
C THR B 370 13.93 -34.26 17.23
N ARG B 371 14.95 -34.97 16.75
CA ARG B 371 15.57 -35.99 17.59
C ARG B 371 16.65 -35.36 18.54
N SER B 372 17.08 -34.09 18.27
CA SER B 372 18.09 -33.37 19.03
C SER B 372 17.48 -32.71 20.23
N ALA B 373 17.98 -33.09 21.41
CA ALA B 373 17.49 -32.56 22.67
C ALA B 373 17.87 -31.11 22.82
N GLN B 374 19.10 -30.75 22.40
CA GLN B 374 19.66 -29.41 22.47
C GLN B 374 18.89 -28.48 21.54
N ALA B 375 18.69 -28.90 20.26
CA ALA B 375 17.96 -28.10 19.29
C ALA B 375 16.54 -27.86 19.74
N ALA B 376 15.90 -28.87 20.33
CA ALA B 376 14.55 -28.73 20.86
C ALA B 376 14.50 -27.65 21.98
N ARG B 377 15.51 -27.62 22.86
CA ARG B 377 15.56 -26.62 23.92
C ARG B 377 15.82 -25.24 23.34
N GLN B 378 16.82 -25.14 22.46
CA GLN B 378 17.25 -23.88 21.83
C GLN B 378 16.21 -23.23 20.95
N VAL B 379 15.41 -24.03 20.24
CA VAL B 379 14.38 -23.54 19.33
C VAL B 379 13.27 -22.71 20.05
N HIS B 380 13.33 -22.62 21.40
CA HIS B 380 12.43 -21.76 22.16
C HIS B 380 12.78 -20.29 21.92
N LEU B 381 14.04 -19.99 21.54
CA LEU B 381 14.44 -18.62 21.25
C LEU B 381 13.67 -18.06 20.05
N CYS B 382 13.13 -18.91 19.17
CA CYS B 382 12.34 -18.45 18.04
C CYS B 382 10.89 -18.45 18.38
N ARG B 383 10.23 -17.33 18.06
CA ARG B 383 8.83 -17.13 18.33
C ARG B 383 7.94 -18.07 17.50
N GLY B 384 6.98 -18.67 18.17
CA GLY B 384 6.03 -19.57 17.54
C GLY B 384 6.55 -20.96 17.27
N VAL B 385 7.73 -21.31 17.80
CA VAL B 385 8.26 -22.66 17.58
C VAL B 385 8.01 -23.53 18.78
N PHE B 386 7.25 -24.61 18.57
CA PHE B 386 6.80 -25.57 19.57
C PHE B 386 7.54 -26.89 19.40
N PRO B 387 8.63 -27.08 20.16
CA PRO B 387 9.44 -28.28 19.96
C PRO B 387 8.95 -29.57 20.58
N LEU B 388 9.20 -30.64 19.84
CA LEU B 388 8.88 -32.01 20.21
C LEU B 388 10.12 -32.88 20.10
N LEU B 389 10.49 -33.51 21.22
CA LEU B 389 11.62 -34.42 21.22
C LEU B 389 11.16 -35.81 20.87
N TYR B 390 11.62 -36.30 19.72
CA TYR B 390 11.24 -37.61 19.22
C TYR B 390 12.18 -38.67 19.76
N ARG B 391 11.70 -39.40 20.75
CA ARG B 391 12.50 -40.42 21.41
C ARG B 391 12.36 -41.81 20.77
N GLU B 392 11.34 -42.03 19.93
CA GLU B 392 11.12 -43.33 19.29
C GLU B 392 12.29 -43.76 18.43
N PRO B 393 12.50 -45.09 18.31
CA PRO B 393 13.67 -45.57 17.56
C PRO B 393 13.56 -45.42 16.05
N PRO B 394 14.71 -45.23 15.39
CA PRO B 394 14.68 -45.05 13.93
C PRO B 394 14.17 -46.27 13.19
N GLU B 395 13.25 -46.07 12.24
CA GLU B 395 12.73 -47.17 11.41
C GLU B 395 13.74 -47.52 10.31
N ALA B 396 13.67 -48.75 9.81
CA ALA B 396 14.59 -49.24 8.76
C ALA B 396 14.53 -48.41 7.48
N ILE B 397 13.31 -47.99 7.10
CA ILE B 397 13.11 -47.18 5.91
C ILE B 397 13.01 -45.74 6.37
N TRP B 398 13.87 -44.87 5.81
CA TRP B 398 13.89 -43.46 6.18
C TRP B 398 12.58 -42.77 5.89
N ALA B 399 11.96 -43.00 4.72
CA ALA B 399 10.67 -42.40 4.39
C ALA B 399 9.59 -42.78 5.40
N ASP B 400 9.66 -44.01 5.91
CA ASP B 400 8.74 -44.48 6.93
C ASP B 400 8.98 -43.71 8.23
N ASP B 401 10.26 -43.50 8.59
CA ASP B 401 10.71 -42.77 9.76
C ASP B 401 10.30 -41.33 9.71
N VAL B 402 10.38 -40.70 8.54
CA VAL B 402 9.93 -39.34 8.31
C VAL B 402 8.43 -39.25 8.56
N ASP B 403 7.64 -40.20 8.02
CA ASP B 403 6.19 -40.18 8.21
C ASP B 403 5.77 -40.49 9.63
N ARG B 404 6.52 -41.37 10.29
CA ARG B 404 6.27 -41.71 11.67
C ARG B 404 6.57 -40.47 12.54
N ARG B 405 7.66 -39.75 12.26
CA ARG B 405 7.98 -38.50 12.93
C ARG B 405 6.93 -37.40 12.63
N VAL B 406 6.44 -37.27 11.37
CA VAL B 406 5.43 -36.29 10.94
C VAL B 406 4.13 -36.53 11.72
N GLN B 407 3.73 -37.81 11.84
CA GLN B 407 2.56 -38.24 12.58
C GLN B 407 2.71 -38.07 14.09
N PHE B 408 3.95 -38.06 14.60
CA PHE B 408 4.28 -37.76 16.00
C PHE B 408 3.90 -36.32 16.31
N GLY B 409 4.22 -35.41 15.41
CA GLY B 409 3.84 -34.00 15.52
C GLY B 409 2.33 -33.85 15.52
N ILE B 410 1.64 -34.54 14.60
CA ILE B 410 0.18 -34.51 14.56
C ILE B 410 -0.45 -35.07 15.82
N GLU B 411 0.04 -36.22 16.30
CA GLU B 411 -0.45 -36.86 17.52
C GLU B 411 -0.28 -35.93 18.72
N SER B 412 0.92 -35.31 18.87
CA SER B 412 1.25 -34.39 19.95
C SER B 412 0.39 -33.12 19.91
N GLY B 413 0.28 -32.49 18.75
CA GLY B 413 -0.48 -31.26 18.62
C GLY B 413 -1.95 -31.50 18.86
N LYS B 414 -2.46 -32.59 18.28
CA LYS B 414 -3.86 -32.98 18.44
C LYS B 414 -4.19 -33.22 19.93
N LEU B 415 -3.22 -33.79 20.68
CA LEU B 415 -3.35 -34.06 22.12
C LEU B 415 -3.36 -32.76 22.93
N ARG B 416 -2.47 -31.83 22.58
CA ARG B 416 -2.30 -30.54 23.26
C ARG B 416 -3.29 -29.45 22.84
N GLY B 417 -4.28 -29.78 22.01
CA GLY B 417 -5.28 -28.82 21.58
C GLY B 417 -4.98 -28.05 20.32
N PHE B 418 -3.75 -28.15 19.81
CA PHE B 418 -3.30 -27.46 18.60
C PHE B 418 -4.08 -27.90 17.39
N LEU B 419 -4.44 -29.21 17.32
CA LEU B 419 -5.10 -29.79 16.18
C LEU B 419 -6.36 -30.53 16.49
N ARG B 420 -7.27 -30.50 15.52
CA ARG B 420 -8.51 -31.23 15.51
C ARG B 420 -8.60 -31.93 14.15
N VAL B 421 -9.35 -33.03 14.09
CA VAL B 421 -9.53 -33.76 12.84
C VAL B 421 -10.25 -32.85 11.81
N GLY B 422 -9.86 -32.98 10.55
CA GLY B 422 -10.41 -32.13 9.51
C GLY B 422 -9.66 -30.81 9.34
N ASP B 423 -8.78 -30.46 10.27
CA ASP B 423 -7.97 -29.25 10.15
C ASP B 423 -6.91 -29.42 9.05
N LEU B 424 -6.33 -28.31 8.58
CA LEU B 424 -5.27 -28.36 7.59
C LEU B 424 -3.94 -27.99 8.24
N VAL B 425 -2.89 -28.70 7.88
CA VAL B 425 -1.56 -28.40 8.36
C VAL B 425 -0.58 -28.37 7.20
N ILE B 426 0.47 -27.56 7.34
CA ILE B 426 1.50 -27.50 6.32
C ILE B 426 2.64 -28.34 6.86
N VAL B 427 3.09 -29.33 6.10
CA VAL B 427 4.16 -30.21 6.55
C VAL B 427 5.45 -29.93 5.77
N VAL B 428 6.52 -29.56 6.50
CA VAL B 428 7.81 -29.21 5.93
C VAL B 428 8.86 -30.28 6.20
N THR B 429 9.34 -30.91 5.11
CA THR B 429 10.30 -32.02 5.10
C THR B 429 11.45 -31.80 4.08
N GLY B 430 12.38 -32.75 4.00
CA GLY B 430 13.51 -32.67 3.08
C GLY B 430 13.65 -33.93 2.28
N TRP B 431 14.39 -33.84 1.16
CA TRP B 431 14.53 -34.95 0.19
C TRP B 431 15.47 -36.09 0.58
N ARG B 432 16.41 -35.82 1.48
CA ARG B 432 17.32 -36.84 1.99
C ARG B 432 17.59 -36.53 3.47
N PRO B 433 18.00 -37.53 4.27
CA PRO B 433 18.27 -37.26 5.70
C PRO B 433 19.54 -36.45 5.92
N GLY B 434 19.57 -35.69 6.98
CA GLY B 434 20.67 -34.81 7.30
C GLY B 434 20.21 -33.37 7.19
N SER B 435 20.82 -32.49 7.97
CA SER B 435 20.48 -31.06 8.00
C SER B 435 20.67 -30.33 6.68
N GLY B 436 19.87 -29.28 6.51
CA GLY B 436 19.96 -28.38 5.37
C GLY B 436 19.55 -28.94 4.04
N TYR B 437 18.69 -29.96 4.06
CA TYR B 437 18.13 -30.54 2.83
C TYR B 437 16.63 -30.33 2.73
N THR B 438 16.04 -29.46 3.55
CA THR B 438 14.63 -29.16 3.54
C THR B 438 14.24 -28.57 2.20
N ASN B 439 13.16 -29.04 1.60
CA ASN B 439 12.74 -28.54 0.29
C ASN B 439 11.29 -28.89 -0.07
N ILE B 440 10.56 -29.55 0.82
CA ILE B 440 9.19 -29.97 0.53
C ILE B 440 8.18 -29.31 1.47
N MET B 441 7.08 -28.86 0.91
CA MET B 441 5.96 -28.38 1.70
C MET B 441 4.72 -29.10 1.19
N ARG B 442 3.98 -29.72 2.09
CA ARG B 442 2.86 -30.55 1.69
C ARG B 442 1.63 -30.26 2.57
N VAL B 443 0.49 -30.01 1.91
CA VAL B 443 -0.80 -29.68 2.52
C VAL B 443 -1.53 -30.95 2.96
N LEU B 444 -1.53 -31.20 4.27
CA LEU B 444 -2.14 -32.35 4.91
C LEU B 444 -3.47 -31.99 5.54
N SER B 445 -4.42 -32.92 5.45
CA SER B 445 -5.70 -32.77 6.10
C SER B 445 -5.67 -33.76 7.26
N ILE B 446 -5.88 -33.24 8.48
CA ILE B 446 -5.79 -34.02 9.70
C ILE B 446 -6.78 -35.19 9.78
N SER B 447 -6.17 -36.37 10.08
CA SER B 447 -6.75 -37.68 10.27
C SER B 447 -7.64 -38.08 9.12
N LEU C 18 -39.97 12.03 -2.29
CA LEU C 18 -40.26 10.65 -2.68
C LEU C 18 -39.16 10.13 -3.62
N THR C 19 -38.28 9.19 -3.13
CA THR C 19 -37.12 8.65 -3.87
C THR C 19 -36.16 9.83 -4.14
N GLN C 20 -35.73 10.42 -3.03
CA GLN C 20 -34.88 11.59 -2.93
C GLN C 20 -33.40 11.34 -3.20
N GLU C 21 -33.06 10.17 -3.75
CA GLU C 21 -31.65 9.86 -4.01
C GLU C 21 -31.17 10.34 -5.36
N LEU C 22 -31.05 11.65 -5.52
CA LEU C 22 -30.49 12.23 -6.74
C LEU C 22 -28.94 12.30 -6.72
N GLY C 23 -28.35 12.06 -5.54
CA GLY C 23 -26.93 11.90 -5.29
C GLY C 23 -26.50 10.46 -5.49
N THR C 24 -27.47 9.56 -5.83
CA THR C 24 -27.27 8.18 -6.24
C THR C 24 -26.87 8.24 -7.73
N ALA C 25 -27.52 9.11 -8.55
CA ALA C 25 -27.17 9.34 -9.95
C ALA C 25 -25.70 9.81 -10.02
N PHE C 26 -25.30 10.80 -9.18
CA PHE C 26 -23.87 11.15 -9.03
C PHE C 26 -23.29 9.97 -8.21
N PHE C 27 -21.97 9.81 -8.17
CA PHE C 27 -21.37 8.66 -7.46
C PHE C 27 -21.60 7.32 -8.22
N GLN C 28 -22.50 7.32 -9.23
CA GLN C 28 -22.76 6.26 -10.18
C GLN C 28 -22.33 6.75 -11.60
N GLN C 29 -22.12 8.08 -11.81
CA GLN C 29 -21.60 8.57 -13.08
C GLN C 29 -20.05 8.81 -13.00
N GLN C 30 -19.41 9.01 -14.18
CA GLN C 30 -17.98 9.25 -14.43
C GLN C 30 -17.05 8.29 -13.66
N GLN C 31 -17.38 6.99 -13.69
CA GLN C 31 -16.65 5.89 -13.06
C GLN C 31 -16.32 6.13 -11.60
N LEU C 32 -17.20 6.84 -10.88
CA LEU C 32 -16.97 7.12 -9.46
C LEU C 32 -16.97 5.85 -8.61
N PRO C 33 -17.83 4.81 -8.83
CA PRO C 33 -17.70 3.58 -8.02
C PRO C 33 -16.36 2.91 -8.26
N ALA C 34 -15.88 2.92 -9.53
CA ALA C 34 -14.62 2.31 -9.93
C ALA C 34 -13.44 3.04 -9.34
N ALA C 35 -13.53 4.38 -9.23
CA ALA C 35 -12.50 5.24 -8.68
C ALA C 35 -12.35 5.09 -7.13
N MET C 36 -13.45 4.73 -6.43
CA MET C 36 -13.52 4.54 -4.97
C MET C 36 -12.91 3.23 -4.45
N ALA C 37 -12.66 2.27 -5.36
CA ALA C 37 -12.10 0.96 -5.03
C ALA C 37 -10.74 1.03 -4.32
N ASP C 38 -10.52 0.10 -3.39
CA ASP C 38 -9.29 0.05 -2.60
C ASP C 38 -8.11 -0.56 -3.36
N THR C 39 -8.38 -1.41 -4.35
CA THR C 39 -7.33 -2.00 -5.17
C THR C 39 -7.53 -1.70 -6.65
N PHE C 40 -6.46 -1.73 -7.44
CA PHE C 40 -6.53 -1.50 -8.89
C PHE C 40 -7.33 -2.62 -9.59
N LEU C 41 -7.25 -3.86 -9.08
CA LEU C 41 -8.01 -4.98 -9.61
C LEU C 41 -9.50 -4.71 -9.38
N GLU C 42 -9.86 -4.28 -8.17
CA GLU C 42 -11.23 -3.93 -7.82
C GLU C 42 -11.72 -2.77 -8.70
N HIS C 43 -10.83 -1.81 -9.00
CA HIS C 43 -11.10 -0.66 -9.85
C HIS C 43 -11.45 -1.17 -11.26
N LEU C 44 -10.65 -2.10 -11.79
CA LEU C 44 -10.87 -2.72 -13.09
C LEU C 44 -12.19 -3.47 -13.15
N CYS C 45 -12.53 -4.17 -12.06
CA CYS C 45 -13.78 -4.90 -11.96
C CYS C 45 -14.99 -3.98 -11.85
N LEU C 46 -14.81 -2.76 -11.31
CA LEU C 46 -15.89 -1.81 -11.13
C LEU C 46 -16.15 -0.88 -12.32
N LEU C 47 -15.38 -1.00 -13.41
CA LEU C 47 -15.59 -0.16 -14.58
C LEU C 47 -16.96 -0.48 -15.21
N ASP C 48 -17.74 0.58 -15.50
CA ASP C 48 -19.11 0.46 -16.01
C ASP C 48 -19.32 1.15 -17.34
N ILE C 49 -19.85 0.44 -18.34
CA ILE C 49 -20.16 1.03 -19.66
C ILE C 49 -21.33 2.03 -19.57
N ASP C 50 -22.25 1.83 -18.61
CA ASP C 50 -23.39 2.70 -18.38
C ASP C 50 -23.06 3.96 -17.52
N SER C 51 -21.87 4.00 -16.92
CA SER C 51 -21.43 5.15 -16.14
C SER C 51 -20.91 6.18 -17.10
N GLU C 52 -21.78 7.11 -17.50
CA GLU C 52 -21.42 8.14 -18.46
C GLU C 52 -20.46 9.15 -17.87
N PRO C 53 -19.46 9.57 -18.66
CA PRO C 53 -18.52 10.58 -18.14
C PRO C 53 -19.16 11.98 -18.13
N VAL C 54 -18.94 12.75 -17.05
CA VAL C 54 -19.55 14.07 -16.96
C VAL C 54 -18.52 15.21 -17.02
N ALA C 55 -17.30 14.96 -16.56
CA ALA C 55 -16.25 15.98 -16.55
C ALA C 55 -15.81 16.41 -17.96
N ALA C 56 -15.21 17.61 -18.07
CA ALA C 56 -14.72 18.11 -19.33
C ALA C 56 -13.46 17.35 -19.77
N ARG C 57 -13.25 17.22 -21.07
CA ARG C 57 -12.13 16.48 -21.63
C ARG C 57 -10.79 17.18 -21.41
N SER C 58 -9.95 16.56 -20.58
CA SER C 58 -8.63 17.01 -20.15
C SER C 58 -7.52 16.91 -21.21
N THR C 59 -7.21 15.68 -21.70
CA THR C 59 -6.15 15.40 -22.67
C THR C 59 -6.35 16.20 -23.94
N SER C 60 -5.48 17.18 -24.17
CA SER C 60 -5.61 18.03 -25.34
C SER C 60 -5.38 17.28 -26.65
N ILE C 61 -6.09 17.71 -27.70
CA ILE C 61 -6.00 17.12 -29.01
C ILE C 61 -5.19 18.00 -29.95
N ILE C 62 -4.17 17.42 -30.59
CA ILE C 62 -3.35 18.14 -31.56
C ILE C 62 -3.74 17.66 -32.95
N ALA C 63 -4.24 18.55 -33.81
CA ALA C 63 -4.64 18.16 -35.15
C ALA C 63 -3.68 18.70 -36.19
N THR C 64 -3.15 17.82 -37.04
CA THR C 64 -2.24 18.22 -38.09
C THR C 64 -3.05 18.86 -39.20
N ILE C 65 -2.74 20.10 -39.53
CA ILE C 65 -3.45 20.85 -40.56
C ILE C 65 -2.86 20.60 -41.94
N GLY C 66 -3.72 20.14 -42.83
CA GLY C 66 -3.36 19.88 -44.22
C GLY C 66 -4.50 20.23 -45.16
N PRO C 67 -4.46 19.72 -46.41
CA PRO C 67 -5.53 20.03 -47.38
C PRO C 67 -6.96 19.73 -46.91
N ALA C 68 -7.16 18.64 -46.18
CA ALA C 68 -8.47 18.26 -45.67
C ALA C 68 -8.96 19.15 -44.51
N SER C 69 -8.04 19.86 -43.83
CA SER C 69 -8.38 20.69 -42.68
C SER C 69 -7.91 22.14 -42.80
N ARG C 70 -7.70 22.64 -44.03
CA ARG C 70 -7.20 24.00 -44.23
C ARG C 70 -8.27 25.08 -44.32
N SER C 71 -9.45 24.76 -44.88
CA SER C 71 -10.54 25.72 -45.02
C SER C 71 -10.96 26.27 -43.65
N VAL C 72 -11.17 27.60 -43.57
CA VAL C 72 -11.60 28.32 -42.36
C VAL C 72 -12.94 27.76 -41.86
N GLU C 73 -13.84 27.42 -42.81
CA GLU C 73 -15.15 26.84 -42.58
C GLU C 73 -15.03 25.51 -41.81
N ARG C 74 -14.15 24.59 -42.27
CA ARG C 74 -13.93 23.30 -41.62
C ARG C 74 -13.11 23.43 -40.34
N LEU C 75 -12.18 24.39 -40.29
CA LEU C 75 -11.38 24.65 -39.10
C LEU C 75 -12.26 25.06 -37.93
N LYS C 76 -13.31 25.87 -38.20
CA LYS C 76 -14.28 26.30 -37.20
C LYS C 76 -15.03 25.10 -36.64
N GLU C 77 -15.32 24.08 -37.48
CA GLU C 77 -16.00 22.87 -37.04
CA GLU C 77 -16.01 22.89 -37.01
C GLU C 77 -15.08 22.05 -36.13
N MET C 78 -13.77 22.00 -36.45
CA MET C 78 -12.72 21.29 -35.70
C MET C 78 -12.53 21.90 -34.31
N ILE C 79 -12.64 23.23 -34.22
CA ILE C 79 -12.53 23.99 -32.98
C ILE C 79 -13.72 23.64 -32.09
N LYS C 80 -14.93 23.61 -32.68
CA LYS C 80 -16.15 23.23 -31.98
C LYS C 80 -16.12 21.76 -31.53
N ALA C 81 -15.42 20.90 -32.30
CA ALA C 81 -15.22 19.47 -32.03
C ALA C 81 -14.17 19.18 -30.95
N GLY C 82 -13.38 20.18 -30.56
CA GLY C 82 -12.40 20.03 -29.49
C GLY C 82 -10.94 20.01 -29.88
N MET C 83 -10.54 20.67 -30.97
CA MET C 83 -9.13 20.74 -31.34
C MET C 83 -8.49 21.80 -30.44
N ASN C 84 -7.39 21.46 -29.77
CA ASN C 84 -6.74 22.39 -28.86
C ASN C 84 -5.49 22.98 -29.46
N ILE C 85 -4.75 22.18 -30.22
CA ILE C 85 -3.51 22.63 -30.84
C ILE C 85 -3.54 22.29 -32.32
N ALA C 86 -2.98 23.17 -33.15
CA ALA C 86 -2.93 22.96 -34.59
C ALA C 86 -1.50 22.73 -35.01
N ARG C 87 -1.20 21.54 -35.53
CA ARG C 87 0.14 21.17 -35.96
C ARG C 87 0.41 21.52 -37.43
N LEU C 88 1.56 22.14 -37.70
CA LEU C 88 1.99 22.51 -39.04
C LEU C 88 3.21 21.65 -39.36
N ASN C 89 3.04 20.59 -40.17
CA ASN C 89 4.17 19.71 -40.50
C ASN C 89 5.04 20.37 -41.54
N PHE C 90 6.23 20.82 -41.15
CA PHE C 90 7.13 21.50 -42.08
C PHE C 90 7.93 20.52 -42.98
N SER C 91 7.68 19.20 -42.86
CA SER C 91 8.27 18.21 -43.77
C SER C 91 7.65 18.37 -45.17
N HIS C 92 6.38 18.81 -45.25
CA HIS C 92 5.65 19.10 -46.48
C HIS C 92 5.13 20.52 -46.36
N GLY C 93 5.16 21.28 -47.45
CA GLY C 93 4.60 22.63 -47.47
C GLY C 93 5.61 23.76 -47.47
N SER C 94 5.30 24.80 -48.24
CA SER C 94 6.12 26.00 -48.39
C SER C 94 5.84 27.02 -47.28
N HIS C 95 6.74 28.01 -47.10
CA HIS C 95 6.52 29.06 -46.10
C HIS C 95 5.24 29.84 -46.40
N GLU C 96 4.87 30.00 -47.67
CA GLU C 96 3.65 30.70 -48.08
C GLU C 96 2.42 29.88 -47.70
N TYR C 97 2.49 28.54 -47.84
CA TYR C 97 1.42 27.61 -47.52
C TYR C 97 1.12 27.63 -46.02
N HIS C 98 2.17 27.60 -45.18
CA HIS C 98 2.05 27.58 -43.72
C HIS C 98 1.58 28.90 -43.15
N ALA C 99 1.96 30.02 -43.79
CA ALA C 99 1.50 31.33 -43.35
C ALA C 99 0.00 31.46 -43.66
N GLU C 100 -0.45 30.96 -44.82
CA GLU C 100 -1.87 30.97 -45.16
C GLU C 100 -2.67 30.10 -44.17
N SER C 101 -2.07 28.98 -43.74
CA SER C 101 -2.69 28.09 -42.75
C SER C 101 -2.84 28.85 -41.43
N ILE C 102 -1.82 29.62 -41.03
CA ILE C 102 -1.84 30.43 -39.80
C ILE C 102 -2.99 31.46 -39.84
N ALA C 103 -3.22 32.06 -41.00
CA ALA C 103 -4.28 33.06 -41.13
C ALA C 103 -5.63 32.41 -41.10
N ASN C 104 -5.79 31.26 -41.77
CA ASN C 104 -7.04 30.51 -41.78
C ASN C 104 -7.39 29.98 -40.39
N VAL C 105 -6.37 29.59 -39.61
CA VAL C 105 -6.52 29.08 -38.26
C VAL C 105 -6.91 30.23 -37.31
N ARG C 106 -6.12 31.30 -37.27
CA ARG C 106 -6.37 32.46 -36.41
C ARG C 106 -7.68 33.16 -36.73
N GLU C 107 -8.09 33.15 -38.00
CA GLU C 107 -9.35 33.74 -38.45
C GLU C 107 -10.51 32.95 -37.86
N ALA C 108 -10.46 31.61 -37.96
CA ALA C 108 -11.48 30.70 -37.44
C ALA C 108 -11.55 30.71 -35.91
N VAL C 109 -10.40 30.95 -35.25
CA VAL C 109 -10.31 31.00 -33.79
C VAL C 109 -10.93 32.29 -33.28
N GLU C 110 -10.56 33.43 -33.89
CA GLU C 110 -11.08 34.71 -33.44
C GLU C 110 -12.54 34.97 -33.86
N SER C 111 -13.17 34.06 -34.61
CA SER C 111 -14.59 34.19 -34.94
C SER C 111 -15.47 33.98 -33.68
N PHE C 112 -15.00 33.17 -32.72
CA PHE C 112 -15.69 32.89 -31.47
C PHE C 112 -15.36 33.90 -30.35
N ALA C 113 -14.55 34.94 -30.64
CA ALA C 113 -14.13 35.94 -29.64
C ALA C 113 -15.22 36.88 -29.16
N GLY C 114 -16.39 36.85 -29.79
CA GLY C 114 -17.53 37.69 -29.42
C GLY C 114 -18.02 37.41 -28.01
N SER C 115 -17.98 36.15 -27.58
CA SER C 115 -18.39 35.75 -26.25
C SER C 115 -17.16 35.28 -25.48
N PRO C 116 -16.48 36.18 -24.75
CA PRO C 116 -15.27 35.77 -24.02
C PRO C 116 -15.49 34.69 -22.96
N LEU C 117 -16.72 34.59 -22.44
CA LEU C 117 -17.07 33.56 -21.48
C LEU C 117 -17.20 32.15 -22.11
N SER C 118 -17.16 32.05 -23.45
CA SER C 118 -17.16 30.77 -24.17
C SER C 118 -16.08 30.73 -25.31
N TYR C 119 -15.11 31.67 -25.30
CA TYR C 119 -14.05 31.72 -26.29
C TYR C 119 -13.02 30.64 -25.98
N ARG C 120 -12.68 29.81 -26.98
CA ARG C 120 -11.71 28.74 -26.81
C ARG C 120 -10.41 29.04 -27.56
N PRO C 121 -9.31 29.30 -26.83
CA PRO C 121 -8.04 29.59 -27.50
C PRO C 121 -7.41 28.34 -28.13
N VAL C 122 -6.67 28.49 -29.24
CA VAL C 122 -6.02 27.34 -29.89
C VAL C 122 -4.54 27.66 -30.07
N ALA C 123 -3.66 26.73 -29.67
CA ALA C 123 -2.21 26.94 -29.84
C ALA C 123 -1.75 26.57 -31.25
N ILE C 124 -0.67 27.18 -31.72
CA ILE C 124 -0.13 26.86 -33.04
C ILE C 124 1.26 26.27 -32.90
N ALA C 125 1.42 25.01 -33.31
CA ALA C 125 2.69 24.33 -33.19
C ALA C 125 3.36 24.12 -34.53
N LEU C 126 4.71 24.17 -34.55
CA LEU C 126 5.47 23.98 -35.77
C LEU C 126 6.24 22.68 -35.64
N ASP C 127 5.95 21.69 -36.48
CA ASP C 127 6.70 20.43 -36.42
C ASP C 127 7.83 20.52 -37.43
N THR C 128 9.09 20.56 -36.95
CA THR C 128 10.24 20.70 -37.84
C THR C 128 10.45 19.48 -38.77
N LYS C 129 11.22 19.69 -39.85
CA LYS C 129 11.50 18.62 -40.81
C LYS C 129 12.53 17.61 -40.27
N GLY C 130 13.47 18.08 -39.45
CA GLY C 130 14.49 17.23 -38.85
C GLY C 130 15.89 17.46 -39.37
N PRO C 131 16.92 17.02 -38.61
CA PRO C 131 18.31 17.21 -39.05
C PRO C 131 18.74 16.47 -40.32
N GLY C 132 17.83 15.72 -40.93
CA GLY C 132 18.03 15.01 -42.18
C GLY C 132 19.04 13.88 -42.14
N SER C 133 20.08 14.00 -42.96
CA SER C 133 21.10 12.97 -43.07
C SER C 133 22.43 13.38 -42.43
N GLY C 134 22.56 13.15 -41.13
CA GLY C 134 23.77 13.49 -40.41
C GLY C 134 23.54 14.47 -39.28
N PRO C 135 24.56 14.61 -38.40
CA PRO C 135 24.41 15.52 -37.24
C PRO C 135 24.32 17.02 -37.57
N GLY C 136 23.85 17.79 -36.60
CA GLY C 136 23.71 19.23 -36.70
C GLY C 136 22.30 19.65 -37.11
N LEU C 137 21.88 20.87 -36.72
CA LEU C 137 20.55 21.35 -37.08
C LEU C 137 20.49 21.62 -38.58
N SER C 138 19.45 21.09 -39.24
CA SER C 138 19.21 21.24 -40.68
C SER C 138 19.19 22.71 -41.12
N GLU C 139 19.69 23.02 -42.33
CA GLU C 139 19.66 24.40 -42.83
C GLU C 139 18.23 24.86 -43.06
N GLN C 140 17.37 23.97 -43.60
CA GLN C 140 15.97 24.29 -43.81
C GLN C 140 15.29 24.57 -42.46
N ASP C 141 15.64 23.79 -41.41
CA ASP C 141 15.14 23.93 -40.05
C ASP C 141 15.45 25.29 -39.45
N VAL C 142 16.61 25.86 -39.78
CA VAL C 142 16.98 27.18 -39.30
C VAL C 142 16.00 28.22 -39.85
N ARG C 143 15.68 28.12 -41.15
CA ARG C 143 14.73 29.03 -41.82
C ARG C 143 13.32 28.82 -41.26
N ASP C 144 12.94 27.54 -41.08
CA ASP C 144 11.64 27.13 -40.55
C ASP C 144 11.45 27.70 -39.15
N LEU C 145 12.48 27.62 -38.30
CA LEU C 145 12.42 28.11 -36.92
C LEU C 145 12.34 29.61 -36.86
N ARG C 146 13.08 30.30 -37.74
CA ARG C 146 13.02 31.77 -37.78
C ARG C 146 11.62 32.20 -38.24
N PHE C 147 11.01 31.46 -39.19
CA PHE C 147 9.66 31.71 -39.70
C PHE C 147 8.65 31.62 -38.58
N GLY C 148 8.75 30.57 -37.77
CA GLY C 148 7.84 30.33 -36.66
C GLY C 148 7.87 31.45 -35.64
N VAL C 149 9.08 31.94 -35.34
CA VAL C 149 9.29 33.04 -34.41
C VAL C 149 8.61 34.29 -34.95
N GLU C 150 8.85 34.59 -36.23
CA GLU C 150 8.25 35.73 -36.92
C GLU C 150 6.73 35.67 -37.01
N HIS C 151 6.19 34.46 -37.11
CA HIS C 151 4.76 34.27 -37.21
C HIS C 151 4.04 34.00 -35.89
N GLY C 152 4.75 34.10 -34.77
CA GLY C 152 4.16 33.93 -33.45
C GLY C 152 3.69 32.54 -33.05
N VAL C 153 4.42 31.49 -33.47
CA VAL C 153 4.03 30.13 -33.05
C VAL C 153 4.26 29.96 -31.55
N ASP C 154 3.47 29.09 -30.92
CA ASP C 154 3.55 28.89 -29.47
C ASP C 154 4.43 27.70 -29.11
N ILE C 155 4.35 26.62 -29.90
CA ILE C 155 5.09 25.40 -29.64
C ILE C 155 5.91 24.97 -30.85
N VAL C 156 7.05 24.30 -30.61
CA VAL C 156 7.90 23.75 -31.66
C VAL C 156 8.11 22.28 -31.36
N PHE C 157 7.75 21.41 -32.32
CA PHE C 157 7.99 19.99 -32.18
C PHE C 157 9.33 19.75 -32.86
N ALA C 158 10.40 19.61 -32.08
CA ALA C 158 11.73 19.41 -32.61
C ALA C 158 11.91 17.98 -33.08
N SER C 159 11.92 17.76 -34.39
CA SER C 159 12.05 16.43 -34.97
C SER C 159 13.45 15.87 -34.73
N PHE C 160 13.53 14.56 -34.46
CA PHE C 160 14.75 13.77 -34.25
C PHE C 160 15.75 14.38 -33.26
N VAL C 161 15.35 14.52 -32.00
CA VAL C 161 16.24 15.00 -30.95
C VAL C 161 16.98 13.76 -30.43
N ARG C 162 18.32 13.78 -30.39
CA ARG C 162 19.07 12.63 -29.91
C ARG C 162 19.91 12.91 -28.65
N LYS C 163 20.12 14.20 -28.31
CA LYS C 163 20.88 14.60 -27.13
C LYS C 163 20.47 16.03 -26.69
N ALA C 164 20.91 16.45 -25.49
CA ALA C 164 20.60 17.78 -24.95
C ALA C 164 21.18 18.93 -25.76
N SER C 165 22.24 18.66 -26.54
CA SER C 165 22.87 19.67 -27.38
C SER C 165 21.93 20.04 -28.55
N ASP C 166 21.14 19.07 -29.03
CA ASP C 166 20.17 19.26 -30.11
C ASP C 166 19.10 20.25 -29.70
N VAL C 167 18.67 20.21 -28.42
CA VAL C 167 17.64 21.10 -27.87
C VAL C 167 18.19 22.51 -27.80
N ALA C 168 19.42 22.66 -27.28
CA ALA C 168 20.10 23.94 -27.15
C ALA C 168 20.26 24.60 -28.51
N ALA C 169 20.50 23.81 -29.58
CA ALA C 169 20.63 24.30 -30.95
C ALA C 169 19.32 24.88 -31.46
N VAL C 170 18.20 24.25 -31.10
CA VAL C 170 16.86 24.71 -31.48
C VAL C 170 16.51 25.98 -30.71
N ARG C 171 16.86 26.04 -29.42
CA ARG C 171 16.63 27.22 -28.59
C ARG C 171 17.45 28.42 -29.08
N ALA C 172 18.67 28.16 -29.59
CA ALA C 172 19.54 29.18 -30.15
C ALA C 172 19.00 29.65 -31.50
N ALA C 173 18.53 28.71 -32.33
CA ALA C 173 17.98 29.05 -33.65
C ALA C 173 16.76 29.95 -33.57
N LEU C 174 16.03 29.92 -32.45
CA LEU C 174 14.86 30.77 -32.27
C LEU C 174 15.30 32.23 -32.10
N GLY C 175 16.36 32.43 -31.31
CA GLY C 175 16.91 33.76 -31.06
C GLY C 175 16.36 34.42 -29.82
N PRO C 176 16.57 35.74 -29.72
CA PRO C 176 16.08 36.48 -28.53
C PRO C 176 14.56 36.73 -28.53
N GLU C 177 13.93 36.67 -29.69
CA GLU C 177 12.51 36.90 -29.84
C GLU C 177 11.75 35.65 -29.37
N GLY C 178 12.21 34.47 -29.81
CA GLY C 178 11.62 33.18 -29.47
C GLY C 178 12.04 32.63 -28.12
N HIS C 179 11.74 33.37 -27.05
CA HIS C 179 12.09 32.99 -25.69
C HIS C 179 10.94 32.30 -24.97
N GLY C 180 9.72 32.74 -25.26
CA GLY C 180 8.52 32.18 -24.66
C GLY C 180 8.02 30.90 -25.33
N ILE C 181 8.50 30.63 -26.57
CA ILE C 181 8.11 29.45 -27.33
C ILE C 181 8.48 28.16 -26.61
N LYS C 182 7.50 27.24 -26.44
CA LYS C 182 7.74 25.95 -25.79
C LYS C 182 8.37 24.96 -26.75
N ILE C 183 9.41 24.26 -26.30
CA ILE C 183 10.09 23.28 -27.14
C ILE C 183 9.77 21.84 -26.71
N ILE C 184 9.00 21.13 -27.52
CA ILE C 184 8.66 19.74 -27.24
C ILE C 184 9.57 18.87 -28.11
N SER C 185 10.45 18.08 -27.47
CA SER C 185 11.39 17.25 -28.21
C SER C 185 10.79 15.93 -28.69
N LYS C 186 10.81 15.71 -30.00
CA LYS C 186 10.30 14.46 -30.56
C LYS C 186 11.37 13.39 -30.44
N ILE C 187 11.11 12.36 -29.63
CA ILE C 187 12.06 11.24 -29.50
C ILE C 187 11.68 10.28 -30.63
N GLU C 188 12.50 10.24 -31.69
CA GLU C 188 12.23 9.43 -32.87
C GLU C 188 13.23 8.28 -33.15
N ASN C 189 14.27 8.09 -32.30
CA ASN C 189 15.26 7.03 -32.55
C ASN C 189 15.82 6.40 -31.25
N HIS C 190 16.66 5.34 -31.37
CA HIS C 190 17.28 4.67 -30.22
C HIS C 190 18.15 5.59 -29.35
N GLU C 191 18.99 6.42 -29.97
CA GLU C 191 19.86 7.35 -29.23
C GLU C 191 19.04 8.32 -28.37
N GLY C 192 17.92 8.79 -28.92
CA GLY C 192 17.02 9.69 -28.23
C GLY C 192 16.39 9.05 -27.02
N VAL C 193 16.08 7.74 -27.12
CA VAL C 193 15.49 6.97 -26.04
C VAL C 193 16.52 6.77 -24.93
N LYS C 194 17.74 6.39 -25.31
CA LYS C 194 18.80 6.18 -24.33
C LYS C 194 19.17 7.44 -23.58
N ARG C 195 19.34 8.55 -24.30
CA ARG C 195 19.73 9.81 -23.68
C ARG C 195 18.53 10.68 -23.28
N PHE C 196 17.38 10.05 -22.96
CA PHE C 196 16.12 10.70 -22.59
C PHE C 196 16.18 11.69 -21.42
N ASP C 197 16.80 11.30 -20.31
CA ASP C 197 16.82 12.15 -19.11
C ASP C 197 17.48 13.51 -19.31
N GLU C 198 18.57 13.56 -20.09
CA GLU C 198 19.25 14.82 -20.40
C GLU C 198 18.42 15.68 -21.36
N ILE C 199 17.67 15.04 -22.27
CA ILE C 199 16.82 15.73 -23.24
C ILE C 199 15.62 16.32 -22.50
N LEU C 200 15.00 15.56 -21.60
CA LEU C 200 13.85 16.05 -20.85
C LEU C 200 14.21 17.22 -19.94
N GLU C 201 15.42 17.20 -19.36
CA GLU C 201 15.89 18.25 -18.47
C GLU C 201 15.98 19.62 -19.17
N VAL C 202 16.38 19.61 -20.44
CA VAL C 202 16.51 20.83 -21.22
C VAL C 202 15.27 21.15 -22.08
N SER C 203 14.36 20.17 -22.29
CA SER C 203 13.14 20.38 -23.08
C SER C 203 12.01 20.90 -22.22
N ASP C 204 10.97 21.44 -22.86
CA ASP C 204 9.75 21.86 -22.16
C ASP C 204 8.73 20.69 -22.01
N GLY C 205 8.89 19.66 -22.84
CA GLY C 205 8.08 18.45 -22.87
C GLY C 205 8.58 17.46 -23.91
N ILE C 206 7.96 16.27 -23.98
CA ILE C 206 8.39 15.24 -24.93
C ILE C 206 7.25 14.78 -25.83
N MET C 207 7.59 14.45 -27.07
CA MET C 207 6.63 13.85 -27.97
C MET C 207 7.11 12.43 -28.27
N VAL C 208 6.21 11.46 -28.11
CA VAL C 208 6.51 10.08 -28.42
C VAL C 208 6.10 9.92 -29.88
N ALA C 209 7.03 10.27 -30.79
CA ALA C 209 6.80 10.21 -32.23
C ALA C 209 7.03 8.78 -32.67
N ARG C 210 5.99 7.95 -32.50
CA ARG C 210 6.01 6.51 -32.75
C ARG C 210 6.23 6.10 -34.19
N GLY C 211 5.97 7.01 -35.13
CA GLY C 211 6.16 6.71 -36.55
C GLY C 211 7.57 6.35 -36.90
N ASP C 212 8.47 7.33 -36.76
CA ASP C 212 9.90 7.17 -37.02
C ASP C 212 10.50 6.18 -36.00
N LEU C 213 10.05 6.25 -34.74
CA LEU C 213 10.51 5.40 -33.64
C LEU C 213 10.28 3.90 -33.91
N GLY C 214 9.14 3.58 -34.49
CA GLY C 214 8.78 2.20 -34.83
C GLY C 214 9.64 1.56 -35.90
N ILE C 215 10.47 2.38 -36.58
CA ILE C 215 11.38 1.96 -37.63
C ILE C 215 12.81 1.82 -37.06
N GLU C 216 13.26 2.79 -36.24
CA GLU C 216 14.61 2.77 -35.67
C GLU C 216 14.79 1.64 -34.64
N ILE C 217 13.75 1.36 -33.86
CA ILE C 217 13.75 0.29 -32.86
C ILE C 217 12.62 -0.73 -33.18
N PRO C 218 12.75 -2.00 -32.77
CA PRO C 218 11.70 -2.99 -33.09
C PRO C 218 10.29 -2.54 -32.75
N ALA C 219 9.33 -2.80 -33.67
CA ALA C 219 7.94 -2.39 -33.48
C ALA C 219 7.29 -2.95 -32.20
N GLU C 220 7.77 -4.12 -31.76
CA GLU C 220 7.27 -4.74 -30.53
C GLU C 220 7.82 -4.09 -29.25
N LYS C 221 8.82 -3.20 -29.37
CA LYS C 221 9.39 -2.51 -28.22
C LYS C 221 8.91 -1.06 -28.10
N VAL C 222 8.09 -0.57 -29.05
CA VAL C 222 7.65 0.83 -29.05
C VAL C 222 6.77 1.16 -27.86
N PHE C 223 5.86 0.25 -27.48
CA PHE C 223 5.01 0.49 -26.31
C PHE C 223 5.85 0.66 -25.05
N LEU C 224 6.98 -0.04 -24.95
CA LEU C 224 7.86 0.06 -23.78
C LEU C 224 8.42 1.45 -23.69
N ALA C 225 8.88 2.00 -24.82
CA ALA C 225 9.43 3.35 -24.91
C ALA C 225 8.36 4.38 -24.62
N GLN C 226 7.16 4.20 -25.16
CA GLN C 226 6.04 5.10 -24.93
C GLN C 226 5.71 5.17 -23.43
N LYS C 227 5.42 4.01 -22.83
CA LYS C 227 5.08 3.90 -21.42
C LYS C 227 6.16 4.43 -20.49
N MET C 228 7.45 4.24 -20.86
CA MET C 228 8.56 4.73 -20.04
C MET C 228 8.61 6.25 -20.09
N MET C 229 8.55 6.82 -21.30
CA MET C 229 8.62 8.26 -21.49
C MET C 229 7.51 8.98 -20.81
N ILE C 230 6.28 8.48 -20.98
CA ILE C 230 5.10 9.06 -20.33
C ILE C 230 5.27 9.06 -18.79
N GLY C 231 5.79 7.96 -18.25
CA GLY C 231 6.05 7.80 -16.83
C GLY C 231 7.08 8.78 -16.31
N ARG C 232 8.20 8.94 -17.04
CA ARG C 232 9.24 9.86 -16.64
C ARG C 232 8.78 11.32 -16.75
N CYS C 233 7.92 11.62 -17.74
CA CYS C 233 7.35 12.94 -17.94
C CYS C 233 6.37 13.26 -16.84
N ASN C 234 5.56 12.28 -16.43
CA ASN C 234 4.59 12.45 -15.35
C ASN C 234 5.34 12.70 -14.04
N LEU C 235 6.44 11.98 -13.84
CA LEU C 235 7.31 12.13 -12.68
C LEU C 235 7.89 13.55 -12.64
N ALA C 236 8.39 14.04 -13.80
CA ALA C 236 9.00 15.36 -13.94
C ALA C 236 8.00 16.55 -13.95
N GLY C 237 6.73 16.25 -14.13
CA GLY C 237 5.71 17.28 -14.22
C GLY C 237 5.64 17.96 -15.58
N LYS C 238 6.45 17.51 -16.56
CA LYS C 238 6.50 18.08 -17.93
C LYS C 238 5.49 17.41 -18.87
N PRO C 239 4.89 18.17 -19.80
CA PRO C 239 3.90 17.57 -20.72
C PRO C 239 4.46 16.48 -21.63
N VAL C 240 3.60 15.52 -22.01
CA VAL C 240 3.99 14.43 -22.89
C VAL C 240 2.90 14.19 -23.93
N VAL C 241 3.30 14.08 -25.21
CA VAL C 241 2.37 13.91 -26.33
C VAL C 241 2.49 12.54 -26.97
N CYS C 242 1.37 11.84 -27.15
CA CYS C 242 1.39 10.56 -27.87
C CYS C 242 1.05 10.87 -29.33
N ALA C 243 1.89 10.39 -30.26
CA ALA C 243 1.73 10.72 -31.66
C ALA C 243 1.80 9.49 -32.58
N THR C 244 1.32 9.64 -33.85
CA THR C 244 1.36 8.71 -35.00
C THR C 244 0.42 7.48 -34.96
N GLN C 245 -0.42 7.37 -36.03
CA GLN C 245 -1.34 6.26 -36.31
C GLN C 245 -2.30 5.94 -35.18
N MET C 246 -2.80 6.96 -34.47
CA MET C 246 -3.75 6.73 -33.37
C MET C 246 -5.12 6.28 -33.89
N LEU C 247 -5.63 6.93 -34.96
CA LEU C 247 -6.89 6.58 -35.61
C LEU C 247 -6.61 6.52 -37.12
N GLU C 248 -5.56 5.80 -37.49
CA GLU C 248 -5.09 5.68 -38.86
C GLU C 248 -6.17 5.24 -39.89
N SER C 249 -6.99 4.22 -39.58
CA SER C 249 -8.03 3.74 -40.48
C SER C 249 -9.08 4.80 -40.82
N MET C 250 -9.25 5.80 -39.92
CA MET C 250 -10.20 6.89 -40.14
C MET C 250 -9.82 7.86 -41.27
N ILE C 251 -8.63 7.68 -41.87
CA ILE C 251 -8.21 8.47 -43.02
C ILE C 251 -9.16 8.18 -44.19
N THR C 252 -9.56 6.91 -44.35
CA THR C 252 -10.47 6.43 -45.40
C THR C 252 -11.85 6.05 -44.89
N LYS C 253 -11.93 5.38 -43.71
CA LYS C 253 -13.18 4.88 -43.13
C LYS C 253 -13.82 5.81 -42.09
N PRO C 254 -15.16 5.77 -41.96
CA PRO C 254 -15.83 6.67 -40.99
C PRO C 254 -15.70 6.25 -39.53
N ARG C 255 -15.38 4.97 -39.29
CA ARG C 255 -15.24 4.47 -37.93
C ARG C 255 -13.89 3.77 -37.77
N PRO C 256 -13.26 3.93 -36.58
CA PRO C 256 -11.92 3.33 -36.38
C PRO C 256 -11.94 1.84 -36.03
N THR C 257 -10.76 1.24 -35.95
CA THR C 257 -10.64 -0.16 -35.57
C THR C 257 -10.75 -0.31 -34.04
N ARG C 258 -10.94 -1.55 -33.56
CA ARG C 258 -11.01 -1.83 -32.12
C ARG C 258 -9.66 -1.54 -31.44
N ALA C 259 -8.55 -1.72 -32.16
CA ALA C 259 -7.19 -1.45 -31.71
C ALA C 259 -6.90 0.06 -31.65
N GLU C 260 -7.53 0.84 -32.53
CA GLU C 260 -7.33 2.27 -32.57
C GLU C 260 -7.99 2.94 -31.41
N THR C 261 -9.25 2.58 -31.11
CA THR C 261 -9.93 3.12 -29.93
C THR C 261 -9.15 2.72 -28.66
N SER C 262 -8.70 1.46 -28.62
CA SER C 262 -7.89 0.91 -27.54
C SER C 262 -6.62 1.76 -27.32
N ASP C 263 -5.80 1.94 -28.36
CA ASP C 263 -4.57 2.72 -28.29
C ASP C 263 -4.80 4.13 -27.76
N VAL C 264 -5.84 4.83 -28.27
CA VAL C 264 -6.15 6.20 -27.83
C VAL C 264 -6.47 6.21 -26.35
N ALA C 265 -7.35 5.30 -25.92
CA ALA C 265 -7.75 5.18 -24.53
C ALA C 265 -6.55 4.85 -23.63
N ASN C 266 -5.67 3.98 -24.10
CA ASN C 266 -4.49 3.55 -23.37
C ASN C 266 -3.47 4.65 -23.27
N ALA C 267 -3.35 5.55 -24.28
CA ALA C 267 -2.42 6.66 -24.18
C ALA C 267 -2.85 7.59 -23.03
N VAL C 268 -4.17 7.82 -22.89
CA VAL C 268 -4.74 8.63 -21.81
C VAL C 268 -4.48 7.90 -20.49
N LEU C 269 -4.81 6.59 -20.44
CA LEU C 269 -4.59 5.80 -19.24
C LEU C 269 -3.13 5.77 -18.81
N ASP C 270 -2.22 5.78 -19.78
CA ASP C 270 -0.77 5.82 -19.53
C ASP C 270 -0.35 7.11 -18.84
N GLY C 271 -1.06 8.19 -19.12
CA GLY C 271 -0.80 9.48 -18.49
C GLY C 271 -0.32 10.54 -19.45
N ALA C 272 -0.63 10.39 -20.75
CA ALA C 272 -0.20 11.37 -21.73
C ALA C 272 -1.03 12.64 -21.59
N ASP C 273 -0.37 13.78 -21.66
CA ASP C 273 -1.04 15.07 -21.55
C ASP C 273 -1.79 15.40 -22.86
N CYS C 274 -1.22 14.98 -24.02
CA CYS C 274 -1.78 15.24 -25.34
C CYS C 274 -1.90 14.00 -26.23
N ILE C 275 -2.92 13.99 -27.09
CA ILE C 275 -3.12 12.96 -28.12
C ILE C 275 -3.06 13.66 -29.48
N MET C 276 -2.51 12.99 -30.50
CA MET C 276 -2.32 13.64 -31.78
C MET C 276 -2.83 12.91 -33.01
N LEU C 277 -3.30 13.70 -34.00
CA LEU C 277 -3.80 13.21 -35.29
C LEU C 277 -2.91 13.77 -36.39
N SER C 278 -2.39 12.93 -37.28
CA SER C 278 -1.56 13.39 -38.38
C SER C 278 -2.39 13.39 -39.69
N GLY C 279 -2.22 12.39 -40.56
CA GLY C 279 -3.00 12.29 -41.78
C GLY C 279 -4.50 12.21 -41.53
N GLU C 280 -4.90 11.71 -40.34
CA GLU C 280 -6.28 11.57 -39.88
C GLU C 280 -7.10 12.84 -40.13
N THR C 281 -6.49 14.03 -39.88
CA THR C 281 -7.11 15.33 -40.15
C THR C 281 -6.43 16.06 -41.30
N ALA C 282 -5.11 15.86 -41.51
CA ALA C 282 -4.40 16.54 -42.58
C ALA C 282 -4.82 16.16 -43.99
N LYS C 283 -4.97 14.86 -44.29
CA LYS C 283 -5.32 14.41 -45.64
C LYS C 283 -6.46 13.38 -45.70
N GLY C 284 -7.13 13.13 -44.58
CA GLY C 284 -8.20 12.14 -44.53
C GLY C 284 -9.56 12.68 -44.92
N ASN C 285 -10.50 11.77 -45.22
CA ASN C 285 -11.88 12.15 -45.56
C ASN C 285 -12.73 12.49 -44.33
N PHE C 286 -12.26 12.12 -43.13
CA PHE C 286 -13.01 12.38 -41.90
C PHE C 286 -12.14 13.15 -40.90
N PRO C 287 -11.89 14.45 -41.13
CA PRO C 287 -11.03 15.19 -40.20
C PRO C 287 -11.76 15.56 -38.92
N VAL C 288 -12.97 16.14 -39.03
CA VAL C 288 -13.77 16.52 -37.88
C VAL C 288 -14.20 15.29 -37.09
N GLU C 289 -14.55 14.22 -37.80
CA GLU C 289 -14.99 12.96 -37.21
C GLU C 289 -13.89 12.29 -36.40
N ALA C 290 -12.62 12.46 -36.82
CA ALA C 290 -11.47 11.93 -36.06
C ALA C 290 -11.25 12.73 -34.77
N VAL C 291 -11.47 14.04 -34.82
CA VAL C 291 -11.34 14.94 -33.68
C VAL C 291 -12.43 14.60 -32.66
N LYS C 292 -13.67 14.44 -33.14
CA LYS C 292 -14.82 14.08 -32.31
C LYS C 292 -14.61 12.72 -31.68
N MET C 293 -14.06 11.76 -32.45
CA MET C 293 -13.80 10.42 -31.94
C MET C 293 -12.70 10.44 -30.90
N GLN C 294 -11.60 11.16 -31.16
CA GLN C 294 -10.52 11.28 -30.16
C GLN C 294 -11.02 11.91 -28.86
N HIS C 295 -11.91 12.89 -28.98
CA HIS C 295 -12.52 13.56 -27.84
C HIS C 295 -13.37 12.56 -27.03
N ALA C 296 -14.21 11.77 -27.73
CA ALA C 296 -15.11 10.81 -27.12
C ALA C 296 -14.36 9.75 -26.31
N ILE C 297 -13.29 9.18 -26.90
CA ILE C 297 -12.48 8.17 -26.24
C ILE C 297 -11.73 8.76 -25.03
N ALA C 298 -11.11 9.95 -25.21
CA ALA C 298 -10.36 10.62 -24.15
C ALA C 298 -11.23 10.93 -22.96
N ARG C 299 -12.45 11.37 -23.19
CA ARG C 299 -13.38 11.68 -22.11
C ARG C 299 -13.69 10.43 -21.28
N GLU C 300 -13.93 9.29 -21.93
CA GLU C 300 -14.23 8.02 -21.26
C GLU C 300 -13.02 7.49 -20.52
N ALA C 301 -11.81 7.63 -21.10
CA ALA C 301 -10.57 7.15 -20.51
C ALA C 301 -10.14 7.92 -19.28
N GLU C 302 -10.49 9.20 -19.22
CA GLU C 302 -10.16 10.03 -18.07
C GLU C 302 -10.97 9.66 -16.83
N ALA C 303 -12.22 9.25 -17.03
CA ALA C 303 -13.05 8.79 -15.92
C ALA C 303 -12.52 7.41 -15.42
N ALA C 304 -11.94 6.60 -16.32
CA ALA C 304 -11.37 5.30 -15.96
C ALA C 304 -9.97 5.38 -15.33
N VAL C 305 -9.47 6.59 -15.04
CA VAL C 305 -8.16 6.73 -14.43
C VAL C 305 -8.26 6.43 -12.94
N TYR C 306 -7.36 5.58 -12.43
CA TYR C 306 -7.36 5.21 -11.02
C TYR C 306 -6.60 6.27 -10.22
N HIS C 307 -7.24 7.43 -10.00
CA HIS C 307 -6.70 8.59 -9.29
C HIS C 307 -6.25 8.25 -7.88
N ARG C 308 -6.89 7.27 -7.23
CA ARG C 308 -6.54 6.91 -5.85
C ARG C 308 -5.05 6.53 -5.70
N GLN C 309 -4.56 5.63 -6.56
CA GLN C 309 -3.15 5.26 -6.51
C GLN C 309 -2.30 6.24 -7.30
N LEU C 310 -2.83 6.81 -8.38
CA LEU C 310 -2.11 7.78 -9.20
C LEU C 310 -1.67 8.98 -8.38
N PHE C 311 -2.59 9.57 -7.59
CA PHE C 311 -2.29 10.73 -6.75
C PHE C 311 -1.33 10.36 -5.63
N GLU C 312 -1.56 9.21 -4.99
CA GLU C 312 -0.69 8.77 -3.90
C GLU C 312 0.73 8.55 -4.41
N GLU C 313 0.88 7.93 -5.57
CA GLU C 313 2.19 7.67 -6.15
C GLU C 313 2.85 8.95 -6.62
N LEU C 314 2.08 9.85 -7.24
CA LEU C 314 2.60 11.13 -7.73
C LEU C 314 3.07 12.01 -6.59
N ARG C 315 2.34 11.98 -5.46
CA ARG C 315 2.66 12.74 -4.27
C ARG C 315 3.90 12.15 -3.59
N ARG C 316 3.94 10.83 -3.46
CA ARG C 316 5.06 10.11 -2.85
C ARG C 316 6.34 10.32 -3.65
N ALA C 317 6.25 10.33 -4.97
CA ALA C 317 7.41 10.49 -5.84
C ALA C 317 7.92 11.92 -5.92
N ALA C 318 7.01 12.91 -5.79
CA ALA C 318 7.38 14.32 -5.86
C ALA C 318 8.28 14.70 -4.67
N PRO C 319 9.41 15.36 -4.94
CA PRO C 319 10.31 15.75 -3.84
C PRO C 319 9.72 16.89 -3.01
N LEU C 320 10.12 16.98 -1.73
CA LEU C 320 9.63 18.06 -0.87
C LEU C 320 10.06 19.41 -1.41
N SER C 321 9.24 20.46 -1.19
CA SER C 321 9.57 21.76 -1.75
C SER C 321 9.33 22.90 -0.79
N ARG C 322 10.24 23.88 -0.78
CA ARG C 322 10.09 25.10 0.02
C ARG C 322 9.51 26.26 -0.84
N ASP C 323 9.02 25.97 -2.08
CA ASP C 323 8.40 26.94 -3.01
C ASP C 323 6.90 26.93 -2.73
N PRO C 324 6.33 28.08 -2.33
CA PRO C 324 4.89 28.13 -2.01
C PRO C 324 3.97 27.84 -3.16
N THR C 325 4.42 28.05 -4.40
CA THR C 325 3.61 27.74 -5.57
C THR C 325 3.37 26.22 -5.63
N GLU C 326 4.41 25.42 -5.36
CA GLU C 326 4.38 23.95 -5.37
C GLU C 326 3.63 23.41 -4.16
N VAL C 327 3.85 24.02 -3.01
CA VAL C 327 3.20 23.64 -1.77
C VAL C 327 1.69 23.93 -1.85
N THR C 328 1.32 25.05 -2.48
CA THR C 328 -0.08 25.41 -2.64
C THR C 328 -0.75 24.45 -3.63
N ALA C 329 -0.03 24.03 -4.68
CA ALA C 329 -0.55 23.10 -5.67
C ALA C 329 -0.98 21.76 -5.02
N ILE C 330 -0.11 21.12 -4.22
CA ILE C 330 -0.43 19.85 -3.56
C ILE C 330 -1.57 20.01 -2.52
N GLY C 331 -1.62 21.17 -1.87
CA GLY C 331 -2.67 21.45 -0.90
C GLY C 331 -4.00 21.64 -1.58
N ALA C 332 -4.01 22.29 -2.75
CA ALA C 332 -5.22 22.55 -3.52
C ALA C 332 -5.77 21.28 -4.12
N VAL C 333 -4.89 20.43 -4.67
CA VAL C 333 -5.26 19.14 -5.26
C VAL C 333 -5.80 18.20 -4.19
N GLU C 334 -5.18 18.22 -2.99
CA GLU C 334 -5.65 17.42 -1.86
C GLU C 334 -7.02 17.88 -1.38
N ALA C 335 -7.21 19.21 -1.29
CA ALA C 335 -8.48 19.84 -0.89
C ALA C 335 -9.59 19.58 -1.90
N ALA C 336 -9.25 19.57 -3.20
CA ALA C 336 -10.21 19.30 -4.26
C ALA C 336 -10.72 17.85 -4.24
N PHE C 337 -9.83 16.88 -3.95
CA PHE C 337 -10.26 15.48 -3.88
C PHE C 337 -11.19 15.28 -2.70
N LYS C 338 -10.89 15.92 -1.55
CA LYS C 338 -11.66 15.84 -0.30
C LYS C 338 -13.13 16.21 -0.44
N CYS C 339 -13.43 17.24 -1.21
CA CYS C 339 -14.81 17.70 -1.40
C CYS C 339 -15.38 17.39 -2.77
N CYS C 340 -14.58 16.77 -3.69
CA CYS C 340 -14.95 16.48 -5.08
C CYS C 340 -15.29 17.80 -5.75
N ALA C 341 -14.34 18.75 -5.66
CA ALA C 341 -14.45 20.10 -6.21
C ALA C 341 -14.67 20.01 -7.70
N ALA C 342 -15.62 20.77 -8.23
CA ALA C 342 -15.91 20.76 -9.64
C ALA C 342 -14.70 21.27 -10.44
N ALA C 343 -14.03 22.30 -9.94
CA ALA C 343 -12.90 22.88 -10.62
C ALA C 343 -11.93 23.57 -9.66
N ILE C 344 -10.69 23.74 -10.09
CA ILE C 344 -9.69 24.47 -9.33
C ILE C 344 -9.37 25.69 -10.17
N ILE C 345 -9.87 26.87 -9.76
CA ILE C 345 -9.61 28.11 -10.48
C ILE C 345 -8.29 28.70 -10.03
N VAL C 346 -7.34 28.81 -10.95
CA VAL C 346 -6.03 29.35 -10.63
C VAL C 346 -5.74 30.56 -11.48
N LEU C 347 -5.19 31.58 -10.84
CA LEU C 347 -4.78 32.82 -11.48
C LEU C 347 -3.33 32.65 -11.89
N THR C 348 -3.07 32.77 -13.19
CA THR C 348 -1.73 32.55 -13.71
C THR C 348 -1.32 33.64 -14.69
N THR C 349 0.01 33.78 -14.89
CA THR C 349 0.59 34.77 -15.80
C THR C 349 1.42 34.05 -16.86
N THR C 350 2.24 33.07 -16.42
CA THR C 350 3.11 32.27 -17.30
C THR C 350 2.54 30.88 -17.62
N GLY C 351 1.65 30.38 -16.76
CA GLY C 351 1.08 29.05 -16.86
C GLY C 351 1.73 28.05 -15.93
N ARG C 352 2.66 28.51 -15.08
CA ARG C 352 3.38 27.67 -14.15
C ARG C 352 2.50 27.17 -13.02
N SER C 353 1.69 28.04 -12.41
CA SER C 353 0.81 27.64 -11.30
C SER C 353 -0.17 26.55 -11.75
N ALA C 354 -0.70 26.67 -12.97
CA ALA C 354 -1.62 25.69 -13.53
C ALA C 354 -0.89 24.37 -13.81
N GLN C 355 0.36 24.46 -14.35
CA GLN C 355 1.18 23.29 -14.64
C GLN C 355 1.45 22.52 -13.37
N LEU C 356 1.81 23.21 -12.29
CA LEU C 356 2.08 22.58 -11.00
C LEU C 356 0.85 21.93 -10.39
N LEU C 357 -0.35 22.42 -10.71
CA LEU C 357 -1.58 21.79 -10.23
C LEU C 357 -1.82 20.51 -11.06
N SER C 358 -1.60 20.59 -12.40
CA SER C 358 -1.76 19.51 -13.38
C SER C 358 -0.89 18.30 -13.06
N ARG C 359 0.36 18.51 -12.62
CA ARG C 359 1.29 17.42 -12.30
C ARG C 359 0.76 16.48 -11.26
N TYR C 360 -0.07 16.96 -10.32
CA TYR C 360 -0.66 16.11 -9.30
C TYR C 360 -1.91 15.34 -9.76
N ARG C 361 -2.29 15.51 -11.04
CA ARG C 361 -3.38 14.85 -11.73
C ARG C 361 -4.71 14.84 -10.95
N PRO C 362 -5.31 16.02 -10.74
CA PRO C 362 -6.61 16.04 -10.03
C PRO C 362 -7.77 15.62 -10.94
N ARG C 363 -8.86 15.17 -10.31
CA ARG C 363 -10.08 14.87 -11.05
C ARG C 363 -10.79 16.22 -11.40
N ALA C 364 -10.61 17.28 -10.55
CA ALA C 364 -11.14 18.63 -10.79
C ALA C 364 -10.47 19.31 -11.98
N ALA C 365 -11.23 20.15 -12.67
CA ALA C 365 -10.73 20.85 -13.86
C ALA C 365 -9.90 22.05 -13.45
N VAL C 366 -8.65 22.12 -13.89
CA VAL C 366 -7.82 23.27 -13.57
C VAL C 366 -8.12 24.40 -14.52
N ILE C 367 -8.98 25.33 -14.07
CA ILE C 367 -9.37 26.49 -14.86
C ILE C 367 -8.34 27.61 -14.66
N ALA C 368 -7.53 27.85 -15.69
CA ALA C 368 -6.48 28.85 -15.63
C ALA C 368 -6.99 30.16 -16.18
N VAL C 369 -6.92 31.23 -15.37
CA VAL C 369 -7.33 32.56 -15.80
C VAL C 369 -6.08 33.43 -15.99
N THR C 370 -5.79 33.79 -17.23
CA THR C 370 -4.61 34.60 -17.53
C THR C 370 -4.93 35.70 -18.51
N ARG C 371 -4.19 36.81 -18.42
CA ARG C 371 -4.30 37.90 -19.40
C ARG C 371 -3.32 37.66 -20.59
N SER C 372 -2.40 36.69 -20.48
CA SER C 372 -1.46 36.36 -21.53
C SER C 372 -2.12 35.45 -22.55
N ALA C 373 -2.18 35.90 -23.80
CA ALA C 373 -2.78 35.12 -24.87
C ALA C 373 -1.90 33.92 -25.23
N GLN C 374 -0.57 34.10 -25.20
CA GLN C 374 0.42 33.06 -25.47
C GLN C 374 0.33 31.96 -24.43
N ALA C 375 0.37 32.34 -23.12
CA ALA C 375 0.28 31.38 -22.02
C ALA C 375 -1.02 30.61 -22.08
N ALA C 376 -2.14 31.27 -22.44
CA ALA C 376 -3.43 30.62 -22.57
C ALA C 376 -3.40 29.54 -23.66
N ARG C 377 -2.73 29.82 -24.79
CA ARG C 377 -2.60 28.85 -25.86
C ARG C 377 -1.70 27.69 -25.43
N GLN C 378 -0.52 28.01 -24.88
CA GLN C 378 0.49 27.05 -24.43
C GLN C 378 0.04 26.12 -23.30
N VAL C 379 -0.79 26.61 -22.41
CA VAL C 379 -1.27 25.83 -21.26
C VAL C 379 -2.13 24.60 -21.67
N HIS C 380 -2.43 24.46 -22.98
CA HIS C 380 -3.11 23.28 -23.51
C HIS C 380 -2.18 22.05 -23.45
N LEU C 381 -0.85 22.25 -23.45
CA LEU C 381 0.10 21.16 -23.33
C LEU C 381 -0.06 20.43 -22.00
N CYS C 382 -0.61 21.09 -20.96
CA CYS C 382 -0.83 20.45 -19.68
C CYS C 382 -2.23 19.87 -19.60
N ARG C 383 -2.31 18.62 -19.15
CA ARG C 383 -3.57 17.91 -19.04
C ARG C 383 -4.47 18.48 -17.96
N GLY C 384 -5.73 18.67 -18.32
CA GLY C 384 -6.73 19.18 -17.39
C GLY C 384 -6.71 20.67 -17.18
N VAL C 385 -5.94 21.41 -18.01
CA VAL C 385 -5.89 22.85 -17.88
C VAL C 385 -6.76 23.51 -18.95
N PHE C 386 -7.77 24.26 -18.46
CA PHE C 386 -8.78 24.94 -19.25
C PHE C 386 -8.55 26.43 -19.22
N PRO C 387 -7.86 26.97 -20.25
CA PRO C 387 -7.55 28.40 -20.24
C PRO C 387 -8.67 29.35 -20.68
N LEU C 388 -8.81 30.47 -19.99
CA LEU C 388 -9.76 31.50 -20.35
C LEU C 388 -8.98 32.80 -20.36
N LEU C 389 -9.03 33.54 -21.46
CA LEU C 389 -8.32 34.80 -21.58
C LEU C 389 -9.17 35.96 -21.00
N TYR C 390 -8.67 36.65 -19.96
CA TYR C 390 -9.36 37.78 -19.30
C TYR C 390 -9.06 39.06 -20.08
N ARG C 391 -10.03 39.54 -20.86
CA ARG C 391 -9.81 40.72 -21.70
C ARG C 391 -10.17 42.05 -21.04
N GLU C 392 -10.83 42.03 -19.86
CA GLU C 392 -11.17 43.27 -19.16
C GLU C 392 -9.93 44.05 -18.72
N PRO C 393 -10.03 45.40 -18.68
CA PRO C 393 -8.83 46.20 -18.33
C PRO C 393 -8.43 46.14 -16.86
N PRO C 394 -7.13 46.29 -16.59
CA PRO C 394 -6.67 46.24 -15.19
C PRO C 394 -7.25 47.34 -14.33
N GLU C 395 -7.77 46.98 -13.14
CA GLU C 395 -8.30 47.97 -12.21
C GLU C 395 -7.15 48.71 -11.50
N ALA C 396 -7.42 49.94 -11.00
CA ALA C 396 -6.44 50.77 -10.29
C ALA C 396 -5.86 50.07 -9.06
N ILE C 397 -6.72 49.38 -8.31
CA ILE C 397 -6.28 48.65 -7.14
C ILE C 397 -6.16 47.16 -7.55
N TRP C 398 -4.97 46.57 -7.38
CA TRP C 398 -4.76 45.18 -7.78
C TRP C 398 -5.63 44.23 -6.98
N ALA C 399 -5.76 44.50 -5.67
CA ALA C 399 -6.57 43.72 -4.73
C ALA C 399 -7.99 43.44 -5.23
N ASP C 400 -8.71 44.44 -5.75
CA ASP C 400 -10.05 44.18 -6.28
C ASP C 400 -9.99 43.37 -7.57
N ASP C 401 -9.12 43.81 -8.51
CA ASP C 401 -8.87 43.19 -9.83
C ASP C 401 -8.64 41.68 -9.76
N VAL C 402 -7.94 41.21 -8.71
CA VAL C 402 -7.68 39.80 -8.45
C VAL C 402 -9.01 39.07 -8.28
N ASP C 403 -9.85 39.47 -7.30
CA ASP C 403 -11.12 38.79 -7.04
C ASP C 403 -12.17 38.98 -8.14
N ARG C 404 -11.88 39.81 -9.15
CA ARG C 404 -12.77 39.96 -10.30
C ARG C 404 -12.29 39.05 -11.46
N ARG C 405 -10.97 38.79 -11.56
CA ARG C 405 -10.46 37.80 -12.52
C ARG C 405 -10.91 36.40 -12.04
N VAL C 406 -10.93 36.19 -10.70
CA VAL C 406 -11.38 35.00 -10.00
C VAL C 406 -12.87 34.79 -10.28
N GLN C 407 -13.65 35.86 -10.16
CA GLN C 407 -15.08 35.78 -10.44
C GLN C 407 -15.37 35.54 -11.91
N PHE C 408 -14.52 36.05 -12.82
CA PHE C 408 -14.61 35.83 -14.27
C PHE C 408 -14.55 34.32 -14.56
N GLY C 409 -13.67 33.61 -13.84
CA GLY C 409 -13.52 32.16 -13.96
C GLY C 409 -14.76 31.43 -13.50
N ILE C 410 -15.43 31.95 -12.46
CA ILE C 410 -16.66 31.40 -11.92
C ILE C 410 -17.82 31.60 -12.89
N GLU C 411 -17.96 32.80 -13.45
CA GLU C 411 -19.00 33.10 -14.44
C GLU C 411 -18.76 32.32 -15.74
N SER C 412 -17.48 32.12 -16.11
CA SER C 412 -17.07 31.35 -17.28
C SER C 412 -17.47 29.89 -17.12
N GLY C 413 -17.25 29.34 -15.92
CA GLY C 413 -17.63 27.98 -15.59
C GLY C 413 -19.13 27.81 -15.46
N LYS C 414 -19.83 28.87 -15.02
CA LYS C 414 -21.28 28.86 -14.89
C LYS C 414 -21.90 28.67 -16.28
N LEU C 415 -21.42 29.46 -17.26
CA LEU C 415 -21.90 29.37 -18.62
C LEU C 415 -21.43 28.09 -19.31
N ARG C 416 -20.13 27.76 -19.21
CA ARG C 416 -19.61 26.58 -19.93
C ARG C 416 -19.94 25.22 -19.29
N GLY C 417 -20.94 25.18 -18.39
CA GLY C 417 -21.41 23.95 -17.76
C GLY C 417 -20.47 23.30 -16.76
N PHE C 418 -19.39 24.01 -16.40
CA PHE C 418 -18.40 23.55 -15.44
C PHE C 418 -18.90 23.68 -14.01
N LEU C 419 -19.63 24.77 -13.74
CA LEU C 419 -20.10 25.06 -12.42
C LEU C 419 -21.60 25.16 -12.29
N ARG C 420 -22.11 24.43 -11.30
CA ARG C 420 -23.52 24.45 -10.90
C ARG C 420 -23.59 25.16 -9.53
N VAL C 421 -24.75 25.71 -9.20
CA VAL C 421 -24.93 26.39 -7.92
C VAL C 421 -24.84 25.36 -6.79
N GLY C 422 -24.14 25.71 -5.71
CA GLY C 422 -23.94 24.80 -4.60
C GLY C 422 -22.66 24.01 -4.70
N ASP C 423 -22.01 24.01 -5.88
CA ASP C 423 -20.74 23.32 -6.07
C ASP C 423 -19.62 23.96 -5.23
N LEU C 424 -18.49 23.26 -5.08
CA LEU C 424 -17.35 23.80 -4.36
C LEU C 424 -16.18 23.91 -5.32
N VAL C 425 -15.44 25.00 -5.24
CA VAL C 425 -14.25 25.18 -6.06
C VAL C 425 -13.06 25.58 -5.21
N ILE C 426 -11.87 25.19 -5.64
CA ILE C 426 -10.66 25.56 -4.94
C ILE C 426 -10.08 26.72 -5.72
N VAL C 427 -9.82 27.85 -5.05
CA VAL C 427 -9.31 29.02 -5.73
C VAL C 427 -7.85 29.28 -5.35
N VAL C 428 -6.97 29.29 -6.35
CA VAL C 428 -5.54 29.46 -6.19
C VAL C 428 -5.05 30.83 -6.69
N THR C 429 -4.55 31.65 -5.74
CA THR C 429 -4.08 33.02 -5.98
C THR C 429 -2.68 33.29 -5.33
N GLY C 430 -2.14 34.49 -5.56
CA GLY C 430 -0.87 34.93 -5.00
C GLY C 430 -0.96 36.18 -4.15
N TRP C 431 0.09 36.47 -3.34
CA TRP C 431 0.19 37.60 -2.41
C TRP C 431 0.54 38.95 -3.10
N ARG C 432 1.26 38.92 -4.23
CA ARG C 432 1.62 40.13 -4.97
C ARG C 432 1.59 39.87 -6.48
N PRO C 433 1.34 40.89 -7.34
CA PRO C 433 1.29 40.63 -8.79
C PRO C 433 2.66 40.30 -9.39
N GLY C 434 2.76 39.11 -9.95
CA GLY C 434 4.01 38.65 -10.55
C GLY C 434 4.09 37.14 -10.64
N SER C 435 5.01 36.65 -11.48
CA SER C 435 5.18 35.22 -11.71
C SER C 435 5.81 34.46 -10.53
N GLY C 436 5.14 33.40 -10.14
CA GLY C 436 5.63 32.53 -9.07
C GLY C 436 5.31 33.00 -7.67
N TYR C 437 4.51 34.06 -7.52
CA TYR C 437 4.17 34.56 -6.18
C TYR C 437 2.86 33.96 -5.62
N THR C 438 2.45 32.77 -6.13
CA THR C 438 1.27 32.01 -5.73
C THR C 438 1.49 31.39 -4.34
N ASN C 439 0.52 31.55 -3.44
CA ASN C 439 0.65 31.03 -2.08
C ASN C 439 -0.69 30.82 -1.35
N ILE C 440 -1.81 31.06 -2.02
CA ILE C 440 -3.11 30.99 -1.38
C ILE C 440 -4.04 29.99 -2.00
N MET C 441 -4.70 29.20 -1.16
CA MET C 441 -5.73 28.29 -1.61
CA MET C 441 -5.70 28.19 -1.53
C MET C 441 -6.97 28.56 -0.75
N ARG C 442 -8.11 28.77 -1.42
CA ARG C 442 -9.31 29.14 -0.69
C ARG C 442 -10.55 28.41 -1.23
N VAL C 443 -11.30 27.79 -0.30
CA VAL C 443 -12.50 26.99 -0.60
C VAL C 443 -13.74 27.88 -0.77
N LEU C 444 -14.23 28.01 -2.01
CA LEU C 444 -15.37 28.85 -2.38
C LEU C 444 -16.62 28.03 -2.74
N SER C 445 -17.81 28.48 -2.32
CA SER C 445 -19.06 27.81 -2.67
C SER C 445 -19.76 28.58 -3.79
N ILE C 446 -20.16 27.88 -4.85
CA ILE C 446 -20.74 28.48 -6.04
C ILE C 446 -22.13 29.07 -5.86
N SER C 447 -22.22 30.38 -6.19
CA SER C 447 -23.40 31.22 -6.13
C SER C 447 -24.01 31.23 -4.72
N LEU D 22 19.42 24.94 2.47
CA LEU D 22 19.02 23.67 3.10
C LEU D 22 19.50 23.58 4.55
N GLY D 23 18.83 22.72 5.33
CA GLY D 23 19.19 22.50 6.72
C GLY D 23 20.09 21.28 6.86
N THR D 24 21.42 21.52 7.05
CA THR D 24 22.47 20.50 7.18
C THR D 24 22.26 19.51 8.36
N ALA D 25 22.13 20.06 9.59
CA ALA D 25 21.89 19.27 10.80
C ALA D 25 20.45 18.75 10.87
N PHE D 26 19.50 19.39 10.14
CA PHE D 26 18.09 19.01 10.08
C PHE D 26 17.84 17.63 9.46
N PHE D 27 18.82 17.10 8.70
CA PHE D 27 18.67 15.77 8.09
C PHE D 27 18.74 14.67 9.14
N GLN D 28 19.64 14.83 10.13
CA GLN D 28 19.71 13.91 11.26
C GLN D 28 19.09 14.72 12.38
N GLN D 29 17.77 14.62 12.54
CA GLN D 29 17.06 15.41 13.56
C GLN D 29 15.68 14.86 13.81
N GLN D 30 15.18 14.90 15.06
CA GLN D 30 13.83 14.45 15.49
C GLN D 30 13.26 13.24 14.72
N GLN D 31 14.09 12.19 14.54
CA GLN D 31 13.80 10.95 13.82
C GLN D 31 13.38 11.15 12.36
N LEU D 32 13.92 12.18 11.70
CA LEU D 32 13.61 12.42 10.30
C LEU D 32 14.14 11.31 9.38
N PRO D 33 15.34 10.72 9.58
CA PRO D 33 15.74 9.58 8.73
C PRO D 33 14.82 8.37 8.90
N ALA D 34 14.29 8.15 10.12
CA ALA D 34 13.35 7.06 10.43
C ALA D 34 11.96 7.33 9.80
N ALA D 35 11.57 8.62 9.69
CA ALA D 35 10.29 9.04 9.11
C ALA D 35 10.28 8.95 7.56
N MET D 36 11.47 9.06 6.94
CA MET D 36 11.64 8.98 5.48
C MET D 36 11.47 7.57 4.92
N ALA D 37 11.58 6.54 5.77
CA ALA D 37 11.50 5.13 5.36
C ALA D 37 10.21 4.76 4.65
N ASP D 38 10.33 3.87 3.67
CA ASP D 38 9.20 3.41 2.83
C ASP D 38 8.33 2.38 3.53
N THR D 39 8.90 1.63 4.48
CA THR D 39 8.15 0.64 5.24
C THR D 39 8.24 0.92 6.75
N PHE D 40 7.25 0.45 7.50
CA PHE D 40 7.24 0.60 8.95
C PHE D 40 8.38 -0.19 9.60
N LEU D 41 8.77 -1.33 9.00
CA LEU D 41 9.89 -2.12 9.50
C LEU D 41 11.19 -1.32 9.32
N GLU D 42 11.39 -0.70 8.15
CA GLU D 42 12.57 0.15 7.91
C GLU D 42 12.56 1.36 8.84
N HIS D 43 11.36 1.89 9.15
CA HIS D 43 11.17 3.01 10.08
C HIS D 43 11.66 2.58 11.46
N LEU D 44 11.26 1.38 11.92
CA LEU D 44 11.69 0.80 13.21
C LEU D 44 13.18 0.61 13.24
N CYS D 45 13.76 0.15 12.14
CA CYS D 45 15.19 -0.07 12.04
C CYS D 45 15.99 1.24 12.01
N LEU D 46 15.38 2.33 11.53
CA LEU D 46 16.04 3.62 11.43
C LEU D 46 15.92 4.51 12.68
N LEU D 47 15.25 4.04 13.74
CA LEU D 47 15.12 4.83 14.97
C LEU D 47 16.49 5.02 15.63
N ASP D 48 16.82 6.28 15.98
CA ASP D 48 18.12 6.66 16.53
C ASP D 48 18.00 7.29 17.92
N ILE D 49 18.73 6.74 18.91
CA ILE D 49 18.75 7.29 20.27
C ILE D 49 19.46 8.66 20.30
N ASP D 50 20.41 8.88 19.39
CA ASP D 50 21.15 10.14 19.29
C ASP D 50 20.40 11.24 18.49
N SER D 51 19.30 10.89 17.83
CA SER D 51 18.49 11.85 17.08
C SER D 51 17.59 12.54 18.11
N GLU D 52 18.04 13.69 18.59
CA GLU D 52 17.31 14.44 19.58
C GLU D 52 16.04 15.07 19.02
N PRO D 53 14.94 15.03 19.78
CA PRO D 53 13.70 15.66 19.31
C PRO D 53 13.78 17.18 19.40
N VAL D 54 13.30 17.90 18.37
CA VAL D 54 13.35 19.36 18.37
C VAL D 54 11.97 20.01 18.46
N ALA D 55 10.93 19.34 17.97
CA ALA D 55 9.57 19.86 17.97
C ALA D 55 8.99 19.99 19.39
N ALA D 56 7.99 20.87 19.56
CA ALA D 56 7.34 21.06 20.86
C ALA D 56 6.48 19.85 21.22
N ARG D 57 6.34 19.59 22.51
CA ARG D 57 5.58 18.46 23.00
C ARG D 57 4.07 18.62 22.78
N SER D 58 3.51 17.78 21.91
CA SER D 58 2.11 17.75 21.48
C SER D 58 1.11 17.17 22.51
N THR D 59 1.30 15.90 22.91
CA THR D 59 0.42 15.17 23.83
C THR D 59 0.30 15.91 25.14
N SER D 60 -0.87 16.49 25.42
CA SER D 60 -1.08 17.25 26.65
C SER D 60 -1.02 16.39 27.91
N ILE D 61 -0.52 16.98 28.99
CA ILE D 61 -0.37 16.30 30.28
C ILE D 61 -1.46 16.75 31.26
N ILE D 62 -2.19 15.79 31.83
CA ILE D 62 -3.22 16.08 32.82
C ILE D 62 -2.69 15.67 34.18
N ALA D 63 -2.57 16.63 35.12
CA ALA D 63 -2.06 16.30 36.44
C ALA D 63 -3.16 16.35 37.48
N THR D 64 -3.33 15.25 38.25
CA THR D 64 -4.34 15.20 39.32
C THR D 64 -3.83 15.98 40.50
N ILE D 65 -4.58 17.00 40.91
CA ILE D 65 -4.20 17.85 42.01
C ILE D 65 -4.66 17.28 43.35
N GLY D 66 -3.71 17.02 44.23
CA GLY D 66 -3.96 16.51 45.57
C GLY D 66 -3.07 17.15 46.61
N PRO D 67 -2.94 16.56 47.81
CA PRO D 67 -2.09 17.17 48.86
C PRO D 67 -0.66 17.51 48.44
N ALA D 68 -0.01 16.63 47.66
CA ALA D 68 1.36 16.85 47.16
C ALA D 68 1.47 17.98 46.12
N SER D 69 0.32 18.35 45.52
CA SER D 69 0.27 19.36 44.47
C SER D 69 -0.74 20.49 44.70
N ARG D 70 -1.21 20.71 45.93
CA ARG D 70 -2.15 21.79 46.20
C ARG D 70 -1.43 23.15 46.32
N SER D 71 -0.18 23.13 46.82
CA SER D 71 0.64 24.32 47.04
C SER D 71 0.82 25.16 45.81
N VAL D 72 0.38 26.43 45.86
CA VAL D 72 0.47 27.40 44.76
C VAL D 72 1.91 27.52 44.23
N GLU D 73 2.87 27.49 45.15
CA GLU D 73 4.30 27.54 44.87
C GLU D 73 4.73 26.36 43.97
N ARG D 74 4.28 25.14 44.32
CA ARG D 74 4.58 23.92 43.57
C ARG D 74 3.80 23.85 42.25
N LEU D 75 2.56 24.39 42.24
CA LEU D 75 1.72 24.44 41.03
C LEU D 75 2.40 25.23 39.94
N LYS D 76 3.05 26.35 40.32
CA LYS D 76 3.81 27.19 39.40
C LYS D 76 4.96 26.41 38.77
N GLU D 77 5.59 25.52 39.54
CA GLU D 77 6.67 24.67 39.04
C GLU D 77 6.14 23.67 38.02
N MET D 78 4.96 23.07 38.29
CA MET D 78 4.31 22.10 37.40
C MET D 78 3.86 22.73 36.09
N ILE D 79 3.46 24.00 36.12
CA ILE D 79 3.08 24.76 34.93
C ILE D 79 4.32 24.96 34.06
N LYS D 80 5.45 25.33 34.67
CA LYS D 80 6.73 25.50 34.00
C LYS D 80 7.26 24.15 33.46
N ALA D 81 6.90 23.04 34.14
CA ALA D 81 7.26 21.67 33.76
C ALA D 81 6.40 21.08 32.61
N GLY D 82 5.31 21.76 32.25
CA GLY D 82 4.47 21.35 31.13
C GLY D 82 3.11 20.76 31.46
N MET D 83 2.49 21.14 32.59
CA MET D 83 1.15 20.64 32.92
C MET D 83 0.16 21.44 32.09
N ASN D 84 -0.72 20.77 31.35
CA ASN D 84 -1.68 21.46 30.50
C ASN D 84 -3.06 21.48 31.08
N ILE D 85 -3.45 20.42 31.78
CA ILE D 85 -4.76 20.33 32.40
C ILE D 85 -4.62 19.92 33.87
N ALA D 86 -5.47 20.47 34.74
CA ALA D 86 -5.44 20.15 36.16
C ALA D 86 -6.69 19.37 36.51
N ARG D 87 -6.53 18.11 36.96
CA ARG D 87 -7.64 17.24 37.34
C ARG D 87 -8.01 17.35 38.81
N LEU D 88 -9.32 17.48 39.09
CA LEU D 88 -9.85 17.55 40.45
C LEU D 88 -10.67 16.28 40.68
N ASN D 89 -10.13 15.31 41.42
CA ASN D 89 -10.87 14.06 41.67
C ASN D 89 -11.92 14.27 42.73
N PHE D 90 -13.19 14.27 42.33
CA PHE D 90 -14.28 14.49 43.29
C PHE D 90 -14.67 13.22 44.08
N SER D 91 -13.95 12.11 43.89
CA SER D 91 -14.14 10.89 44.68
C SER D 91 -13.62 11.14 46.13
N HIS D 92 -12.61 12.03 46.28
CA HIS D 92 -12.04 12.46 47.55
C HIS D 92 -12.12 13.98 47.57
N GLY D 93 -12.48 14.54 48.71
CA GLY D 93 -12.53 15.99 48.87
C GLY D 93 -13.91 16.59 48.94
N SER D 94 -14.06 17.61 49.79
CA SER D 94 -15.31 18.35 49.95
C SER D 94 -15.35 19.51 48.92
N HIS D 95 -16.52 20.13 48.71
CA HIS D 95 -16.66 21.26 47.78
C HIS D 95 -15.77 22.45 48.18
N GLU D 96 -15.55 22.63 49.50
CA GLU D 96 -14.69 23.67 50.06
C GLU D 96 -13.22 23.34 49.73
N TYR D 97 -12.85 22.05 49.83
CA TYR D 97 -11.52 21.48 49.54
C TYR D 97 -11.18 21.63 48.05
N HIS D 98 -12.19 21.51 47.17
CA HIS D 98 -11.94 21.64 45.72
C HIS D 98 -12.07 23.08 45.23
N ALA D 99 -12.88 23.92 45.90
CA ALA D 99 -12.98 25.33 45.54
C ALA D 99 -11.64 26.02 45.85
N GLU D 100 -11.00 25.64 46.98
CA GLU D 100 -9.70 26.18 47.34
C GLU D 100 -8.65 25.77 46.32
N SER D 101 -8.76 24.54 45.80
CA SER D 101 -7.88 24.01 44.76
C SER D 101 -8.00 24.86 43.50
N ILE D 102 -9.24 25.21 43.09
CA ILE D 102 -9.48 26.04 41.91
C ILE D 102 -8.89 27.45 42.06
N ALA D 103 -8.97 28.00 43.28
CA ALA D 103 -8.42 29.31 43.58
C ALA D 103 -6.89 29.24 43.52
N ASN D 104 -6.30 28.17 44.09
CA ASN D 104 -4.85 27.92 44.09
C ASN D 104 -4.34 27.80 42.66
N VAL D 105 -5.08 27.06 41.82
CA VAL D 105 -4.73 26.83 40.43
C VAL D 105 -4.82 28.12 39.63
N ARG D 106 -5.98 28.79 39.60
CA ARG D 106 -6.13 30.03 38.86
C ARG D 106 -5.16 31.11 39.29
N GLU D 107 -4.74 31.09 40.56
CA GLU D 107 -3.77 32.02 41.11
C GLU D 107 -2.40 31.77 40.45
N ALA D 108 -1.97 30.50 40.41
CA ALA D 108 -0.71 30.10 39.79
C ALA D 108 -0.76 30.32 38.27
N VAL D 109 -1.92 30.05 37.66
CA VAL D 109 -2.20 30.21 36.24
C VAL D 109 -1.99 31.66 35.81
N GLU D 110 -2.57 32.59 36.57
CA GLU D 110 -2.50 33.99 36.22
C GLU D 110 -1.24 34.71 36.68
N SER D 111 -0.32 34.01 37.37
CA SER D 111 0.95 34.63 37.75
C SER D 111 1.85 34.87 36.52
N PHE D 112 1.71 34.02 35.48
CA PHE D 112 2.46 34.15 34.23
C PHE D 112 1.79 35.05 33.18
N ALA D 113 0.66 35.70 33.54
CA ALA D 113 -0.06 36.56 32.61
C ALA D 113 0.64 37.90 32.27
N GLY D 114 1.72 38.21 32.97
CA GLY D 114 2.51 39.42 32.76
C GLY D 114 3.13 39.48 31.38
N SER D 115 3.60 38.34 30.89
CA SER D 115 4.14 38.26 29.55
C SER D 115 3.18 37.42 28.72
N PRO D 116 2.31 38.08 27.92
CA PRO D 116 1.32 37.33 27.11
C PRO D 116 1.92 36.48 25.98
N LEU D 117 3.11 36.85 25.48
CA LEU D 117 3.80 36.08 24.43
C LEU D 117 4.37 34.74 24.93
N SER D 118 4.45 34.55 26.26
CA SER D 118 4.88 33.30 26.90
C SER D 118 3.85 32.81 27.95
N TYR D 119 2.58 33.24 27.79
CA TYR D 119 1.44 32.93 28.64
C TYR D 119 0.90 31.55 28.28
N ARG D 120 1.05 30.59 29.20
CA ARG D 120 0.56 29.24 28.94
C ARG D 120 -0.75 29.00 29.68
N PRO D 121 -1.87 28.91 28.95
CA PRO D 121 -3.16 28.65 29.62
C PRO D 121 -3.29 27.22 30.16
N VAL D 122 -4.03 27.01 31.24
CA VAL D 122 -4.21 25.68 31.81
C VAL D 122 -5.70 25.40 31.98
N ALA D 123 -6.17 24.25 31.51
CA ALA D 123 -7.58 23.89 31.66
C ALA D 123 -7.86 23.28 33.03
N ILE D 124 -9.11 23.42 33.50
CA ILE D 124 -9.49 22.82 34.78
C ILE D 124 -10.56 21.76 34.56
N ALA D 125 -10.23 20.52 34.91
CA ALA D 125 -11.16 19.43 34.71
C ALA D 125 -11.72 18.87 36.01
N LEU D 126 -12.97 18.43 35.99
CA LEU D 126 -13.61 17.87 37.18
C LEU D 126 -13.84 16.40 36.94
N ASP D 127 -13.21 15.52 37.73
CA ASP D 127 -13.45 14.09 37.57
C ASP D 127 -14.55 13.69 38.54
N THR D 128 -15.73 13.29 38.04
CA THR D 128 -16.86 12.93 38.89
C THR D 128 -16.61 11.66 39.73
N LYS D 129 -17.40 11.47 40.78
CA LYS D 129 -17.27 10.32 41.66
C LYS D 129 -17.85 9.04 41.04
N GLY D 130 -18.89 9.18 40.23
CA GLY D 130 -19.50 8.03 39.57
C GLY D 130 -20.91 7.71 40.04
N PRO D 131 -21.70 7.00 39.22
CA PRO D 131 -23.08 6.66 39.61
C PRO D 131 -23.25 5.71 40.80
N GLY D 132 -22.15 5.25 41.37
CA GLY D 132 -22.18 4.37 42.52
C GLY D 132 -22.72 2.98 42.24
N SER D 133 -23.95 2.69 42.68
CA SER D 133 -24.55 1.39 42.47
C SER D 133 -26.06 1.49 42.21
N GLY D 134 -26.42 2.19 41.13
CA GLY D 134 -27.82 2.37 40.79
C GLY D 134 -28.10 2.99 39.44
N PRO D 135 -29.30 2.70 38.89
CA PRO D 135 -29.68 3.27 37.59
C PRO D 135 -29.92 4.77 37.64
N GLY D 136 -29.04 5.52 37.00
CA GLY D 136 -29.14 6.97 36.97
C GLY D 136 -27.92 7.64 37.57
N LEU D 137 -27.82 8.96 37.35
CA LEU D 137 -26.72 9.78 37.85
C LEU D 137 -26.87 9.92 39.37
N SER D 138 -25.81 9.61 40.15
CA SER D 138 -25.88 9.70 41.62
C SER D 138 -26.17 11.14 42.08
N GLU D 139 -26.84 11.29 43.24
CA GLU D 139 -27.23 12.59 43.79
C GLU D 139 -26.04 13.50 44.09
N GLN D 140 -24.93 12.92 44.59
CA GLN D 140 -23.71 13.69 44.86
C GLN D 140 -23.17 14.27 43.55
N ASP D 141 -23.20 13.48 42.47
CA ASP D 141 -22.76 13.86 41.14
C ASP D 141 -23.52 15.07 40.59
N VAL D 142 -24.81 15.20 40.92
CA VAL D 142 -25.60 16.35 40.49
C VAL D 142 -25.06 17.63 41.13
N ARG D 143 -24.75 17.55 42.44
CA ARG D 143 -24.20 18.67 43.19
C ARG D 143 -22.81 19.03 42.67
N ASP D 144 -21.99 18.00 42.42
CA ASP D 144 -20.62 18.18 41.93
C ASP D 144 -20.62 18.88 40.58
N LEU D 145 -21.53 18.47 39.69
CA LEU D 145 -21.65 19.04 38.35
C LEU D 145 -22.15 20.48 38.38
N ARG D 146 -23.10 20.78 39.28
CA ARG D 146 -23.57 22.15 39.42
C ARG D 146 -22.43 23.04 39.97
N PHE D 147 -21.58 22.49 40.86
CA PHE D 147 -20.43 23.17 41.43
C PHE D 147 -19.45 23.54 40.33
N GLY D 148 -19.15 22.58 39.46
CA GLY D 148 -18.22 22.80 38.35
C GLY D 148 -18.66 23.90 37.42
N VAL D 149 -19.97 23.94 37.13
CA VAL D 149 -20.58 24.96 36.27
C VAL D 149 -20.38 26.32 36.92
N GLU D 150 -20.70 26.42 38.21
CA GLU D 150 -20.56 27.64 39.00
C GLU D 150 -19.13 28.12 39.12
N HIS D 151 -18.18 27.18 39.14
CA HIS D 151 -16.78 27.51 39.28
C HIS D 151 -16.02 27.65 37.95
N GLY D 152 -16.73 27.57 36.82
CA GLY D 152 -16.14 27.74 35.49
C GLY D 152 -15.18 26.66 35.01
N VAL D 153 -15.45 25.39 35.34
CA VAL D 153 -14.59 24.30 34.86
C VAL D 153 -14.72 24.16 33.34
N ASP D 154 -13.66 23.69 32.69
CA ASP D 154 -13.65 23.57 31.24
C ASP D 154 -14.02 22.16 30.79
N ILE D 155 -13.54 21.15 31.52
CA ILE D 155 -13.77 19.74 31.16
C ILE D 155 -14.37 18.97 32.32
N VAL D 156 -15.17 17.94 32.00
CA VAL D 156 -15.77 17.04 32.99
C VAL D 156 -15.41 15.63 32.59
N PHE D 157 -14.76 14.89 33.50
CA PHE D 157 -14.45 13.50 33.26
C PHE D 157 -15.59 12.73 33.90
N ALA D 158 -16.53 12.26 33.07
CA ALA D 158 -17.69 11.54 33.56
C ALA D 158 -17.32 10.11 33.93
N SER D 159 -17.25 9.83 35.23
CA SER D 159 -16.88 8.50 35.72
C SER D 159 -17.96 7.49 35.42
N PHE D 160 -17.53 6.26 35.07
CA PHE D 160 -18.36 5.11 34.79
C PHE D 160 -19.52 5.36 33.80
N VAL D 161 -19.20 5.71 32.56
CA VAL D 161 -20.20 5.89 31.52
C VAL D 161 -20.41 4.51 30.91
N ARG D 162 -21.67 4.04 30.84
CA ARG D 162 -21.95 2.72 30.27
C ARG D 162 -22.84 2.77 29.02
N LYS D 163 -23.52 3.88 28.77
CA LYS D 163 -24.39 4.07 27.60
C LYS D 163 -24.53 5.56 27.25
N ALA D 164 -25.11 5.87 26.07
CA ALA D 164 -25.30 7.26 25.61
C ALA D 164 -26.29 8.06 26.47
N SER D 165 -27.18 7.35 27.21
CA SER D 165 -28.13 8.00 28.11
C SER D 165 -27.40 8.62 29.33
N ASP D 166 -26.29 7.99 29.77
CA ASP D 166 -25.46 8.45 30.88
C ASP D 166 -24.83 9.80 30.54
N VAL D 167 -24.43 10.00 29.28
CA VAL D 167 -23.81 11.24 28.81
C VAL D 167 -24.85 12.35 28.79
N ALA D 168 -26.04 12.05 28.25
CA ALA D 168 -27.15 12.99 28.18
C ALA D 168 -27.55 13.48 29.58
N ALA D 169 -27.48 12.58 30.58
CA ALA D 169 -27.80 12.90 31.98
C ALA D 169 -26.78 13.89 32.56
N VAL D 170 -25.51 13.74 32.19
CA VAL D 170 -24.44 14.64 32.63
C VAL D 170 -24.59 16.00 31.94
N ARG D 171 -24.93 16.00 30.64
CA ARG D 171 -25.16 17.23 29.89
C ARG D 171 -26.36 18.01 30.44
N ALA D 172 -27.39 17.28 30.91
CA ALA D 172 -28.59 17.87 31.51
C ALA D 172 -28.25 18.46 32.88
N ALA D 173 -27.44 17.77 33.67
CA ALA D 173 -27.01 18.25 34.99
C ALA D 173 -26.16 19.55 34.91
N LEU D 174 -25.61 19.87 33.72
CA LEU D 174 -24.85 21.10 33.48
C LEU D 174 -25.79 22.31 33.31
N GLY D 175 -27.00 22.07 32.81
CA GLY D 175 -28.01 23.10 32.59
C GLY D 175 -27.70 24.01 31.42
N PRO D 176 -28.35 25.18 31.37
CA PRO D 176 -28.11 26.12 30.26
C PRO D 176 -26.77 26.89 30.34
N GLU D 177 -26.19 26.96 31.54
CA GLU D 177 -24.94 27.64 31.77
C GLU D 177 -23.77 26.76 31.29
N GLY D 178 -23.80 25.48 31.66
CA GLY D 178 -22.77 24.51 31.28
C GLY D 178 -22.93 23.93 29.89
N HIS D 179 -22.90 24.80 28.87
CA HIS D 179 -23.06 24.41 27.47
C HIS D 179 -21.72 24.25 26.76
N GLY D 180 -20.76 25.11 27.10
CA GLY D 180 -19.43 25.08 26.50
C GLY D 180 -18.50 24.02 27.10
N ILE D 181 -18.86 23.49 28.27
CA ILE D 181 -18.07 22.49 29.00
C ILE D 181 -17.92 21.18 28.23
N LYS D 182 -16.67 20.76 27.99
CA LYS D 182 -16.40 19.53 27.27
C LYS D 182 -16.63 18.31 28.16
N ILE D 183 -17.34 17.30 27.63
CA ILE D 183 -17.60 16.08 28.39
C ILE D 183 -16.77 14.91 27.88
N ILE D 184 -15.78 14.48 28.66
CA ILE D 184 -14.94 13.35 28.31
C ILE D 184 -15.48 12.15 29.08
N SER D 185 -15.99 11.14 28.38
CA SER D 185 -16.55 9.96 29.04
C SER D 185 -15.50 8.94 29.46
N LYS D 186 -15.43 8.63 30.75
CA LYS D 186 -14.48 7.64 31.25
C LYS D 186 -15.08 6.26 31.03
N ILE D 187 -14.44 5.46 30.17
CA ILE D 187 -14.89 4.09 29.95
C ILE D 187 -14.20 3.25 31.01
N GLU D 188 -14.95 2.85 32.04
CA GLU D 188 -14.39 2.13 33.18
C GLU D 188 -14.88 0.68 33.35
N ASN D 189 -15.78 0.18 32.48
CA ASN D 189 -16.30 -1.19 32.63
C ASN D 189 -16.58 -1.90 31.29
N HIS D 190 -16.96 -3.20 31.32
CA HIS D 190 -17.29 -3.98 30.12
C HIS D 190 -18.45 -3.40 29.30
N GLU D 191 -19.54 -2.98 29.95
CA GLU D 191 -20.69 -2.40 29.25
C GLU D 191 -20.30 -1.15 28.47
N GLY D 192 -19.44 -0.33 29.08
CA GLY D 192 -18.94 0.89 28.46
C GLY D 192 -18.11 0.61 27.23
N VAL D 193 -17.34 -0.48 27.26
CA VAL D 193 -16.50 -0.90 26.14
C VAL D 193 -17.37 -1.41 25.01
N LYS D 194 -18.38 -2.23 25.34
CA LYS D 194 -19.28 -2.77 24.32
C LYS D 194 -20.09 -1.67 23.64
N ARG D 195 -20.64 -0.74 24.43
CA ARG D 195 -21.46 0.35 23.90
C ARG D 195 -20.65 1.60 23.55
N PHE D 196 -19.36 1.44 23.23
CA PHE D 196 -18.44 2.53 22.94
C PHE D 196 -18.89 3.50 21.83
N ASP D 197 -19.31 2.97 20.68
CA ASP D 197 -19.66 3.82 19.54
C ASP D 197 -20.79 4.81 19.81
N GLU D 198 -21.81 4.40 20.58
CA GLU D 198 -22.92 5.27 20.94
C GLU D 198 -22.48 6.33 21.96
N ILE D 199 -21.55 5.97 22.84
CA ILE D 199 -21.02 6.85 23.86
C ILE D 199 -20.12 7.91 23.21
N LEU D 200 -19.28 7.50 22.26
CA LEU D 200 -18.37 8.43 21.57
C LEU D 200 -19.15 9.44 20.73
N GLU D 201 -20.27 8.99 20.13
CA GLU D 201 -21.14 9.82 19.29
CA GLU D 201 -21.11 9.83 19.28
C GLU D 201 -21.68 11.02 20.06
N VAL D 202 -22.05 10.79 21.33
CA VAL D 202 -22.63 11.83 22.18
C VAL D 202 -21.60 12.53 23.08
N SER D 203 -20.40 11.95 23.25
CA SER D 203 -19.35 12.54 24.08
C SER D 203 -18.47 13.51 23.27
N ASP D 204 -17.72 14.36 23.97
CA ASP D 204 -16.74 15.24 23.33
C ASP D 204 -15.37 14.55 23.15
N GLY D 205 -15.13 13.48 23.92
CA GLY D 205 -13.93 12.66 23.88
C GLY D 205 -14.02 11.49 24.85
N ILE D 206 -13.00 10.62 24.85
CA ILE D 206 -12.99 9.44 25.73
C ILE D 206 -11.77 9.38 26.63
N MET D 207 -11.95 8.86 27.84
CA MET D 207 -10.83 8.62 28.72
C MET D 207 -10.76 7.12 28.92
N VAL D 208 -9.56 6.56 28.71
CA VAL D 208 -9.30 5.16 28.92
C VAL D 208 -8.87 5.07 30.38
N ALA D 209 -9.87 5.00 31.28
CA ALA D 209 -9.63 4.93 32.72
C ALA D 209 -9.30 3.49 33.06
N ARG D 210 -8.03 3.12 32.85
CA ARG D 210 -7.51 1.78 33.03
C ARG D 210 -7.57 1.23 34.43
N GLY D 211 -7.68 2.10 35.43
CA GLY D 211 -7.73 1.68 36.82
C GLY D 211 -8.92 0.79 37.11
N ASP D 212 -10.11 1.38 37.02
CA ASP D 212 -11.37 0.67 37.24
C ASP D 212 -11.56 -0.42 36.14
N LEU D 213 -11.16 -0.10 34.90
CA LEU D 213 -11.26 -0.98 33.75
C LEU D 213 -10.49 -2.30 33.92
N GLY D 214 -9.30 -2.21 34.52
CA GLY D 214 -8.46 -3.37 34.80
C GLY D 214 -9.03 -4.34 35.81
N ILE D 215 -10.11 -3.93 36.51
CA ILE D 215 -10.80 -4.74 37.50
C ILE D 215 -12.06 -5.37 36.90
N GLU D 216 -12.84 -4.59 36.12
CA GLU D 216 -14.08 -5.07 35.51
C GLU D 216 -13.84 -6.13 34.42
N ILE D 217 -12.76 -5.94 33.64
CA ILE D 217 -12.36 -6.88 32.60
C ILE D 217 -10.93 -7.41 32.90
N PRO D 218 -10.56 -8.63 32.45
CA PRO D 218 -9.21 -9.15 32.75
C PRO D 218 -8.07 -8.17 32.46
N ALA D 219 -7.09 -8.09 33.36
CA ALA D 219 -5.94 -7.18 33.23
C ALA D 219 -5.16 -7.38 31.93
N GLU D 220 -5.13 -8.63 31.43
CA GLU D 220 -4.44 -8.94 30.19
C GLU D 220 -5.20 -8.46 28.93
N LYS D 221 -6.45 -8.03 29.07
CA LYS D 221 -7.25 -7.53 27.95
C LYS D 221 -7.34 -5.99 27.92
N VAL D 222 -6.76 -5.29 28.91
CA VAL D 222 -6.86 -3.83 29.00
C VAL D 222 -6.19 -3.13 27.84
N PHE D 223 -4.99 -3.59 27.44
CA PHE D 223 -4.28 -3.00 26.30
C PHE D 223 -5.13 -3.08 25.02
N LEU D 224 -5.92 -4.16 24.85
CA LEU D 224 -6.77 -4.33 23.68
C LEU D 224 -7.82 -3.23 23.65
N ALA D 225 -8.45 -2.96 24.81
CA ALA D 225 -9.46 -1.93 24.95
C ALA D 225 -8.84 -0.56 24.73
N GLN D 226 -7.64 -0.32 25.29
CA GLN D 226 -6.95 0.95 25.13
C GLN D 226 -6.69 1.24 23.66
N LYS D 227 -5.99 0.32 22.98
CA LYS D 227 -5.63 0.43 21.58
C LYS D 227 -6.85 0.57 20.66
N MET D 228 -7.96 -0.11 20.99
CA MET D 228 -9.17 -0.01 20.19
C MET D 228 -9.79 1.37 20.33
N MET D 229 -9.94 1.85 21.58
CA MET D 229 -10.57 3.13 21.85
C MET D 229 -9.79 4.26 21.25
N ILE D 230 -8.46 4.24 21.41
CA ILE D 230 -7.60 5.27 20.82
C ILE D 230 -7.76 5.32 19.30
N GLY D 231 -7.83 4.14 18.68
CA GLY D 231 -8.02 3.99 17.24
C GLY D 231 -9.35 4.54 16.76
N ARG D 232 -10.43 4.21 17.47
CA ARG D 232 -11.75 4.71 17.11
C ARG D 232 -11.87 6.21 17.32
N CYS D 233 -11.17 6.75 18.34
CA CYS D 233 -11.16 8.18 18.63
C CYS D 233 -10.37 8.91 17.59
N ASN D 234 -9.26 8.34 17.14
CA ASN D 234 -8.44 8.94 16.10
C ASN D 234 -9.22 8.97 14.78
N LEU D 235 -9.97 7.91 14.52
CA LEU D 235 -10.83 7.78 13.35
C LEU D 235 -11.91 8.86 13.39
N ALA D 236 -12.56 9.04 14.57
CA ALA D 236 -13.62 10.03 14.78
C ALA D 236 -13.17 11.48 14.90
N GLY D 237 -11.87 11.70 15.10
CA GLY D 237 -11.30 13.03 15.28
C GLY D 237 -11.47 13.61 16.67
N LYS D 238 -12.06 12.83 17.58
CA LYS D 238 -12.31 13.27 18.96
C LYS D 238 -11.12 12.94 19.90
N PRO D 239 -10.85 13.81 20.88
CA PRO D 239 -9.72 13.56 21.79
C PRO D 239 -9.83 12.28 22.61
N VAL D 240 -8.67 11.69 22.95
CA VAL D 240 -8.62 10.48 23.74
C VAL D 240 -7.51 10.60 24.80
N VAL D 241 -7.84 10.26 26.06
CA VAL D 241 -6.91 10.37 27.18
C VAL D 241 -6.50 9.03 27.73
N CYS D 242 -5.19 8.77 27.88
CA CYS D 242 -4.73 7.54 28.51
C CYS D 242 -4.54 7.87 30.00
N ALA D 243 -5.13 7.06 30.88
CA ALA D 243 -5.10 7.32 32.31
C ALA D 243 -4.70 6.10 33.14
N THR D 244 -4.30 6.32 34.43
CA THR D 244 -4.00 5.37 35.49
C THR D 244 -2.67 4.58 35.40
N GLN D 245 -1.83 4.68 36.47
CA GLN D 245 -0.58 3.96 36.69
C GLN D 245 0.45 4.09 35.56
N MET D 246 0.52 5.28 34.94
CA MET D 246 1.49 5.50 33.85
C MET D 246 2.93 5.55 34.37
N LEU D 247 3.16 6.26 35.49
CA LEU D 247 4.46 6.35 36.17
C LEU D 247 4.22 6.06 37.65
N GLU D 248 3.51 4.98 37.95
CA GLU D 248 3.12 4.57 39.30
C GLU D 248 4.26 4.48 40.32
N SER D 249 5.41 3.89 39.95
CA SER D 249 6.57 3.77 40.85
C SER D 249 7.13 5.12 41.29
N MET D 250 6.91 6.19 40.48
CA MET D 250 7.37 7.53 40.81
C MET D 250 6.64 8.18 42.00
N ILE D 251 5.62 7.52 42.55
CA ILE D 251 4.93 7.99 43.74
C ILE D 251 5.92 7.97 44.92
N THR D 252 6.76 6.94 45.00
CA THR D 252 7.77 6.76 46.04
C THR D 252 9.22 6.99 45.54
N LYS D 253 9.54 6.50 44.32
CA LYS D 253 10.89 6.57 43.71
C LYS D 253 11.13 7.75 42.77
N PRO D 254 12.37 8.25 42.69
CA PRO D 254 12.64 9.42 41.81
C PRO D 254 12.70 9.10 40.31
N ARG D 255 12.90 7.83 39.97
CA ARG D 255 12.98 7.42 38.58
C ARG D 255 11.99 6.27 38.32
N PRO D 256 11.33 6.27 37.14
CA PRO D 256 10.34 5.24 36.86
C PRO D 256 10.94 3.90 36.40
N THR D 257 10.08 2.89 36.24
CA THR D 257 10.52 1.61 35.75
C THR D 257 10.67 1.62 34.22
N ARG D 258 11.32 0.61 33.65
CA ARG D 258 11.48 0.49 32.21
C ARG D 258 10.12 0.28 31.51
N ALA D 259 9.17 -0.37 32.20
CA ALA D 259 7.81 -0.62 31.73
C ALA D 259 6.96 0.67 31.76
N GLU D 260 7.24 1.56 32.70
CA GLU D 260 6.51 2.79 32.84
C GLU D 260 6.85 3.75 31.74
N THR D 261 8.16 3.92 31.44
CA THR D 261 8.59 4.77 30.32
C THR D 261 8.03 4.19 29.01
N SER D 262 8.07 2.85 28.88
CA SER D 262 7.52 2.12 27.74
C SER D 262 6.03 2.43 27.56
N ASP D 263 5.20 2.23 28.59
CA ASP D 263 3.76 2.49 28.53
C ASP D 263 3.44 3.92 28.11
N VAL D 264 4.14 4.91 28.69
CA VAL D 264 3.92 6.32 28.35
C VAL D 264 4.20 6.55 26.88
N ALA D 265 5.36 6.08 26.41
CA ALA D 265 5.78 6.20 25.02
C ALA D 265 4.81 5.51 24.07
N ASN D 266 4.31 4.34 24.47
CA ASN D 266 3.37 3.58 23.68
C ASN D 266 2.02 4.21 23.62
N ALA D 267 1.58 4.91 24.67
CA ALA D 267 0.29 5.61 24.63
C ALA D 267 0.35 6.71 23.55
N VAL D 268 1.48 7.42 23.46
CA VAL D 268 1.70 8.46 22.46
C VAL D 268 1.75 7.79 21.08
N LEU D 269 2.53 6.72 20.95
CA LEU D 269 2.63 5.99 19.70
C LEU D 269 1.28 5.43 19.23
N ASP D 270 0.42 5.02 20.18
CA ASP D 270 -0.93 4.53 19.90
C ASP D 270 -1.81 5.62 19.29
N GLY D 271 -1.56 6.87 19.66
CA GLY D 271 -2.30 8.00 19.13
C GLY D 271 -3.15 8.72 20.15
N ALA D 272 -2.80 8.60 21.45
CA ALA D 272 -3.56 9.28 22.49
C ALA D 272 -3.28 10.78 22.45
N ASP D 273 -4.33 11.58 22.60
CA ASP D 273 -4.20 13.03 22.59
C ASP D 273 -3.62 13.53 23.93
N CYS D 274 -3.99 12.85 25.04
CA CYS D 274 -3.57 13.22 26.39
C CYS D 274 -3.00 12.08 27.20
N ILE D 275 -2.04 12.39 28.08
CA ILE D 275 -1.47 11.44 29.05
C ILE D 275 -1.77 11.98 30.45
N MET D 276 -2.04 11.09 31.41
CA MET D 276 -2.46 11.53 32.73
C MET D 276 -1.72 10.94 33.93
N LEU D 277 -1.61 11.72 35.01
CA LEU D 277 -0.96 11.28 36.24
C LEU D 277 -1.92 11.28 37.45
N SER D 278 -2.61 10.15 37.67
CA SER D 278 -3.54 10.02 38.80
C SER D 278 -2.86 9.41 40.02
N GLY D 279 -2.58 10.24 41.03
CA GLY D 279 -1.91 9.77 42.24
C GLY D 279 -0.40 9.95 42.18
N GLU D 280 0.16 9.99 40.95
CA GLU D 280 1.59 10.21 40.73
C GLU D 280 1.98 11.67 41.04
N THR D 281 1.03 12.60 40.91
CA THR D 281 1.22 14.00 41.24
C THR D 281 0.36 14.38 42.47
N ALA D 282 -0.82 13.75 42.63
CA ALA D 282 -1.73 14.02 43.73
C ALA D 282 -1.17 13.69 45.12
N LYS D 283 -0.54 12.51 45.30
CA LYS D 283 -0.03 12.12 46.63
C LYS D 283 1.41 11.60 46.66
N GLY D 284 2.13 11.69 45.55
CA GLY D 284 3.50 11.19 45.46
C GLY D 284 4.57 12.21 45.79
N ASN D 285 5.74 11.72 46.27
CA ASN D 285 6.88 12.56 46.64
C ASN D 285 7.52 13.30 45.46
N PHE D 286 7.22 12.88 44.22
CA PHE D 286 7.80 13.50 43.04
C PHE D 286 6.72 13.95 42.06
N PRO D 287 5.99 15.03 42.37
CA PRO D 287 4.92 15.48 41.46
C PRO D 287 5.47 16.20 40.23
N VAL D 288 6.35 17.18 40.43
CA VAL D 288 6.97 17.94 39.34
C VAL D 288 7.85 17.03 38.48
N GLU D 289 8.57 16.11 39.12
CA GLU D 289 9.46 15.16 38.47
C GLU D 289 8.70 14.20 37.55
N ALA D 290 7.45 13.85 37.93
CA ALA D 290 6.60 12.98 37.11
C ALA D 290 6.10 13.73 35.88
N VAL D 291 5.80 15.03 36.02
CA VAL D 291 5.36 15.89 34.94
C VAL D 291 6.50 16.08 33.94
N LYS D 292 7.71 16.37 34.45
CA LYS D 292 8.90 16.54 33.63
C LYS D 292 9.23 15.26 32.89
N MET D 293 9.09 14.10 33.58
CA MET D 293 9.37 12.81 32.97
C MET D 293 8.35 12.50 31.89
N GLN D 294 7.05 12.71 32.15
CA GLN D 294 6.02 12.50 31.13
C GLN D 294 6.25 13.36 29.90
N HIS D 295 6.71 14.60 30.10
CA HIS D 295 7.03 15.52 29.03
C HIS D 295 8.20 14.98 28.18
N ALA D 296 9.26 14.53 28.86
CA ALA D 296 10.46 14.02 28.20
C ALA D 296 10.16 12.82 27.31
N ILE D 297 9.38 11.83 27.82
CA ILE D 297 9.01 10.63 27.07
C ILE D 297 8.10 10.98 25.89
N ALA D 298 7.09 11.82 26.12
CA ALA D 298 6.13 12.23 25.09
C ALA D 298 6.82 12.92 23.92
N ARG D 299 7.79 13.78 24.23
CA ARG D 299 8.53 14.49 23.19
C ARG D 299 9.29 13.50 22.28
N GLU D 300 9.94 12.49 22.88
CA GLU D 300 10.70 11.47 22.14
C GLU D 300 9.79 10.57 21.32
N ALA D 301 8.63 10.22 21.87
CA ALA D 301 7.67 9.34 21.21
C ALA D 301 7.00 10.00 20.01
N GLU D 302 6.82 11.31 20.05
CA GLU D 302 6.21 12.04 18.95
C GLU D 302 7.10 12.07 17.71
N ALA D 303 8.42 12.15 17.92
CA ALA D 303 9.38 12.11 16.81
C ALA D 303 9.41 10.68 16.20
N ALA D 304 9.18 9.65 17.03
CA ALA D 304 9.14 8.25 16.58
C ALA D 304 7.83 7.85 15.91
N VAL D 305 6.91 8.79 15.67
CA VAL D 305 5.64 8.49 15.02
C VAL D 305 5.87 8.34 13.52
N TYR D 306 5.36 7.24 12.94
CA TYR D 306 5.48 6.99 11.51
C TYR D 306 4.39 7.75 10.75
N HIS D 307 4.56 9.07 10.61
CA HIS D 307 3.62 9.97 9.95
C HIS D 307 3.33 9.59 8.51
N ARG D 308 4.28 8.95 7.82
CA ARG D 308 4.09 8.56 6.41
C ARG D 308 2.83 7.68 6.21
N GLN D 309 2.71 6.61 7.00
CA GLN D 309 1.54 5.75 6.92
C GLN D 309 0.38 6.32 7.73
N LEU D 310 0.68 6.97 8.86
CA LEU D 310 -0.35 7.54 9.73
C LEU D 310 -1.21 8.54 8.98
N PHE D 311 -0.58 9.50 8.27
CA PHE D 311 -1.31 10.52 7.51
C PHE D 311 -2.07 9.91 6.36
N GLU D 312 -1.43 8.97 5.64
CA GLU D 312 -2.09 8.32 4.52
C GLU D 312 -3.33 7.55 4.96
N GLU D 313 -3.22 6.83 6.07
CA GLU D 313 -4.34 6.05 6.60
C GLU D 313 -5.43 6.96 7.15
N LEU D 314 -5.04 8.03 7.86
CA LEU D 314 -5.99 8.97 8.44
C LEU D 314 -6.75 9.72 7.37
N ARG D 315 -6.08 10.04 6.26
CA ARG D 315 -6.68 10.74 5.12
C ARG D 315 -7.63 9.80 4.38
N ARG D 316 -7.18 8.56 4.14
CA ARG D 316 -7.97 7.56 3.46
C ARG D 316 -9.24 7.23 4.25
N ALA D 317 -9.13 7.14 5.58
CA ALA D 317 -10.24 6.81 6.47
C ALA D 317 -11.24 7.94 6.67
N ALA D 318 -10.77 9.19 6.61
CA ALA D 318 -11.64 10.34 6.80
C ALA D 318 -12.61 10.48 5.67
N PRO D 319 -13.91 10.64 5.97
CA PRO D 319 -14.90 10.77 4.88
C PRO D 319 -14.79 12.07 4.13
N LEU D 320 -15.22 12.08 2.86
CA LEU D 320 -15.20 13.31 2.07
C LEU D 320 -16.17 14.32 2.68
N SER D 321 -15.88 15.62 2.55
CA SER D 321 -16.72 16.64 3.18
C SER D 321 -16.95 17.84 2.31
N ARG D 322 -18.15 18.40 2.41
CA ARG D 322 -18.52 19.63 1.69
CA ARG D 322 -18.47 19.63 1.68
C ARG D 322 -18.37 20.87 2.59
N ASP D 323 -17.74 20.72 3.79
CA ASP D 323 -17.50 21.76 4.79
C ASP D 323 -16.11 22.33 4.51
N PRO D 324 -16.03 23.64 4.20
CA PRO D 324 -14.73 24.24 3.89
C PRO D 324 -13.72 24.25 5.03
N THR D 325 -14.19 24.18 6.27
CA THR D 325 -13.32 24.13 7.44
C THR D 325 -12.53 22.78 7.37
N GLU D 326 -13.22 21.68 7.05
CA GLU D 326 -12.61 20.34 6.94
C GLU D 326 -11.73 20.20 5.71
N VAL D 327 -12.19 20.76 4.60
CA VAL D 327 -11.46 20.75 3.34
C VAL D 327 -10.17 21.57 3.47
N THR D 328 -10.24 22.69 4.18
CA THR D 328 -9.07 23.55 4.39
C THR D 328 -8.07 22.83 5.32
N ALA D 329 -8.57 22.11 6.33
CA ALA D 329 -7.72 21.38 7.27
C ALA D 329 -6.82 20.35 6.55
N ILE D 330 -7.40 19.48 5.69
CA ILE D 330 -6.62 18.48 4.96
C ILE D 330 -5.64 19.13 3.96
N GLY D 331 -6.02 20.26 3.38
CA GLY D 331 -5.17 20.98 2.45
C GLY D 331 -3.99 21.62 3.18
N ALA D 332 -4.23 22.13 4.38
CA ALA D 332 -3.20 22.78 5.19
C ALA D 332 -2.21 21.75 5.72
N VAL D 333 -2.71 20.59 6.19
CA VAL D 333 -1.88 19.51 6.70
C VAL D 333 -1.02 18.92 5.57
N GLU D 334 -1.60 18.80 4.36
CA GLU D 334 -0.90 18.30 3.20
C GLU D 334 0.20 19.28 2.78
N ALA D 335 -0.11 20.58 2.77
CA ALA D 335 0.83 21.63 2.43
C ALA D 335 1.97 21.73 3.45
N ALA D 336 1.66 21.50 4.73
CA ALA D 336 2.67 21.54 5.79
C ALA D 336 3.66 20.37 5.68
N PHE D 337 3.17 19.19 5.28
CA PHE D 337 4.04 18.03 5.11
C PHE D 337 5.01 18.22 3.93
N LYS D 338 4.52 18.84 2.85
CA LYS D 338 5.26 19.12 1.62
C LYS D 338 6.49 19.99 1.83
N CYS D 339 6.38 21.00 2.68
CA CYS D 339 7.48 21.93 2.91
C CYS D 339 8.16 21.78 4.28
N CYS D 340 7.66 20.85 5.13
CA CYS D 340 8.14 20.67 6.50
C CYS D 340 7.98 21.96 7.26
N ALA D 341 6.74 22.48 7.21
CA ALA D 341 6.33 23.72 7.85
C ALA D 341 6.57 23.60 9.34
N ALA D 342 7.17 24.62 9.96
CA ALA D 342 7.45 24.57 11.39
C ALA D 342 6.12 24.50 12.19
N ALA D 343 5.14 25.29 11.76
CA ALA D 343 3.87 25.35 12.45
C ALA D 343 2.72 25.71 11.51
N ILE D 344 1.49 25.37 11.93
CA ILE D 344 0.29 25.75 11.22
C ILE D 344 -0.45 26.72 12.13
N ILE D 345 -0.42 28.01 11.82
CA ILE D 345 -1.10 29.01 12.62
C ILE D 345 -2.54 29.12 12.18
N VAL D 346 -3.46 28.82 13.09
CA VAL D 346 -4.88 28.86 12.79
C VAL D 346 -5.59 29.86 13.72
N LEU D 347 -6.48 30.71 13.15
CA LEU D 347 -7.25 31.72 13.89
C LEU D 347 -8.61 31.13 14.24
N THR D 348 -8.75 30.55 15.44
CA THR D 348 -10.00 29.91 15.83
C THR D 348 -10.86 30.83 16.76
N THR D 349 -12.06 30.35 17.13
CA THR D 349 -13.00 31.02 18.01
C THR D 349 -13.54 29.99 19.01
N THR D 350 -13.90 28.79 18.53
CA THR D 350 -14.39 27.71 19.38
C THR D 350 -13.39 26.54 19.56
N GLY D 351 -12.27 26.58 18.83
CA GLY D 351 -11.29 25.50 18.84
C GLY D 351 -11.60 24.37 17.87
N ARG D 352 -12.58 24.58 16.98
CA ARG D 352 -12.97 23.58 15.99
C ARG D 352 -11.98 23.50 14.84
N SER D 353 -11.55 24.65 14.30
CA SER D 353 -10.60 24.68 13.19
C SER D 353 -9.29 24.01 13.57
N ALA D 354 -8.83 24.24 14.81
CA ALA D 354 -7.60 23.62 15.27
C ALA D 354 -7.78 22.10 15.54
N GLN D 355 -8.99 21.69 15.99
CA GLN D 355 -9.30 20.28 16.22
C GLN D 355 -9.28 19.54 14.89
N LEU D 356 -9.87 20.14 13.84
CA LEU D 356 -9.89 19.55 12.50
C LEU D 356 -8.51 19.43 11.88
N LEU D 357 -7.58 20.31 12.24
CA LEU D 357 -6.21 20.22 11.76
C LEU D 357 -5.50 19.08 12.51
N SER D 358 -5.73 18.98 13.84
CA SER D 358 -5.17 17.97 14.74
C SER D 358 -5.51 16.54 14.33
N ARG D 359 -6.76 16.29 13.89
CA ARG D 359 -7.21 14.95 13.49
C ARG D 359 -6.37 14.33 12.38
N TYR D 360 -5.79 15.16 11.50
CA TYR D 360 -4.93 14.67 10.44
C TYR D 360 -3.48 14.41 10.87
N ARG D 361 -3.18 14.60 12.17
CA ARG D 361 -1.91 14.37 12.84
C ARG D 361 -0.69 14.92 12.10
N PRO D 362 -0.58 16.24 11.94
CA PRO D 362 0.60 16.79 11.25
C PRO D 362 1.86 16.78 12.11
N ARG D 363 3.02 16.82 11.46
CA ARG D 363 4.28 16.94 12.18
C ARG D 363 4.43 18.41 12.69
N ALA D 364 3.85 19.39 11.94
CA ALA D 364 3.83 20.81 12.28
C ALA D 364 2.95 21.08 13.51
N ALA D 365 3.32 22.10 14.27
CA ALA D 365 2.61 22.45 15.49
C ALA D 365 1.40 23.30 15.15
N VAL D 366 0.21 22.88 15.59
CA VAL D 366 -0.99 23.67 15.33
C VAL D 366 -1.10 24.77 16.35
N ILE D 367 -0.63 25.97 16.00
CA ILE D 367 -0.70 27.15 16.86
C ILE D 367 -2.05 27.83 16.71
N ALA D 368 -2.90 27.68 17.73
CA ALA D 368 -4.23 28.25 17.72
C ALA D 368 -4.24 29.62 18.36
N VAL D 369 -4.70 30.64 17.64
CA VAL D 369 -4.81 32.01 18.15
C VAL D 369 -6.29 32.33 18.34
N THR D 370 -6.74 32.42 19.58
CA THR D 370 -8.13 32.69 19.88
C THR D 370 -8.27 33.78 20.95
N ARG D 371 -9.38 34.52 20.90
CA ARG D 371 -9.70 35.50 21.94
C ARG D 371 -10.53 34.84 23.08
N SER D 372 -11.02 33.60 22.89
CA SER D 372 -11.78 32.88 23.89
C SER D 372 -10.82 32.21 24.87
N ALA D 373 -10.93 32.57 26.15
CA ALA D 373 -10.10 32.00 27.19
C ALA D 373 -10.47 30.54 27.44
N GLN D 374 -11.77 30.20 27.38
CA GLN D 374 -12.29 28.85 27.57
C GLN D 374 -11.80 27.94 26.45
N ALA D 375 -11.95 28.36 25.18
CA ALA D 375 -11.52 27.59 24.03
C ALA D 375 -10.03 27.36 24.07
N ALA D 376 -9.24 28.37 24.50
CA ALA D 376 -7.79 28.24 24.62
C ALA D 376 -7.43 27.16 25.64
N ARG D 377 -8.17 27.08 26.76
CA ARG D 377 -7.92 26.06 27.79
C ARG D 377 -8.33 24.68 27.27
N GLN D 378 -9.54 24.59 26.70
CA GLN D 378 -10.11 23.34 26.18
C GLN D 378 -9.35 22.72 25.00
N VAL D 379 -8.76 23.56 24.14
CA VAL D 379 -8.02 23.09 22.97
C VAL D 379 -6.77 22.24 23.33
N HIS D 380 -6.44 22.13 24.63
CA HIS D 380 -5.38 21.26 25.12
C HIS D 380 -5.78 19.79 24.96
N LEU D 381 -7.08 19.48 24.91
CA LEU D 381 -7.54 18.13 24.72
C LEU D 381 -7.14 17.59 23.36
N CYS D 382 -6.94 18.44 22.32
CA CYS D 382 -6.54 17.92 21.02
C CYS D 382 -5.03 18.08 20.79
N ARG D 383 -4.37 16.95 20.50
CA ARG D 383 -2.94 16.78 20.34
C ARG D 383 -2.31 17.72 19.32
N GLY D 384 -1.20 18.32 19.70
CA GLY D 384 -0.47 19.23 18.84
C GLY D 384 -1.04 20.62 18.72
N VAL D 385 -2.03 20.96 19.59
CA VAL D 385 -2.61 22.30 19.55
C VAL D 385 -2.04 23.15 20.67
N PHE D 386 -1.37 24.24 20.27
CA PHE D 386 -0.68 25.19 21.13
C PHE D 386 -1.44 26.51 21.19
N PRO D 387 -2.29 26.68 22.22
CA PRO D 387 -3.12 27.91 22.30
C PRO D 387 -2.41 29.17 22.82
N LEU D 388 -2.66 30.32 22.17
CA LEU D 388 -2.11 31.65 22.53
C LEU D 388 -3.25 32.68 22.65
N LEU D 389 -3.69 33.02 23.88
CA LEU D 389 -4.80 33.95 24.08
C LEU D 389 -4.45 35.37 23.63
N TYR D 390 -5.16 35.87 22.60
CA TYR D 390 -4.95 37.22 22.08
C TYR D 390 -5.72 38.17 22.98
N ARG D 391 -5.00 39.06 23.69
CA ARG D 391 -5.65 39.99 24.60
C ARG D 391 -5.80 41.42 24.02
N GLU D 392 -5.13 41.73 22.90
CA GLU D 392 -5.26 43.05 22.27
C GLU D 392 -6.69 43.32 21.79
N PRO D 393 -7.13 44.58 21.81
CA PRO D 393 -8.51 44.89 21.42
C PRO D 393 -8.81 44.77 19.93
N PRO D 394 -10.07 44.41 19.59
CA PRO D 394 -10.43 44.27 18.17
C PRO D 394 -10.27 45.56 17.37
N GLU D 395 -9.65 45.48 16.19
CA GLU D 395 -9.50 46.64 15.32
C GLU D 395 -10.82 46.95 14.61
N ALA D 396 -11.00 48.20 14.16
CA ALA D 396 -12.21 48.66 13.46
C ALA D 396 -12.49 47.85 12.20
N ILE D 397 -11.45 47.52 11.44
CA ILE D 397 -11.60 46.72 10.24
C ILE D 397 -11.21 45.27 10.59
N TRP D 398 -12.07 44.28 10.26
CA TRP D 398 -11.74 42.87 10.50
C TRP D 398 -10.62 42.43 9.55
N ALA D 399 -10.62 42.95 8.31
CA ALA D 399 -9.56 42.69 7.33
C ALA D 399 -8.18 43.29 7.75
N ASP D 400 -8.09 43.84 8.98
CA ASP D 400 -6.90 44.43 9.62
C ASP D 400 -6.61 43.63 10.92
N ASP D 401 -7.68 43.28 11.65
CA ASP D 401 -7.71 42.52 12.91
C ASP D 401 -7.03 41.16 12.71
N VAL D 402 -7.51 40.38 11.74
CA VAL D 402 -6.96 39.06 11.44
C VAL D 402 -5.47 39.14 11.08
N ASP D 403 -5.06 40.14 10.27
CA ASP D 403 -3.66 40.34 9.87
C ASP D 403 -2.73 40.65 11.04
N ARG D 404 -3.25 41.32 12.07
CA ARG D 404 -2.48 41.61 13.28
C ARG D 404 -2.48 40.33 14.17
N ARG D 405 -3.61 39.59 14.21
CA ARG D 405 -3.74 38.31 14.91
C ARG D 405 -2.79 37.23 14.36
N VAL D 406 -2.39 37.38 13.08
CA VAL D 406 -1.44 36.52 12.37
C VAL D 406 -0.05 36.77 12.96
N GLN D 407 0.38 38.03 13.02
CA GLN D 407 1.69 38.37 13.55
C GLN D 407 1.86 38.09 15.04
N PHE D 408 0.75 38.06 15.78
CA PHE D 408 0.75 37.77 17.20
C PHE D 408 1.24 36.35 17.47
N GLY D 409 0.74 35.40 16.66
CA GLY D 409 1.10 34.00 16.76
C GLY D 409 2.50 33.72 16.27
N ILE D 410 2.95 34.47 15.25
CA ILE D 410 4.29 34.36 14.67
C ILE D 410 5.33 34.76 15.71
N GLU D 411 5.13 35.90 16.40
CA GLU D 411 6.08 36.37 17.41
C GLU D 411 6.09 35.52 18.68
N SER D 412 5.02 34.75 18.94
CA SER D 412 5.00 33.81 20.06
C SER D 412 5.93 32.60 19.76
N GLY D 413 6.06 32.25 18.48
CA GLY D 413 6.93 31.18 18.02
C GLY D 413 8.36 31.64 17.97
N LYS D 414 8.59 32.88 17.55
CA LYS D 414 9.94 33.47 17.54
C LYS D 414 10.47 33.62 18.99
N LEU D 415 9.58 33.67 20.01
CA LEU D 415 9.96 33.76 21.41
C LEU D 415 10.12 32.36 22.03
N ARG D 416 9.13 31.46 21.77
CA ARG D 416 9.11 30.12 22.33
C ARG D 416 9.94 29.07 21.58
N GLY D 417 10.66 29.49 20.54
CA GLY D 417 11.54 28.61 19.77
C GLY D 417 10.91 27.83 18.63
N PHE D 418 9.58 27.90 18.50
CA PHE D 418 8.83 27.19 17.46
C PHE D 418 9.29 27.59 16.05
N LEU D 419 9.68 28.85 15.84
CA LEU D 419 10.05 29.32 14.51
C LEU D 419 11.35 30.12 14.45
N ARG D 420 12.03 30.03 13.30
CA ARG D 420 13.28 30.70 12.93
C ARG D 420 13.09 31.34 11.54
N VAL D 421 14.02 32.21 11.11
CA VAL D 421 13.91 32.85 9.79
C VAL D 421 13.98 31.79 8.68
N GLY D 422 13.09 31.90 7.69
CA GLY D 422 13.01 30.96 6.59
C GLY D 422 12.03 29.83 6.82
N ASP D 423 11.76 29.51 8.11
CA ASP D 423 10.86 28.43 8.54
C ASP D 423 9.42 28.70 8.13
N LEU D 424 9.03 28.27 6.91
CA LEU D 424 7.69 28.47 6.36
C LEU D 424 6.58 27.94 7.27
N VAL D 425 5.44 28.63 7.27
CA VAL D 425 4.27 28.27 8.07
C VAL D 425 3.00 28.26 7.22
N ILE D 426 2.04 27.45 7.63
CA ILE D 426 0.76 27.41 6.93
C ILE D 426 -0.19 28.23 7.79
N VAL D 427 -0.85 29.23 7.19
CA VAL D 427 -1.77 30.08 7.94
C VAL D 427 -3.22 29.82 7.55
N VAL D 428 -4.03 29.42 8.53
CA VAL D 428 -5.43 29.07 8.36
C VAL D 428 -6.39 30.13 8.93
N THR D 429 -7.17 30.77 8.04
CA THR D 429 -8.12 31.85 8.36
C THR D 429 -9.51 31.62 7.68
N GLY D 430 -10.46 32.55 7.86
CA GLY D 430 -11.77 32.48 7.25
C GLY D 430 -12.13 33.66 6.37
N TRP D 431 -13.31 33.61 5.71
CA TRP D 431 -13.84 34.66 4.82
C TRP D 431 -14.64 35.75 5.57
N ARG D 432 -15.18 35.40 6.73
CA ARG D 432 -15.93 36.33 7.58
C ARG D 432 -15.77 35.91 9.06
N PRO D 433 -15.91 36.85 10.01
CA PRO D 433 -15.74 36.49 11.43
C PRO D 433 -16.91 35.77 12.08
N GLY D 434 -16.59 34.80 12.94
CA GLY D 434 -17.59 34.06 13.68
C GLY D 434 -17.19 32.61 13.91
N SER D 435 -18.16 31.71 13.98
CA SER D 435 -17.89 30.30 14.17
C SER D 435 -18.18 29.45 12.92
N GLY D 436 -17.13 28.83 12.39
CA GLY D 436 -17.20 27.91 11.26
C GLY D 436 -17.04 28.48 9.87
N TYR D 437 -16.43 29.65 9.72
CA TYR D 437 -16.26 30.26 8.39
C TYR D 437 -14.84 30.16 7.87
N THR D 438 -14.07 29.17 8.34
CA THR D 438 -12.70 28.92 7.92
C THR D 438 -12.69 28.37 6.49
N ASN D 439 -11.87 28.94 5.60
CA ASN D 439 -11.80 28.50 4.20
C ASN D 439 -10.49 28.89 3.50
N ILE D 440 -9.52 29.44 4.23
CA ILE D 440 -8.28 29.91 3.60
C ILE D 440 -7.05 29.27 4.19
N MET D 441 -6.14 28.83 3.33
CA MET D 441 -4.84 28.35 3.76
C MET D 441 -3.80 29.08 2.91
N ARG D 442 -2.82 29.68 3.60
CA ARG D 442 -1.85 30.52 2.92
C ARG D 442 -0.42 30.25 3.42
N VAL D 443 0.49 30.03 2.47
CA VAL D 443 1.90 29.71 2.71
C VAL D 443 2.72 30.97 2.97
N LEU D 444 3.15 31.16 4.24
CA LEU D 444 3.89 32.33 4.71
C LEU D 444 5.35 32.00 5.01
N SER D 445 6.29 32.88 4.63
CA SER D 445 7.69 32.67 4.93
C SER D 445 8.10 33.53 6.12
N ILE D 446 8.75 32.94 7.15
CA ILE D 446 9.16 33.71 8.32
C ILE D 446 10.30 34.66 8.02
N SER D 447 10.09 35.96 8.34
CA SER D 447 11.01 37.08 8.14
C SER D 447 11.46 37.20 6.67
P1 FBP E . -2.05 -39.57 -11.96
O1P FBP E . -3.54 -39.59 -12.14
O2P FBP E . -1.39 -38.97 -13.21
O3P FBP E . -1.45 -40.98 -11.79
O1 FBP E . -1.53 -38.71 -10.67
C1 FBP E . -0.57 -37.61 -10.70
C2 FBP E . -1.17 -36.27 -10.11
O2 FBP E . -0.09 -35.44 -9.76
C3 FBP E . -2.18 -36.48 -8.96
O3 FBP E . -1.61 -36.85 -7.70
C4 FBP E . -2.90 -35.15 -9.00
O4 FBP E . -4.12 -35.22 -8.30
C5 FBP E . -3.17 -35.09 -10.50
O5 FBP E . -1.98 -35.60 -11.10
C6 FBP E . -3.48 -33.71 -11.04
O6 FBP E . -4.90 -33.62 -11.30
P2 FBP E . -5.57 -32.18 -11.56
O4P FBP E . -4.51 -31.20 -11.82
O5P FBP E . -6.43 -32.36 -12.77
O6P FBP E . -6.42 -31.79 -10.32
P1 FBP F . 16.79 -36.58 9.39
O1P FBP F . 18.11 -35.86 9.45
O2P FBP F . 15.98 -36.15 10.64
O3P FBP F . 16.91 -38.14 9.29
O1 FBP F . 15.96 -36.13 8.06
C1 FBP F . 14.73 -35.37 8.06
C2 FBP F . 14.97 -33.86 7.76
O2 FBP F . 13.73 -33.21 7.64
C3 FBP F . 15.88 -33.63 6.54
O3 FBP F . 15.26 -34.06 5.33
C4 FBP F . 16.22 -32.15 6.74
O4 FBP F . 17.35 -31.78 5.98
C5 FBP F . 16.51 -32.14 8.24
O5 FBP F . 15.76 -33.25 8.78
C6 FBP F . 16.14 -30.87 8.97
O6 FBP F . 17.30 -30.33 9.63
P2 FBP F . 17.57 -28.72 9.65
O4P FBP F . 16.41 -28.03 10.27
O5P FBP F . 18.87 -28.60 10.43
O6P FBP F . 17.83 -28.21 8.22
C1 A1JB2 G . -1.61 4.58 -13.01
C2 A1JB2 G . -2.81 4.40 -13.87
C3 A1JB2 G . -2.82 3.44 -14.88
C8 A1JB2 G . 0.53 5.68 -12.70
C4 A1JB2 G . -4.01 3.11 -15.51
C5 A1JB2 G . -5.17 3.77 -15.11
C6 A1JB2 G . -4.02 5.04 -13.59
C7 A1JB2 G . -0.60 5.43 -13.45
C10 A1JB2 G . -0.33 4.25 -10.95
O6 A1JB2 G . -3.71 2.70 -11.98
S A1JB2 G . -2.55 2.70 -11.16
O A1JB2 G . -2.67 2.89 -9.75
N1 A1JB2 G . -1.81 1.26 -11.39
C22 A1JB2 G . -2.16 0.51 -12.61
C21 A1JB2 G . -1.07 -0.53 -12.88
N2 A1JB2 G . -0.90 -1.38 -11.69
S1 A1JB2 G . -0.14 -2.81 -11.90
O4 A1JB2 G . 0.46 -3.16 -10.65
O5 A1JB2 G . 0.67 -2.69 -13.07
C13 A1JB2 G . -1.41 -4.01 -12.25
C20 A1JB2 G . -2.18 -4.58 -11.22
N5 A1JB2 G . -2.18 -4.45 -9.88
O3 A1JB2 G . -3.17 -5.22 -9.44
N4 A1JB2 G . -3.81 -5.82 -10.41
C19 A1JB2 G . -3.23 -5.46 -11.58
C16 A1JB2 G . -3.46 -5.80 -12.93
N3 A1JB2 G . -4.49 -6.77 -13.23
C18 A1JB2 G . -5.42 -6.51 -14.31
C17 A1JB2 G . -5.01 -7.66 -12.20
C15 A1JB2 G . -2.65 -5.23 -13.92
C14 A1JB2 G . -1.64 -4.35 -13.58
C12 A1JB2 G . -0.57 -0.61 -10.47
C11 A1JB2 G . -1.67 0.39 -10.21
C A1JB2 G . -1.44 3.96 -11.75
C9 A1JB2 G . 0.65 5.11 -11.42
O2 A1JB2 G . 1.70 5.39 -10.61
O1 A1JB2 G . 1.53 6.44 -13.21
N A1JB2 G . -5.18 4.73 -14.18
H A1JB2 G . -1.90 2.95 -15.17
H1 A1JB2 G . -4.04 2.36 -16.31
H2 A1JB2 G . -6.13 3.54 -15.55
H3 A1JB2 G . -4.07 5.85 -12.88
H4 A1JB2 G . -0.70 5.91 -14.44
H7 A1JB2 G . -0.21 3.79 -9.97
H22 A1JB2 G . -3.11 0.00 -12.47
H23 A1JB2 G . -2.29 1.15 -13.48
H20 A1JB2 G . -1.36 -1.12 -13.74
H21 A1JB2 G . -0.13 -0.04 -13.16
H19 A1JB2 G . -5.35 -5.49 -14.67
H17 A1JB2 G . -6.45 -6.60 -13.97
H18 A1JB2 G . -5.33 -7.18 -15.17
H14 A1JB2 G . -4.23 -8.24 -11.71
H15 A1JB2 G . -5.74 -8.39 -12.53
H16 A1JB2 G . -5.52 -7.07 -11.44
H13 A1JB2 G . -2.77 -5.45 -14.98
H12 A1JB2 G . -1.06 -3.91 -14.39
H10 A1JB2 G . -0.43 -1.23 -9.60
H11 A1JB2 G . 0.38 -0.08 -10.60
H8 A1JB2 G . -2.60 -0.13 -10.01
H9 A1JB2 G . -1.42 0.94 -9.31
H6 A1JB2 G . 2.22 4.54 -10.54
H5 A1JB2 G . 1.29 6.79 -14.11
P1 FBP H . -0.57 39.31 -12.28
O1P FBP H . 0.85 39.64 -12.65
O2P FBP H . -1.38 38.77 -13.48
O3P FBP H . -1.35 40.50 -11.67
O1 FBP H . -0.58 38.17 -11.11
C1 FBP H . -1.70 37.74 -10.31
C2 FBP H . -1.31 36.37 -9.66
O2 FBP H . -2.44 35.82 -9.03
C3 FBP H . -0.12 36.52 -8.68
O3 FBP H . -0.49 36.91 -7.36
C4 FBP H . 0.59 35.19 -8.83
O4 FBP H . 1.95 35.33 -8.49
C5 FBP H . 0.47 35.02 -10.34
O5 FBP H . -0.85 35.47 -10.66
C6 FBP H . 0.70 33.62 -10.87
O6 FBP H . 1.61 33.66 -12.00
P2 FBP H . 2.38 32.32 -12.46
O4P FBP H . 1.45 31.39 -13.13
O5P FBP H . 3.50 32.74 -13.40
O6P FBP H . 3.00 31.74 -11.17
P1 FBP I . -13.33 35.83 14.49
O1P FBP I . -14.77 35.94 14.88
O2P FBP I . -12.43 35.57 15.72
O3P FBP I . -12.78 37.07 13.74
O1 FBP I . -13.08 34.55 13.49
C1 FBP I . -11.96 34.40 12.59
C2 FBP I . -12.07 33.06 11.77
O2 FBP I . -11.09 33.11 10.77
C3 FBP I . -13.49 32.82 11.23
O3 FBP I . -13.71 33.13 9.86
C4 FBP I . -13.82 31.38 11.64
O4 FBP I . -15.21 31.22 11.87
C5 FBP I . -13.02 31.26 12.93
O5 FBP I . -11.80 31.94 12.63
C6 FBP I . -12.74 29.86 13.42
O6 FBP I . -13.95 29.35 14.01
P2 FBP I . -14.07 27.84 14.58
O4P FBP I . -12.87 27.54 15.40
O5P FBP I . -15.37 27.74 15.37
O6P FBP I . -14.21 26.92 13.36
C1 A1JB2 J . 3.86 -4.38 12.84
C2 A1JB2 J . 2.99 -4.62 14.02
C3 A1JB2 J . 2.32 -5.83 14.20
C8 A1JB2 J . 6.06 -4.66 11.86
C4 A1JB2 J . 1.32 -5.93 15.15
C5 A1JB2 J . 1.01 -4.82 15.91
C6 A1JB2 J . 2.65 -3.58 14.88
C7 A1JB2 J . 5.19 -4.79 12.93
C10 A1JB2 J . 4.28 -3.73 10.53
O6 A1JB2 J . 1.01 -3.47 12.57
S A1JB2 J . 1.81 -3.10 11.46
O A1JB2 J . 1.37 -3.40 10.13
N1 A1JB2 J . 1.99 -1.48 11.52
C22 A1JB2 J . 1.73 -0.83 12.82
C21 A1JB2 J . 2.40 0.54 12.84
N2 A1JB2 J . 1.92 1.34 11.69
S1 A1JB2 J . 2.13 2.96 11.77
O4 A1JB2 J . 2.21 3.44 10.42
O5 A1JB2 J . 3.22 3.19 12.67
C13 A1JB2 J . 0.66 3.63 12.49
C20 A1JB2 J . -0.51 3.84 11.74
N5 A1JB2 J . -0.81 3.67 10.44
O3 A1JB2 J . -2.10 4.02 10.29
N4 A1JB2 J . -2.62 4.40 11.44
C19 A1JB2 J . -1.66 4.31 12.40
C16 A1JB2 J . -1.64 4.59 13.78
N3 A1JB2 J . -2.81 5.16 14.40
C18 A1JB2 J . -4.03 4.38 14.50
C17 A1JB2 J . -2.70 6.29 15.31
C15 A1JB2 J . -0.47 4.37 14.50
C14 A1JB2 J . 0.67 3.90 13.85
C12 A1JB2 J . 2.18 0.68 10.40
C11 A1JB2 J . 1.50 -0.68 10.39
C A1JB2 J . 3.42 -3.82 11.62
C9 A1JB2 J . 5.59 -4.16 10.64
O2 A1JB2 J . 6.41 -4.06 9.55
O1 A1JB2 J . 7.36 -5.01 12.04
N A1JB2 J . 1.66 -3.65 15.80
H A1JB2 J . 2.58 -6.70 13.59
H1 A1JB2 J . 0.79 -6.88 15.29
H2 A1JB2 J . 0.22 -4.84 16.66
H3 A1JB2 J . 3.23 -2.66 14.90
H4 A1JB2 J . 5.55 -5.24 13.86
H7 A1JB2 J . 3.95 -3.30 9.58
H22 A1JB2 J . 0.66 -0.71 12.97
H23 A1JB2 J . 2.09 -1.42 13.66
H20 A1JB2 J . 2.14 1.04 13.78
H21 A1JB2 J . 3.49 0.44 12.83
H19 A1JB2 J . -4.85 4.87 13.99
H17 A1JB2 J . -4.33 4.31 15.55
H18 A1JB2 J . -3.95 3.36 14.13
H14 A1JB2 J . -3.65 6.71 15.60
H15 A1JB2 J . -2.12 7.15 14.96
H16 A1JB2 J . -2.21 5.95 16.23
H13 A1JB2 J . -0.38 4.55 15.57
H12 A1JB2 J . 1.57 3.75 14.46
H10 A1JB2 J . 1.83 1.26 9.55
H11 A1JB2 J . 3.24 0.53 10.24
H8 A1JB2 J . 0.42 -0.54 10.47
H9 A1JB2 J . 1.66 -1.14 9.42
H6 A1JB2 J . 6.57 -3.09 9.43
H5 A1JB2 J . 7.88 -4.83 11.22
#